data_7Z9N
# 
_entry.id   7Z9N 
# 
_audit_conform.dict_name       mmcif_pdbx.dic 
_audit_conform.dict_version    5.384 
_audit_conform.dict_location   http://mmcif.pdb.org/dictionaries/ascii/mmcif_pdbx.dic 
# 
loop_
_database_2.database_id 
_database_2.database_code 
_database_2.pdbx_database_accession 
_database_2.pdbx_DOI 
PDB   7Z9N         pdb_00007z9n 10.2210/pdb7z9n/pdb 
WWPDB D_1292121840 ?            ?                   
# 
loop_
_pdbx_audit_revision_history.ordinal 
_pdbx_audit_revision_history.data_content_type 
_pdbx_audit_revision_history.major_revision 
_pdbx_audit_revision_history.minor_revision 
_pdbx_audit_revision_history.revision_date 
1 'Structure model' 1 0 2022-11-23 
2 'Structure model' 1 1 2022-12-07 
3 'Structure model' 1 2 2024-01-31 
# 
_pdbx_audit_revision_details.ordinal             1 
_pdbx_audit_revision_details.revision_ordinal    1 
_pdbx_audit_revision_details.data_content_type   'Structure model' 
_pdbx_audit_revision_details.provider            repository 
_pdbx_audit_revision_details.type                'Initial release' 
_pdbx_audit_revision_details.description         ? 
_pdbx_audit_revision_details.details             ? 
# 
loop_
_pdbx_audit_revision_group.ordinal 
_pdbx_audit_revision_group.revision_ordinal 
_pdbx_audit_revision_group.data_content_type 
_pdbx_audit_revision_group.group 
1 2 'Structure model' 'Database references'    
2 3 'Structure model' 'Data collection'        
3 3 'Structure model' 'Refinement description' 
# 
loop_
_pdbx_audit_revision_category.ordinal 
_pdbx_audit_revision_category.revision_ordinal 
_pdbx_audit_revision_category.data_content_type 
_pdbx_audit_revision_category.category 
1 2 'Structure model' citation                      
2 2 'Structure model' citation_author               
3 3 'Structure model' chem_comp_atom                
4 3 'Structure model' chem_comp_bond                
5 3 'Structure model' pdbx_initial_refinement_model 
# 
loop_
_pdbx_audit_revision_item.ordinal 
_pdbx_audit_revision_item.revision_ordinal 
_pdbx_audit_revision_item.data_content_type 
_pdbx_audit_revision_item.item 
1 2 'Structure model' '_citation.journal_volume'          
2 2 'Structure model' '_citation.page_first'              
3 2 'Structure model' '_citation.page_last'               
4 2 'Structure model' '_citation_author.identifier_ORCID' 
# 
_pdbx_database_status.status_code                     REL 
_pdbx_database_status.status_code_sf                  REL 
_pdbx_database_status.status_code_mr                  ? 
_pdbx_database_status.entry_id                        7Z9N 
_pdbx_database_status.recvd_initial_deposition_date   2022-03-21 
_pdbx_database_status.SG_entry                        N 
_pdbx_database_status.deposit_site                    PDBE 
_pdbx_database_status.process_site                    PDBE 
_pdbx_database_status.status_code_cs                  ? 
_pdbx_database_status.status_code_nmr_data            ? 
_pdbx_database_status.methods_development_category    ? 
_pdbx_database_status.pdb_format_compatible           N 
# 
_pdbx_contact_author.id                 2 
_pdbx_contact_author.email              martin.noble@ncl.ac.uk 
_pdbx_contact_author.name_first         Martin 
_pdbx_contact_author.name_last          Noble 
_pdbx_contact_author.name_mi            E.M 
_pdbx_contact_author.role               'principal investigator/group leader' 
_pdbx_contact_author.identifier_ORCID   0000-0002-3595-9807 
# 
loop_
_audit_author.name 
_audit_author.pdbx_ordinal 
_audit_author.identifier_ORCID 
'Turberville, S.' 1 0000-0003-2173-9675 
'Martin, M.P.'    2 0000-0003-4810-3351 
'Hope, I.'        3 ?                   
'Noble, M.E.M.'   4 0000-0002-3595-9807 
# 
_citation.abstract                  ? 
_citation.abstract_id_CAS           ? 
_citation.book_id_ISBN              ? 
_citation.book_publisher            ? 
_citation.book_publisher_city       ? 
_citation.book_title                ? 
_citation.coordinate_linkage        ? 
_citation.country                   US 
_citation.database_id_Medline       ? 
_citation.details                   ? 
_citation.id                        primary 
_citation.journal_abbrev            J.Med.Chem. 
_citation.journal_id_ASTM           JMCMAR 
_citation.journal_id_CSD            0151 
_citation.journal_id_ISSN           0022-2623 
_citation.journal_full              ? 
_citation.journal_issue             ? 
_citation.journal_volume            65 
_citation.language                  ? 
_citation.page_first                15416 
_citation.page_last                 15432 
_citation.title                     
;Mapping Ligand Interactions of Bromodomains BRD4 and ATAD2 with FragLites and PepLites&#9472;Halogenated Probes of Druglike and Peptide-like Molecular Interactions.
;
_citation.year                      2022 
_citation.database_id_CSD           ? 
_citation.pdbx_database_id_DOI      10.1021/acs.jmedchem.2c01357 
_citation.pdbx_database_id_PubMed   36367089 
_citation.pdbx_database_id_patent   ? 
_citation.unpublished_flag          ? 
# 
loop_
_citation_author.citation_id 
_citation_author.name 
_citation_author.ordinal 
_citation_author.identifier_ORCID 
primary 'Davison, G.'       1  ? 
primary 'Martin, M.P.'      2  ? 
primary 'Turberville, S.'   3  ? 
primary 'Dormen, S.'        4  ? 
primary 'Heath, R.'         5  ? 
primary 'Heptinstall, A.B.' 6  ? 
primary 'Lawson, M.'        7  ? 
primary 'Miller, D.C.'      8  ? 
primary 'Ng, Y.M.'          9  ? 
primary 'Sanderson, J.N.'   10 ? 
primary 'Hope, I.'          11 ? 
primary 'Wood, D.J.'        12 ? 
primary 'Cano, C.'          13 ? 
primary 'Endicott, J.A.'    14 ? 
primary 'Hardcastle, I.R.'  15 ? 
primary 'Noble, M.E.M.'     16 ? 
primary 'Waring, M.J.'      17 ? 
# 
loop_
_entity.id 
_entity.type 
_entity.src_method 
_entity.pdbx_description 
_entity.formula_weight 
_entity.pdbx_number_of_molecules 
_entity.pdbx_ec 
_entity.pdbx_mutation 
_entity.pdbx_fragment 
_entity.details 
1 polymer     man 'ATPase family AAA domain-containing protein 2'                   15453.514 1   3.6.1.3 ? bromodomain ? 
2 non-polymer syn 'SULFATE ION'                                                     96.063    2   ?       ? ?           ? 
3 non-polymer syn 'CHLORIDE ION'                                                    35.453    1   ?       ? ?           ? 
4 non-polymer syn '(2~{S})-2-acetamido-~{N}-(3-bromanylpropyl)-3-methyl-butanamide' 279.174   1   ?       ? ?           ? 
5 non-polymer syn 1,2-ETHANEDIOL                                                    62.068    2   ?       ? ?           ? 
6 water       nat water                                                             18.015    183 ?       ? ?           ? 
# 
_entity_name_com.entity_id   1 
_entity_name_com.name        'AAA nuclear coregulator cancer-associated protein,ANCCA' 
# 
_entity_poly.entity_id                      1 
_entity_poly.type                           'polypeptide(L)' 
_entity_poly.nstd_linkage                   no 
_entity_poly.nstd_monomer                   no 
_entity_poly.pdbx_seq_one_letter_code       
;SMQEEDTFRELRIFLRNVTHRLAIDKRFRVFTKPVDPDEVPDYVTVIKQPMDLSSVISKIDLHKYLTVKDYLRDIDLICS
NALEYNPDRDPGDRLIRHRACALRDTAYAIIKEELDEDFEQLCEEIQESR
;
_entity_poly.pdbx_seq_one_letter_code_can   
;SMQEEDTFRELRIFLRNVTHRLAIDKRFRVFTKPVDPDEVPDYVTVIKQPMDLSSVISKIDLHKYLTVKDYLRDIDLICS
NALEYNPDRDPGDRLIRHRACALRDTAYAIIKEELDEDFEQLCEEIQESR
;
_entity_poly.pdbx_strand_id                 AAA 
_entity_poly.pdbx_target_identifier         ? 
# 
loop_
_pdbx_entity_nonpoly.entity_id 
_pdbx_entity_nonpoly.name 
_pdbx_entity_nonpoly.comp_id 
2 'SULFATE ION'                                                     SO4 
3 'CHLORIDE ION'                                                    CL  
4 '(2~{S})-2-acetamido-~{N}-(3-bromanylpropyl)-3-methyl-butanamide' IJ3 
5 1,2-ETHANEDIOL                                                    EDO 
6 water                                                             HOH 
# 
loop_
_entity_poly_seq.entity_id 
_entity_poly_seq.num 
_entity_poly_seq.mon_id 
_entity_poly_seq.hetero 
1 1   SER n 
1 2   MET n 
1 3   GLN n 
1 4   GLU n 
1 5   GLU n 
1 6   ASP n 
1 7   THR n 
1 8   PHE n 
1 9   ARG n 
1 10  GLU n 
1 11  LEU n 
1 12  ARG n 
1 13  ILE n 
1 14  PHE n 
1 15  LEU n 
1 16  ARG n 
1 17  ASN n 
1 18  VAL n 
1 19  THR n 
1 20  HIS n 
1 21  ARG n 
1 22  LEU n 
1 23  ALA n 
1 24  ILE n 
1 25  ASP n 
1 26  LYS n 
1 27  ARG n 
1 28  PHE n 
1 29  ARG n 
1 30  VAL n 
1 31  PHE n 
1 32  THR n 
1 33  LYS n 
1 34  PRO n 
1 35  VAL n 
1 36  ASP n 
1 37  PRO n 
1 38  ASP n 
1 39  GLU n 
1 40  VAL n 
1 41  PRO n 
1 42  ASP n 
1 43  TYR n 
1 44  VAL n 
1 45  THR n 
1 46  VAL n 
1 47  ILE n 
1 48  LYS n 
1 49  GLN n 
1 50  PRO n 
1 51  MET n 
1 52  ASP n 
1 53  LEU n 
1 54  SER n 
1 55  SER n 
1 56  VAL n 
1 57  ILE n 
1 58  SER n 
1 59  LYS n 
1 60  ILE n 
1 61  ASP n 
1 62  LEU n 
1 63  HIS n 
1 64  LYS n 
1 65  TYR n 
1 66  LEU n 
1 67  THR n 
1 68  VAL n 
1 69  LYS n 
1 70  ASP n 
1 71  TYR n 
1 72  LEU n 
1 73  ARG n 
1 74  ASP n 
1 75  ILE n 
1 76  ASP n 
1 77  LEU n 
1 78  ILE n 
1 79  CYS n 
1 80  SER n 
1 81  ASN n 
1 82  ALA n 
1 83  LEU n 
1 84  GLU n 
1 85  TYR n 
1 86  ASN n 
1 87  PRO n 
1 88  ASP n 
1 89  ARG n 
1 90  ASP n 
1 91  PRO n 
1 92  GLY n 
1 93  ASP n 
1 94  ARG n 
1 95  LEU n 
1 96  ILE n 
1 97  ARG n 
1 98  HIS n 
1 99  ARG n 
1 100 ALA n 
1 101 CYS n 
1 102 ALA n 
1 103 LEU n 
1 104 ARG n 
1 105 ASP n 
1 106 THR n 
1 107 ALA n 
1 108 TYR n 
1 109 ALA n 
1 110 ILE n 
1 111 ILE n 
1 112 LYS n 
1 113 GLU n 
1 114 GLU n 
1 115 LEU n 
1 116 ASP n 
1 117 GLU n 
1 118 ASP n 
1 119 PHE n 
1 120 GLU n 
1 121 GLN n 
1 122 LEU n 
1 123 CYS n 
1 124 GLU n 
1 125 GLU n 
1 126 ILE n 
1 127 GLN n 
1 128 GLU n 
1 129 SER n 
1 130 ARG n 
# 
_entity_src_gen.entity_id                          1 
_entity_src_gen.pdbx_src_id                        1 
_entity_src_gen.pdbx_alt_source_flag               sample 
_entity_src_gen.pdbx_seq_type                      'Biological sequence' 
_entity_src_gen.pdbx_beg_seq_num                   1 
_entity_src_gen.pdbx_end_seq_num                   130 
_entity_src_gen.gene_src_common_name               human 
_entity_src_gen.gene_src_genus                     ? 
_entity_src_gen.pdbx_gene_src_gene                 'ATAD2, L16, PRO2000' 
_entity_src_gen.gene_src_species                   ? 
_entity_src_gen.gene_src_strain                    ? 
_entity_src_gen.gene_src_tissue                    ? 
_entity_src_gen.gene_src_tissue_fraction           ? 
_entity_src_gen.gene_src_details                   ? 
_entity_src_gen.pdbx_gene_src_fragment             ? 
_entity_src_gen.pdbx_gene_src_scientific_name      'Homo sapiens' 
_entity_src_gen.pdbx_gene_src_ncbi_taxonomy_id     9606 
_entity_src_gen.pdbx_gene_src_variant              ? 
_entity_src_gen.pdbx_gene_src_cell_line            ? 
_entity_src_gen.pdbx_gene_src_atcc                 ? 
_entity_src_gen.pdbx_gene_src_organ                ? 
_entity_src_gen.pdbx_gene_src_organelle            ? 
_entity_src_gen.pdbx_gene_src_cell                 ? 
_entity_src_gen.pdbx_gene_src_cellular_location    ? 
_entity_src_gen.host_org_common_name               ? 
_entity_src_gen.pdbx_host_org_scientific_name      'Escherichia coli BL21(DE3)' 
_entity_src_gen.pdbx_host_org_ncbi_taxonomy_id     469008 
_entity_src_gen.host_org_genus                     ? 
_entity_src_gen.pdbx_host_org_gene                 ? 
_entity_src_gen.pdbx_host_org_organ                ? 
_entity_src_gen.host_org_species                   ? 
_entity_src_gen.pdbx_host_org_tissue               ? 
_entity_src_gen.pdbx_host_org_tissue_fraction      ? 
_entity_src_gen.pdbx_host_org_strain               ? 
_entity_src_gen.pdbx_host_org_variant              ? 
_entity_src_gen.pdbx_host_org_cell_line            ? 
_entity_src_gen.pdbx_host_org_atcc                 ? 
_entity_src_gen.pdbx_host_org_culture_collection   ? 
_entity_src_gen.pdbx_host_org_cell                 ? 
_entity_src_gen.pdbx_host_org_organelle            ? 
_entity_src_gen.pdbx_host_org_cellular_location    ? 
_entity_src_gen.pdbx_host_org_vector_type          ? 
_entity_src_gen.pdbx_host_org_vector               ? 
_entity_src_gen.host_org_details                   ? 
_entity_src_gen.expression_system_id               ? 
_entity_src_gen.plasmid_name                       pET28b 
_entity_src_gen.plasmid_details                    ? 
_entity_src_gen.pdbx_description                   ? 
# 
loop_
_chem_comp.id 
_chem_comp.type 
_chem_comp.mon_nstd_flag 
_chem_comp.name 
_chem_comp.pdbx_synonyms 
_chem_comp.formula 
_chem_comp.formula_weight 
ALA 'L-peptide linking' y ALANINE                                                           ?                 'C3 H7 N O2'       
89.093  
ARG 'L-peptide linking' y ARGININE                                                          ?                 'C6 H15 N4 O2 1'   
175.209 
ASN 'L-peptide linking' y ASPARAGINE                                                        ?                 'C4 H8 N2 O3'      
132.118 
ASP 'L-peptide linking' y 'ASPARTIC ACID'                                                   ?                 'C4 H7 N O4'       
133.103 
CL  non-polymer         . 'CHLORIDE ION'                                                    ?                 'Cl -1'            
35.453  
CYS 'L-peptide linking' y CYSTEINE                                                          ?                 'C3 H7 N O2 S'     
121.158 
EDO non-polymer         . 1,2-ETHANEDIOL                                                    'ETHYLENE GLYCOL' 'C2 H6 O2'         
62.068  
GLN 'L-peptide linking' y GLUTAMINE                                                         ?                 'C5 H10 N2 O3'     
146.144 
GLU 'L-peptide linking' y 'GLUTAMIC ACID'                                                   ?                 'C5 H9 N O4'       
147.129 
GLY 'peptide linking'   y GLYCINE                                                           ?                 'C2 H5 N O2'       
75.067  
HIS 'L-peptide linking' y HISTIDINE                                                         ?                 'C6 H10 N3 O2 1'   
156.162 
HOH non-polymer         . WATER                                                             ?                 'H2 O'             
18.015  
IJ3 non-polymer         . '(2~{S})-2-acetamido-~{N}-(3-bromanylpropyl)-3-methyl-butanamide' ?                 'C10 H19 Br N2 O2' 
279.174 
ILE 'L-peptide linking' y ISOLEUCINE                                                        ?                 'C6 H13 N O2'      
131.173 
LEU 'L-peptide linking' y LEUCINE                                                           ?                 'C6 H13 N O2'      
131.173 
LYS 'L-peptide linking' y LYSINE                                                            ?                 'C6 H15 N2 O2 1'   
147.195 
MET 'L-peptide linking' y METHIONINE                                                        ?                 'C5 H11 N O2 S'    
149.211 
PHE 'L-peptide linking' y PHENYLALANINE                                                     ?                 'C9 H11 N O2'      
165.189 
PRO 'L-peptide linking' y PROLINE                                                           ?                 'C5 H9 N O2'       
115.130 
SER 'L-peptide linking' y SERINE                                                            ?                 'C3 H7 N O3'       
105.093 
SO4 non-polymer         . 'SULFATE ION'                                                     ?                 'O4 S -2'          
96.063  
THR 'L-peptide linking' y THREONINE                                                         ?                 'C4 H9 N O3'       
119.119 
TYR 'L-peptide linking' y TYROSINE                                                          ?                 'C9 H11 N O3'      
181.189 
VAL 'L-peptide linking' y VALINE                                                            ?                 'C5 H11 N O2'      
117.146 
# 
loop_
_pdbx_poly_seq_scheme.asym_id 
_pdbx_poly_seq_scheme.entity_id 
_pdbx_poly_seq_scheme.seq_id 
_pdbx_poly_seq_scheme.mon_id 
_pdbx_poly_seq_scheme.ndb_seq_num 
_pdbx_poly_seq_scheme.pdb_seq_num 
_pdbx_poly_seq_scheme.auth_seq_num 
_pdbx_poly_seq_scheme.pdb_mon_id 
_pdbx_poly_seq_scheme.auth_mon_id 
_pdbx_poly_seq_scheme.pdb_strand_id 
_pdbx_poly_seq_scheme.pdb_ins_code 
_pdbx_poly_seq_scheme.hetero 
A 1 1   SER 1   979  979  SER SER AAA . n 
A 1 2   MET 2   980  980  MET MET AAA . n 
A 1 3   GLN 3   981  981  GLN GLN AAA . n 
A 1 4   GLU 4   982  982  GLU GLU AAA . n 
A 1 5   GLU 5   983  983  GLU GLU AAA . n 
A 1 6   ASP 6   984  984  ASP ASP AAA . n 
A 1 7   THR 7   985  985  THR THR AAA . n 
A 1 8   PHE 8   986  986  PHE PHE AAA . n 
A 1 9   ARG 9   987  987  ARG ARG AAA . n 
A 1 10  GLU 10  988  988  GLU GLU AAA . n 
A 1 11  LEU 11  989  989  LEU LEU AAA . n 
A 1 12  ARG 12  990  990  ARG ARG AAA . n 
A 1 13  ILE 13  991  991  ILE ILE AAA . n 
A 1 14  PHE 14  992  992  PHE PHE AAA . n 
A 1 15  LEU 15  993  993  LEU LEU AAA . n 
A 1 16  ARG 16  994  994  ARG ARG AAA . n 
A 1 17  ASN 17  995  995  ASN ASN AAA . n 
A 1 18  VAL 18  996  996  VAL VAL AAA . n 
A 1 19  THR 19  997  997  THR THR AAA . n 
A 1 20  HIS 20  998  998  HIS HIS AAA . n 
A 1 21  ARG 21  999  999  ARG ARG AAA . n 
A 1 22  LEU 22  1000 1000 LEU LEU AAA . n 
A 1 23  ALA 23  1001 1001 ALA ALA AAA . n 
A 1 24  ILE 24  1002 1002 ILE ILE AAA . n 
A 1 25  ASP 25  1003 1003 ASP ASP AAA . n 
A 1 26  LYS 26  1004 1004 LYS LYS AAA . n 
A 1 27  ARG 27  1005 1005 ARG ARG AAA . n 
A 1 28  PHE 28  1006 1006 PHE PHE AAA . n 
A 1 29  ARG 29  1007 1007 ARG ARG AAA . n 
A 1 30  VAL 30  1008 1008 VAL VAL AAA . n 
A 1 31  PHE 31  1009 1009 PHE PHE AAA . n 
A 1 32  THR 32  1010 1010 THR THR AAA . n 
A 1 33  LYS 33  1011 1011 LYS LYS AAA . n 
A 1 34  PRO 34  1012 1012 PRO PRO AAA . n 
A 1 35  VAL 35  1013 1013 VAL VAL AAA . n 
A 1 36  ASP 36  1014 1014 ASP ASP AAA . n 
A 1 37  PRO 37  1015 1015 PRO PRO AAA . n 
A 1 38  ASP 38  1016 1016 ASP ASP AAA . n 
A 1 39  GLU 39  1017 1017 GLU GLU AAA . n 
A 1 40  VAL 40  1018 1018 VAL VAL AAA . n 
A 1 41  PRO 41  1019 1019 PRO PRO AAA . n 
A 1 42  ASP 42  1020 1020 ASP ASP AAA . n 
A 1 43  TYR 43  1021 1021 TYR TYR AAA . n 
A 1 44  VAL 44  1022 1022 VAL VAL AAA . n 
A 1 45  THR 45  1023 1023 THR THR AAA . n 
A 1 46  VAL 46  1024 1024 VAL VAL AAA . n 
A 1 47  ILE 47  1025 1025 ILE ILE AAA . n 
A 1 48  LYS 48  1026 1026 LYS LYS AAA . n 
A 1 49  GLN 49  1027 1027 GLN GLN AAA . n 
A 1 50  PRO 50  1028 1028 PRO PRO AAA . n 
A 1 51  MET 51  1029 1029 MET MET AAA . n 
A 1 52  ASP 52  1030 1030 ASP ASP AAA . n 
A 1 53  LEU 53  1031 1031 LEU LEU AAA . n 
A 1 54  SER 54  1032 1032 SER SER AAA . n 
A 1 55  SER 55  1033 1033 SER SER AAA . n 
A 1 56  VAL 56  1034 1034 VAL VAL AAA . n 
A 1 57  ILE 57  1035 1035 ILE ILE AAA . n 
A 1 58  SER 58  1036 1036 SER SER AAA . n 
A 1 59  LYS 59  1037 1037 LYS LYS AAA . n 
A 1 60  ILE 60  1038 1038 ILE ILE AAA . n 
A 1 61  ASP 61  1039 1039 ASP ASP AAA . n 
A 1 62  LEU 62  1040 1040 LEU LEU AAA . n 
A 1 63  HIS 63  1041 1041 HIS HIS AAA . n 
A 1 64  LYS 64  1042 1042 LYS LYS AAA . n 
A 1 65  TYR 65  1043 1043 TYR TYR AAA . n 
A 1 66  LEU 66  1044 1044 LEU LEU AAA . n 
A 1 67  THR 67  1045 1045 THR THR AAA . n 
A 1 68  VAL 68  1046 1046 VAL VAL AAA . n 
A 1 69  LYS 69  1047 1047 LYS LYS AAA . n 
A 1 70  ASP 70  1048 1048 ASP ASP AAA . n 
A 1 71  TYR 71  1049 1049 TYR TYR AAA . n 
A 1 72  LEU 72  1050 1050 LEU LEU AAA . n 
A 1 73  ARG 73  1051 1051 ARG ARG AAA . n 
A 1 74  ASP 74  1052 1052 ASP ASP AAA . n 
A 1 75  ILE 75  1053 1053 ILE ILE AAA . n 
A 1 76  ASP 76  1054 1054 ASP ASP AAA . n 
A 1 77  LEU 77  1055 1055 LEU LEU AAA . n 
A 1 78  ILE 78  1056 1056 ILE ILE AAA . n 
A 1 79  CYS 79  1057 1057 CYS CYS AAA . n 
A 1 80  SER 80  1058 1058 SER SER AAA . n 
A 1 81  ASN 81  1059 1059 ASN ASN AAA . n 
A 1 82  ALA 82  1060 1060 ALA ALA AAA . n 
A 1 83  LEU 83  1061 1061 LEU LEU AAA . n 
A 1 84  GLU 84  1062 1062 GLU GLU AAA . n 
A 1 85  TYR 85  1063 1063 TYR TYR AAA . n 
A 1 86  ASN 86  1064 1064 ASN ASN AAA . n 
A 1 87  PRO 87  1065 1065 PRO PRO AAA . n 
A 1 88  ASP 88  1066 1066 ASP ASP AAA . n 
A 1 89  ARG 89  1067 1067 ARG ARG AAA . n 
A 1 90  ASP 90  1068 1068 ASP ASP AAA . n 
A 1 91  PRO 91  1069 1069 PRO PRO AAA . n 
A 1 92  GLY 92  1070 1070 GLY GLY AAA . n 
A 1 93  ASP 93  1071 1071 ASP ASP AAA . n 
A 1 94  ARG 94  1072 1072 ARG ARG AAA . n 
A 1 95  LEU 95  1073 1073 LEU LEU AAA . n 
A 1 96  ILE 96  1074 1074 ILE ILE AAA . n 
A 1 97  ARG 97  1075 1075 ARG ARG AAA . n 
A 1 98  HIS 98  1076 1076 HIS HIS AAA . n 
A 1 99  ARG 99  1077 1077 ARG ARG AAA . n 
A 1 100 ALA 100 1078 1078 ALA ALA AAA . n 
A 1 101 CYS 101 1079 1079 CYS CYS AAA . n 
A 1 102 ALA 102 1080 1080 ALA ALA AAA . n 
A 1 103 LEU 103 1081 1081 LEU LEU AAA . n 
A 1 104 ARG 104 1082 1082 ARG ARG AAA . n 
A 1 105 ASP 105 1083 1083 ASP ASP AAA . n 
A 1 106 THR 106 1084 1084 THR THR AAA . n 
A 1 107 ALA 107 1085 1085 ALA ALA AAA . n 
A 1 108 TYR 108 1086 1086 TYR TYR AAA . n 
A 1 109 ALA 109 1087 1087 ALA ALA AAA . n 
A 1 110 ILE 110 1088 1088 ILE ILE AAA . n 
A 1 111 ILE 111 1089 1089 ILE ILE AAA . n 
A 1 112 LYS 112 1090 1090 LYS LYS AAA . n 
A 1 113 GLU 113 1091 1091 GLU GLU AAA . n 
A 1 114 GLU 114 1092 1092 GLU GLU AAA . n 
A 1 115 LEU 115 1093 1093 LEU LEU AAA . n 
A 1 116 ASP 116 1094 1094 ASP ASP AAA . n 
A 1 117 GLU 117 1095 1095 GLU GLU AAA . n 
A 1 118 ASP 118 1096 1096 ASP ASP AAA . n 
A 1 119 PHE 119 1097 1097 PHE PHE AAA . n 
A 1 120 GLU 120 1098 1098 GLU GLU AAA . n 
A 1 121 GLN 121 1099 1099 GLN GLN AAA . n 
A 1 122 LEU 122 1100 1100 LEU LEU AAA . n 
A 1 123 CYS 123 1101 1101 CYS CYS AAA . n 
A 1 124 GLU 124 1102 1102 GLU GLU AAA . n 
A 1 125 GLU 125 1103 1103 GLU GLU AAA . n 
A 1 126 ILE 126 1104 1104 ILE ILE AAA . n 
A 1 127 GLN 127 1105 1105 GLN GLN AAA . n 
A 1 128 GLU 128 1106 1106 GLU GLU AAA . n 
A 1 129 SER 129 1107 1107 SER SER AAA . n 
A 1 130 ARG 130 1108 1108 ARG ARG AAA . n 
# 
loop_
_pdbx_nonpoly_scheme.asym_id 
_pdbx_nonpoly_scheme.entity_id 
_pdbx_nonpoly_scheme.mon_id 
_pdbx_nonpoly_scheme.ndb_seq_num 
_pdbx_nonpoly_scheme.pdb_seq_num 
_pdbx_nonpoly_scheme.auth_seq_num 
_pdbx_nonpoly_scheme.pdb_mon_id 
_pdbx_nonpoly_scheme.auth_mon_id 
_pdbx_nonpoly_scheme.pdb_strand_id 
_pdbx_nonpoly_scheme.pdb_ins_code 
B 2 SO4 1   1201 1    SO4 SO4 AAA . 
C 3 CL  1   1202 1109 CL  CL  AAA . 
D 4 IJ3 1   1203 1201 IJ3 DRG AAA . 
E 5 EDO 1   1204 1    EDO EDO AAA . 
F 5 EDO 1   1205 2    EDO EDO AAA . 
G 2 SO4 1   1206 1    SO4 SO4 AAA . 
H 6 HOH 1   1301 248  HOH HOH AAA . 
H 6 HOH 2   1302 144  HOH HOH AAA . 
H 6 HOH 3   1303 245  HOH HOH AAA . 
H 6 HOH 4   1304 249  HOH HOH AAA . 
H 6 HOH 5   1305 166  HOH HOH AAA . 
H 6 HOH 6   1306 240  HOH HOH AAA . 
H 6 HOH 7   1307 65   HOH HOH AAA . 
H 6 HOH 8   1308 207  HOH HOH AAA . 
H 6 HOH 9   1309 149  HOH HOH AAA . 
H 6 HOH 10  1310 215  HOH HOH AAA . 
H 6 HOH 11  1311 247  HOH HOH AAA . 
H 6 HOH 12  1312 49   HOH HOH AAA . 
H 6 HOH 13  1313 213  HOH HOH AAA . 
H 6 HOH 14  1314 47   HOH HOH AAA . 
H 6 HOH 15  1315 126  HOH HOH AAA . 
H 6 HOH 16  1316 159  HOH HOH AAA . 
H 6 HOH 17  1317 124  HOH HOH AAA . 
H 6 HOH 18  1318 150  HOH HOH AAA . 
H 6 HOH 19  1319 236  HOH HOH AAA . 
H 6 HOH 20  1320 185  HOH HOH AAA . 
H 6 HOH 21  1321 104  HOH HOH AAA . 
H 6 HOH 22  1322 55   HOH HOH AAA . 
H 6 HOH 23  1323 100  HOH HOH AAA . 
H 6 HOH 24  1324 17   HOH HOH AAA . 
H 6 HOH 25  1325 23   HOH HOH AAA . 
H 6 HOH 26  1326 234  HOH HOH AAA . 
H 6 HOH 27  1327 15   HOH HOH AAA . 
H 6 HOH 28  1328 77   HOH HOH AAA . 
H 6 HOH 29  1329 57   HOH HOH AAA . 
H 6 HOH 30  1330 42   HOH HOH AAA . 
H 6 HOH 31  1331 24   HOH HOH AAA . 
H 6 HOH 32  1332 114  HOH HOH AAA . 
H 6 HOH 33  1333 18   HOH HOH AAA . 
H 6 HOH 34  1334 51   HOH HOH AAA . 
H 6 HOH 35  1335 73   HOH HOH AAA . 
H 6 HOH 36  1336 244  HOH HOH AAA . 
H 6 HOH 37  1337 241  HOH HOH AAA . 
H 6 HOH 38  1338 72   HOH HOH AAA . 
H 6 HOH 39  1339 175  HOH HOH AAA . 
H 6 HOH 40  1340 98   HOH HOH AAA . 
H 6 HOH 41  1341 39   HOH HOH AAA . 
H 6 HOH 42  1342 102  HOH HOH AAA . 
H 6 HOH 43  1343 1    HOH HOH AAA . 
H 6 HOH 44  1344 252  HOH HOH AAA . 
H 6 HOH 45  1345 71   HOH HOH AAA . 
H 6 HOH 46  1346 37   HOH HOH AAA . 
H 6 HOH 47  1347 13   HOH HOH AAA . 
H 6 HOH 48  1348 89   HOH HOH AAA . 
H 6 HOH 49  1349 10   HOH HOH AAA . 
H 6 HOH 50  1350 113  HOH HOH AAA . 
H 6 HOH 51  1351 32   HOH HOH AAA . 
H 6 HOH 52  1352 237  HOH HOH AAA . 
H 6 HOH 53  1353 14   HOH HOH AAA . 
H 6 HOH 54  1354 197  HOH HOH AAA . 
H 6 HOH 55  1355 243  HOH HOH AAA . 
H 6 HOH 56  1356 235  HOH HOH AAA . 
H 6 HOH 57  1357 120  HOH HOH AAA . 
H 6 HOH 58  1358 222  HOH HOH AAA . 
H 6 HOH 59  1359 2    HOH HOH AAA . 
H 6 HOH 60  1360 8    HOH HOH AAA . 
H 6 HOH 61  1361 176  HOH HOH AAA . 
H 6 HOH 62  1362 21   HOH HOH AAA . 
H 6 HOH 63  1363 253  HOH HOH AAA . 
H 6 HOH 64  1364 33   HOH HOH AAA . 
H 6 HOH 65  1365 129  HOH HOH AAA . 
H 6 HOH 66  1366 170  HOH HOH AAA . 
H 6 HOH 67  1367 173  HOH HOH AAA . 
H 6 HOH 68  1368 36   HOH HOH AAA . 
H 6 HOH 69  1369 53   HOH HOH AAA . 
H 6 HOH 70  1370 19   HOH HOH AAA . 
H 6 HOH 71  1371 58   HOH HOH AAA . 
H 6 HOH 72  1372 40   HOH HOH AAA . 
H 6 HOH 73  1373 11   HOH HOH AAA . 
H 6 HOH 74  1374 26   HOH HOH AAA . 
H 6 HOH 75  1375 87   HOH HOH AAA . 
H 6 HOH 76  1376 128  HOH HOH AAA . 
H 6 HOH 77  1377 34   HOH HOH AAA . 
H 6 HOH 78  1378 122  HOH HOH AAA . 
H 6 HOH 79  1379 35   HOH HOH AAA . 
H 6 HOH 80  1380 61   HOH HOH AAA . 
H 6 HOH 81  1381 161  HOH HOH AAA . 
H 6 HOH 82  1382 110  HOH HOH AAA . 
H 6 HOH 83  1383 83   HOH HOH AAA . 
H 6 HOH 84  1384 94   HOH HOH AAA . 
H 6 HOH 85  1385 29   HOH HOH AAA . 
H 6 HOH 86  1386 169  HOH HOH AAA . 
H 6 HOH 87  1387 3    HOH HOH AAA . 
H 6 HOH 88  1388 41   HOH HOH AAA . 
H 6 HOH 89  1389 38   HOH HOH AAA . 
H 6 HOH 90  1390 79   HOH HOH AAA . 
H 6 HOH 91  1391 107  HOH HOH AAA . 
H 6 HOH 92  1392 48   HOH HOH AAA . 
H 6 HOH 93  1393 50   HOH HOH AAA . 
H 6 HOH 94  1394 145  HOH HOH AAA . 
H 6 HOH 95  1395 20   HOH HOH AAA . 
H 6 HOH 96  1396 4    HOH HOH AAA . 
H 6 HOH 97  1397 211  HOH HOH AAA . 
H 6 HOH 98  1398 125  HOH HOH AAA . 
H 6 HOH 99  1399 93   HOH HOH AAA . 
H 6 HOH 100 1400 251  HOH HOH AAA . 
H 6 HOH 101 1401 43   HOH HOH AAA . 
H 6 HOH 102 1402 162  HOH HOH AAA . 
H 6 HOH 103 1403 6    HOH HOH AAA . 
H 6 HOH 104 1404 52   HOH HOH AAA . 
H 6 HOH 105 1405 64   HOH HOH AAA . 
H 6 HOH 106 1406 76   HOH HOH AAA . 
H 6 HOH 107 1407 188  HOH HOH AAA . 
H 6 HOH 108 1408 121  HOH HOH AAA . 
H 6 HOH 109 1409 80   HOH HOH AAA . 
H 6 HOH 110 1410 74   HOH HOH AAA . 
H 6 HOH 111 1411 135  HOH HOH AAA . 
H 6 HOH 112 1412 238  HOH HOH AAA . 
H 6 HOH 113 1413 90   HOH HOH AAA . 
H 6 HOH 114 1414 85   HOH HOH AAA . 
H 6 HOH 115 1415 66   HOH HOH AAA . 
H 6 HOH 116 1416 156  HOH HOH AAA . 
H 6 HOH 117 1417 117  HOH HOH AAA . 
H 6 HOH 118 1418 106  HOH HOH AAA . 
H 6 HOH 119 1419 171  HOH HOH AAA . 
H 6 HOH 120 1420 105  HOH HOH AAA . 
H 6 HOH 121 1421 127  HOH HOH AAA . 
H 6 HOH 122 1422 226  HOH HOH AAA . 
H 6 HOH 123 1423 9    HOH HOH AAA . 
H 6 HOH 124 1424 210  HOH HOH AAA . 
H 6 HOH 125 1425 108  HOH HOH AAA . 
H 6 HOH 126 1426 242  HOH HOH AAA . 
H 6 HOH 127 1427 155  HOH HOH AAA . 
H 6 HOH 128 1428 201  HOH HOH AAA . 
H 6 HOH 129 1429 172  HOH HOH AAA . 
H 6 HOH 130 1430 28   HOH HOH AAA . 
H 6 HOH 131 1431 174  HOH HOH AAA . 
H 6 HOH 132 1432 86   HOH HOH AAA . 
H 6 HOH 133 1433 68   HOH HOH AAA . 
H 6 HOH 134 1434 225  HOH HOH AAA . 
H 6 HOH 135 1435 195  HOH HOH AAA . 
H 6 HOH 136 1436 119  HOH HOH AAA . 
H 6 HOH 137 1437 123  HOH HOH AAA . 
H 6 HOH 138 1438 16   HOH HOH AAA . 
H 6 HOH 139 1439 88   HOH HOH AAA . 
H 6 HOH 140 1440 112  HOH HOH AAA . 
H 6 HOH 141 1441 227  HOH HOH AAA . 
H 6 HOH 142 1442 81   HOH HOH AAA . 
H 6 HOH 143 1443 7    HOH HOH AAA . 
H 6 HOH 144 1444 224  HOH HOH AAA . 
H 6 HOH 145 1445 27   HOH HOH AAA . 
H 6 HOH 146 1446 219  HOH HOH AAA . 
H 6 HOH 147 1447 204  HOH HOH AAA . 
H 6 HOH 148 1448 82   HOH HOH AAA . 
H 6 HOH 149 1449 168  HOH HOH AAA . 
H 6 HOH 150 1450 223  HOH HOH AAA . 
H 6 HOH 151 1451 229  HOH HOH AAA . 
H 6 HOH 152 1452 103  HOH HOH AAA . 
H 6 HOH 153 1453 141  HOH HOH AAA . 
H 6 HOH 154 1454 30   HOH HOH AAA . 
H 6 HOH 155 1455 56   HOH HOH AAA . 
H 6 HOH 156 1456 246  HOH HOH AAA . 
H 6 HOH 157 1457 230  HOH HOH AAA . 
H 6 HOH 158 1458 136  HOH HOH AAA . 
H 6 HOH 159 1459 186  HOH HOH AAA . 
H 6 HOH 160 1460 62   HOH HOH AAA . 
H 6 HOH 161 1461 214  HOH HOH AAA . 
H 6 HOH 162 1462 63   HOH HOH AAA . 
H 6 HOH 163 1463 5    HOH HOH AAA . 
H 6 HOH 164 1464 250  HOH HOH AAA . 
H 6 HOH 165 1465 46   HOH HOH AAA . 
H 6 HOH 166 1466 167  HOH HOH AAA . 
H 6 HOH 167 1467 184  HOH HOH AAA . 
H 6 HOH 168 1468 143  HOH HOH AAA . 
H 6 HOH 169 1469 255  HOH HOH AAA . 
H 6 HOH 170 1470 139  HOH HOH AAA . 
H 6 HOH 171 1471 60   HOH HOH AAA . 
H 6 HOH 172 1472 177  HOH HOH AAA . 
H 6 HOH 173 1473 231  HOH HOH AAA . 
H 6 HOH 174 1474 45   HOH HOH AAA . 
H 6 HOH 175 1475 205  HOH HOH AAA . 
H 6 HOH 176 1476 254  HOH HOH AAA . 
H 6 HOH 177 1477 232  HOH HOH AAA . 
H 6 HOH 178 1478 148  HOH HOH AAA . 
H 6 HOH 179 1479 44   HOH HOH AAA . 
H 6 HOH 180 1480 239  HOH HOH AAA . 
H 6 HOH 181 1481 154  HOH HOH AAA . 
H 6 HOH 182 1482 181  HOH HOH AAA . 
H 6 HOH 183 1483 216  HOH HOH AAA . 
# 
loop_
_software.citation_id 
_software.classification 
_software.compiler_name 
_software.compiler_version 
_software.contact_author 
_software.contact_author_email 
_software.date 
_software.description 
_software.dependencies 
_software.hardware 
_software.language 
_software.location 
_software.mods 
_software.name 
_software.os 
_software.os_version 
_software.type 
_software.version 
_software.pdbx_ordinal 
? refinement       ? ? ? ? ? ? ? ? ? ? ? REFMAC  ? ? ? 5.8.0258 1 
? refinement       ? ? ? ? ? ? ? ? ? ? ? REFMAC  ? ? ? 5.8.0258 2 
? 'data scaling'   ? ? ? ? ? ? ? ? ? ? ? Aimless ? ? ? 0.7.4    3 
? 'data reduction' ? ? ? ? ? ? ? ? ? ? ? xia2    ? ? ? .        4 
? phasing          ? ? ? ? ? ? ? ? ? ? ? PHASER  ? ? ? .        5 
# 
_cell.angle_alpha                  90.000 
_cell.angle_alpha_esd              ? 
_cell.angle_beta                   90.000 
_cell.angle_beta_esd               ? 
_cell.angle_gamma                  120.000 
_cell.angle_gamma_esd              ? 
_cell.entry_id                     7Z9N 
_cell.details                      ? 
_cell.formula_units_Z              ? 
_cell.length_a                     79.158 
_cell.length_a_esd                 ? 
_cell.length_b                     79.158 
_cell.length_b_esd                 ? 
_cell.length_c                     138.043 
_cell.length_c_esd                 ? 
_cell.volume                       ? 
_cell.volume_esd                   ? 
_cell.Z_PDB                        12 
_cell.reciprocal_angle_alpha       ? 
_cell.reciprocal_angle_beta        ? 
_cell.reciprocal_angle_gamma       ? 
_cell.reciprocal_angle_alpha_esd   ? 
_cell.reciprocal_angle_beta_esd    ? 
_cell.reciprocal_angle_gamma_esd   ? 
_cell.reciprocal_length_a          ? 
_cell.reciprocal_length_b          ? 
_cell.reciprocal_length_c          ? 
_cell.reciprocal_length_a_esd      ? 
_cell.reciprocal_length_b_esd      ? 
_cell.reciprocal_length_c_esd      ? 
_cell.pdbx_unique_axis             ? 
# 
_symmetry.entry_id                         7Z9N 
_symmetry.cell_setting                     ? 
_symmetry.Int_Tables_number                179 
_symmetry.space_group_name_Hall            ? 
_symmetry.space_group_name_H-M             'P 65 2 2' 
_symmetry.pdbx_full_space_group_name_H-M   ? 
# 
_exptl.absorpt_coefficient_mu     ? 
_exptl.absorpt_correction_T_max   ? 
_exptl.absorpt_correction_T_min   ? 
_exptl.absorpt_correction_type    ? 
_exptl.absorpt_process_details    ? 
_exptl.entry_id                   7Z9N 
_exptl.crystals_number            1 
_exptl.details                    ? 
_exptl.method                     'X-RAY DIFFRACTION' 
_exptl.method_details             ? 
# 
_exptl_crystal.colour                      ? 
_exptl_crystal.density_diffrn              ? 
_exptl_crystal.density_Matthews            ? 
_exptl_crystal.density_method              ? 
_exptl_crystal.density_percent_sol         ? 
_exptl_crystal.description                 ? 
_exptl_crystal.F_000                       ? 
_exptl_crystal.id                          1 
_exptl_crystal.preparation                 ? 
_exptl_crystal.size_max                    ? 
_exptl_crystal.size_mid                    ? 
_exptl_crystal.size_min                    ? 
_exptl_crystal.size_rad                    ? 
_exptl_crystal.colour_lustre               ? 
_exptl_crystal.colour_modifier             ? 
_exptl_crystal.colour_primary              ? 
_exptl_crystal.density_meas                ? 
_exptl_crystal.density_meas_esd            ? 
_exptl_crystal.density_meas_gt             ? 
_exptl_crystal.density_meas_lt             ? 
_exptl_crystal.density_meas_temp           ? 
_exptl_crystal.density_meas_temp_esd       ? 
_exptl_crystal.density_meas_temp_gt        ? 
_exptl_crystal.density_meas_temp_lt        ? 
_exptl_crystal.pdbx_crystal_image_url      ? 
_exptl_crystal.pdbx_crystal_image_format   ? 
_exptl_crystal.pdbx_mosaicity              ? 
_exptl_crystal.pdbx_mosaicity_esd          ? 
# 
_exptl_crystal_grow.apparatus       ? 
_exptl_crystal_grow.atmosphere      ? 
_exptl_crystal_grow.crystal_id      1 
_exptl_crystal_grow.details         ? 
_exptl_crystal_grow.method          'VAPOR DIFFUSION, HANGING DROP' 
_exptl_crystal_grow.method_ref      ? 
_exptl_crystal_grow.pH              6.5 
_exptl_crystal_grow.pressure        ? 
_exptl_crystal_grow.pressure_esd    ? 
_exptl_crystal_grow.seeding         ? 
_exptl_crystal_grow.seeding_ref     ? 
_exptl_crystal_grow.temp            293 
_exptl_crystal_grow.temp_details    ? 
_exptl_crystal_grow.temp_esd        ? 
_exptl_crystal_grow.time            ? 
_exptl_crystal_grow.pdbx_details    '0.1M BisTris pH 6-7, 1.7-2.1M Ammonium sulphate' 
_exptl_crystal_grow.pdbx_pH_range   6-7 
# 
_diffrn.ambient_environment              ? 
_diffrn.ambient_temp                     100 
_diffrn.ambient_temp_details             ? 
_diffrn.ambient_temp_esd                 ? 
_diffrn.crystal_id                       1 
_diffrn.crystal_support                  ? 
_diffrn.crystal_treatment                ? 
_diffrn.details                          ? 
_diffrn.id                               1 
_diffrn.ambient_pressure                 ? 
_diffrn.ambient_pressure_esd             ? 
_diffrn.ambient_pressure_gt              ? 
_diffrn.ambient_pressure_lt              ? 
_diffrn.ambient_temp_gt                  ? 
_diffrn.ambient_temp_lt                  ? 
_diffrn.pdbx_serial_crystal_experiment   N 
# 
_diffrn_detector.details                      ? 
_diffrn_detector.detector                     PIXEL 
_diffrn_detector.diffrn_id                    1 
_diffrn_detector.type                         'DECTRIS PILATUS 6M' 
_diffrn_detector.area_resol_mean              ? 
_diffrn_detector.dtime                        ? 
_diffrn_detector.pdbx_frames_total            ? 
_diffrn_detector.pdbx_collection_time_total   ? 
_diffrn_detector.pdbx_collection_date         2019-07-28 
_diffrn_detector.pdbx_frequency               ? 
# 
_diffrn_radiation.collimation                      ? 
_diffrn_radiation.diffrn_id                        1 
_diffrn_radiation.filter_edge                      ? 
_diffrn_radiation.inhomogeneity                    ? 
_diffrn_radiation.monochromator                    ? 
_diffrn_radiation.polarisn_norm                    ? 
_diffrn_radiation.polarisn_ratio                   ? 
_diffrn_radiation.probe                            ? 
_diffrn_radiation.type                             ? 
_diffrn_radiation.xray_symbol                      ? 
_diffrn_radiation.wavelength_id                    1 
_diffrn_radiation.pdbx_monochromatic_or_laue_m_l   M 
_diffrn_radiation.pdbx_wavelength_list             ? 
_diffrn_radiation.pdbx_wavelength                  ? 
_diffrn_radiation.pdbx_diffrn_protocol             'SINGLE WAVELENGTH' 
_diffrn_radiation.pdbx_analyzer                    ? 
_diffrn_radiation.pdbx_scattering_type             x-ray 
# 
_diffrn_radiation_wavelength.id           1 
_diffrn_radiation_wavelength.wavelength   0.9762 
_diffrn_radiation_wavelength.wt           1.0 
# 
_diffrn_source.current                     ? 
_diffrn_source.details                     ? 
_diffrn_source.diffrn_id                   1 
_diffrn_source.power                       ? 
_diffrn_source.size                        ? 
_diffrn_source.source                      SYNCHROTRON 
_diffrn_source.target                      ? 
_diffrn_source.type                        'DIAMOND BEAMLINE I04-1' 
_diffrn_source.voltage                     ? 
_diffrn_source.take-off_angle              ? 
_diffrn_source.pdbx_wavelength_list        0.9762 
_diffrn_source.pdbx_wavelength             ? 
_diffrn_source.pdbx_synchrotron_beamline   I04-1 
_diffrn_source.pdbx_synchrotron_site       Diamond 
# 
_reflns.B_iso_Wilson_estimate                          ? 
_reflns.entry_id                                       7Z9N 
_reflns.data_reduction_details                         ? 
_reflns.data_reduction_method                          ? 
_reflns.d_resolution_high                              1.34 
_reflns.d_resolution_low                               61.40 
_reflns.details                                        ? 
_reflns.limit_h_max                                    ? 
_reflns.limit_h_min                                    ? 
_reflns.limit_k_max                                    ? 
_reflns.limit_k_min                                    ? 
_reflns.limit_l_max                                    ? 
_reflns.limit_l_min                                    ? 
_reflns.number_all                                     ? 
_reflns.number_obs                                     56991 
_reflns.observed_criterion                             ? 
_reflns.observed_criterion_F_max                       ? 
_reflns.observed_criterion_F_min                       ? 
_reflns.observed_criterion_I_max                       ? 
_reflns.observed_criterion_I_min                       ? 
_reflns.observed_criterion_sigma_F                     ? 
_reflns.observed_criterion_sigma_I                     ? 
_reflns.percent_possible_obs                           98.4 
_reflns.R_free_details                                 ? 
_reflns.Rmerge_F_all                                   ? 
_reflns.Rmerge_F_obs                                   ? 
_reflns.Friedel_coverage                               ? 
_reflns.number_gt                                      ? 
_reflns.threshold_expression                           ? 
_reflns.pdbx_redundancy                                18.2 
_reflns.pdbx_Rmerge_I_obs                              0.047 
_reflns.pdbx_Rmerge_I_all                              ? 
_reflns.pdbx_Rsym_value                                ? 
_reflns.pdbx_netI_over_av_sigmaI                       ? 
_reflns.pdbx_netI_over_sigmaI                          27.9 
_reflns.pdbx_res_netI_over_av_sigmaI_2                 ? 
_reflns.pdbx_res_netI_over_sigmaI_2                    ? 
_reflns.pdbx_chi_squared                               ? 
_reflns.pdbx_scaling_rejects                           ? 
_reflns.pdbx_d_res_high_opt                            ? 
_reflns.pdbx_d_res_low_opt                             ? 
_reflns.pdbx_d_res_opt_method                          ? 
_reflns.phase_calculation_details                      ? 
_reflns.pdbx_Rrim_I_all                                0.049 
_reflns.pdbx_Rpim_I_all                                0.015 
_reflns.pdbx_d_opt                                     ? 
_reflns.pdbx_number_measured_all                       ? 
_reflns.pdbx_diffrn_id                                 1 
_reflns.pdbx_ordinal                                   1 
_reflns.pdbx_CC_half                                   0.998 
_reflns.pdbx_CC_star                                   ? 
_reflns.pdbx_R_split                                   ? 
_reflns.pdbx_aniso_diffraction_limit_axis_1_ortho[1]   ? 
_reflns.pdbx_aniso_diffraction_limit_axis_1_ortho[2]   ? 
_reflns.pdbx_aniso_diffraction_limit_axis_1_ortho[3]   ? 
_reflns.pdbx_aniso_diffraction_limit_axis_2_ortho[1]   ? 
_reflns.pdbx_aniso_diffraction_limit_axis_2_ortho[2]   ? 
_reflns.pdbx_aniso_diffraction_limit_axis_2_ortho[3]   ? 
_reflns.pdbx_aniso_diffraction_limit_axis_3_ortho[1]   ? 
_reflns.pdbx_aniso_diffraction_limit_axis_3_ortho[2]   ? 
_reflns.pdbx_aniso_diffraction_limit_axis_3_ortho[3]   ? 
_reflns.pdbx_aniso_diffraction_limit_1                 ? 
_reflns.pdbx_aniso_diffraction_limit_2                 ? 
_reflns.pdbx_aniso_diffraction_limit_3                 ? 
_reflns.pdbx_aniso_B_tensor_eigenvector_1_ortho[1]     ? 
_reflns.pdbx_aniso_B_tensor_eigenvector_1_ortho[2]     ? 
_reflns.pdbx_aniso_B_tensor_eigenvector_1_ortho[3]     ? 
_reflns.pdbx_aniso_B_tensor_eigenvector_2_ortho[1]     ? 
_reflns.pdbx_aniso_B_tensor_eigenvector_2_ortho[2]     ? 
_reflns.pdbx_aniso_B_tensor_eigenvector_2_ortho[3]     ? 
_reflns.pdbx_aniso_B_tensor_eigenvector_3_ortho[1]     ? 
_reflns.pdbx_aniso_B_tensor_eigenvector_3_ortho[2]     ? 
_reflns.pdbx_aniso_B_tensor_eigenvector_3_ortho[3]     ? 
_reflns.pdbx_aniso_B_tensor_eigenvalue_1               ? 
_reflns.pdbx_aniso_B_tensor_eigenvalue_2               ? 
_reflns.pdbx_aniso_B_tensor_eigenvalue_3               ? 
_reflns.pdbx_orthogonalization_convention              ? 
_reflns.pdbx_percent_possible_ellipsoidal              ? 
_reflns.pdbx_percent_possible_spherical                ? 
_reflns.pdbx_percent_possible_ellipsoidal_anomalous    ? 
_reflns.pdbx_percent_possible_spherical_anomalous      ? 
_reflns.pdbx_redundancy_anomalous                      ? 
_reflns.pdbx_CC_half_anomalous                         ? 
_reflns.pdbx_absDiff_over_sigma_anomalous              ? 
_reflns.pdbx_percent_possible_anomalous                ? 
_reflns.pdbx_observed_signal_threshold                 ? 
_reflns.pdbx_signal_type                               ? 
_reflns.pdbx_signal_details                            ? 
_reflns.pdbx_signal_software_id                        ? 
# 
loop_
_reflns_shell.d_res_high 
_reflns_shell.d_res_low 
_reflns_shell.meanI_over_sigI_all 
_reflns_shell.meanI_over_sigI_obs 
_reflns_shell.number_measured_all 
_reflns_shell.number_measured_obs 
_reflns_shell.number_possible 
_reflns_shell.number_unique_all 
_reflns_shell.number_unique_obs 
_reflns_shell.percent_possible_all 
_reflns_shell.percent_possible_obs 
_reflns_shell.Rmerge_F_all 
_reflns_shell.Rmerge_F_obs 
_reflns_shell.Rmerge_I_all 
_reflns_shell.Rmerge_I_obs 
_reflns_shell.meanI_over_sigI_gt 
_reflns_shell.meanI_over_uI_all 
_reflns_shell.meanI_over_uI_gt 
_reflns_shell.number_measured_gt 
_reflns_shell.number_unique_gt 
_reflns_shell.percent_possible_gt 
_reflns_shell.Rmerge_F_gt 
_reflns_shell.Rmerge_I_gt 
_reflns_shell.pdbx_redundancy 
_reflns_shell.pdbx_Rsym_value 
_reflns_shell.pdbx_chi_squared 
_reflns_shell.pdbx_netI_over_sigmaI_all 
_reflns_shell.pdbx_netI_over_sigmaI_obs 
_reflns_shell.pdbx_Rrim_I_all 
_reflns_shell.pdbx_Rpim_I_all 
_reflns_shell.pdbx_rejects 
_reflns_shell.pdbx_ordinal 
_reflns_shell.pdbx_diffrn_id 
_reflns_shell.pdbx_CC_half 
_reflns_shell.pdbx_CC_star 
_reflns_shell.pdbx_R_split 
_reflns_shell.pdbx_percent_possible_ellipsoidal 
_reflns_shell.pdbx_percent_possible_spherical 
_reflns_shell.pdbx_percent_possible_ellipsoidal_anomalous 
_reflns_shell.pdbx_percent_possible_spherical_anomalous 
_reflns_shell.pdbx_redundancy_anomalous 
_reflns_shell.pdbx_CC_half_anomalous 
_reflns_shell.pdbx_absDiff_over_sigma_anomalous 
_reflns_shell.pdbx_percent_possible_anomalous 
7.34 61.40 ? ? ? ? ? ? 435  ? ? ? ? ? 0.051 ? ? ? ? ? ? ? ? 15.6 ? ? ? ? 0.054 0.019 ? 1 1 0.982 ? ? ? ? ? ? ? ? ? ? 
1.34 1.36  ? ? ? ? ? ? 2379 ? ? ? ? ? 1.734 ? ? ? ? ? ? ? ? 6.0  ? ? ? ? 2.049 1.068 ? 2 1 0.375 ? ? ? ? ? ? ? ? ? ? 
# 
_refine.aniso_B[1][1]                            0.129 
_refine.aniso_B[1][2]                            0.065 
_refine.aniso_B[1][3]                            0.000 
_refine.aniso_B[2][2]                            0.129 
_refine.aniso_B[2][3]                            -0.000 
_refine.aniso_B[3][3]                            -0.420 
_refine.B_iso_max                                ? 
_refine.B_iso_mean                               30.216 
_refine.B_iso_min                                ? 
_refine.correlation_coeff_Fo_to_Fc               0.964 
_refine.correlation_coeff_Fo_to_Fc_free          0.959 
_refine.details                                  'Hydrogens have been added in their riding positions' 
_refine.diff_density_max                         ? 
_refine.diff_density_max_esd                     ? 
_refine.diff_density_min                         ? 
_refine.diff_density_min_esd                     ? 
_refine.diff_density_rms                         ? 
_refine.diff_density_rms_esd                     ? 
_refine.entry_id                                 7Z9N 
_refine.pdbx_refine_id                           'X-RAY DIFFRACTION' 
_refine.ls_abs_structure_details                 ? 
_refine.ls_abs_structure_Flack                   ? 
_refine.ls_abs_structure_Flack_esd               ? 
_refine.ls_abs_structure_Rogers                  ? 
_refine.ls_abs_structure_Rogers_esd              ? 
_refine.ls_d_res_high                            1.340 
_refine.ls_d_res_low                             48.686 
_refine.ls_extinction_coef                       ? 
_refine.ls_extinction_coef_esd                   ? 
_refine.ls_extinction_expression                 ? 
_refine.ls_extinction_method                     ? 
_refine.ls_goodness_of_fit_all                   ? 
_refine.ls_goodness_of_fit_all_esd               ? 
_refine.ls_goodness_of_fit_obs                   ? 
_refine.ls_goodness_of_fit_obs_esd               ? 
_refine.ls_hydrogen_treatment                    ? 
_refine.ls_matrix_type                           ? 
_refine.ls_number_constraints                    ? 
_refine.ls_number_parameters                     ? 
_refine.ls_number_reflns_all                     ? 
_refine.ls_number_reflns_obs                     56917 
_refine.ls_number_reflns_R_free                  2822 
_refine.ls_number_reflns_R_work                  54095 
_refine.ls_number_restraints                     ? 
_refine.ls_percent_reflns_obs                    98.141 
_refine.ls_percent_reflns_R_free                 4.958 
_refine.ls_R_factor_all                          0.209 
_refine.ls_R_factor_obs                          ? 
_refine.ls_R_factor_R_free                       0.2270 
_refine.ls_R_factor_R_free_error                 ? 
_refine.ls_R_factor_R_free_error_details         ? 
_refine.ls_R_factor_R_work                       0.2078 
_refine.ls_R_Fsqd_factor_obs                     ? 
_refine.ls_R_I_factor_obs                        ? 
_refine.ls_redundancy_reflns_all                 ? 
_refine.ls_redundancy_reflns_obs                 ? 
_refine.ls_restrained_S_all                      ? 
_refine.ls_restrained_S_obs                      ? 
_refine.ls_shift_over_esd_max                    ? 
_refine.ls_shift_over_esd_mean                   ? 
_refine.ls_structure_factor_coef                 ? 
_refine.ls_weighting_details                     ? 
_refine.ls_weighting_scheme                      ? 
_refine.ls_wR_factor_all                         ? 
_refine.ls_wR_factor_obs                         ? 
_refine.ls_wR_factor_R_free                      ? 
_refine.ls_wR_factor_R_work                      ? 
_refine.occupancy_max                            ? 
_refine.occupancy_min                            ? 
_refine.solvent_model_details                    'MASK BULK SOLVENT' 
_refine.solvent_model_param_bsol                 ? 
_refine.solvent_model_param_ksol                 ? 
_refine.pdbx_R_complete                          ? 
_refine.ls_R_factor_gt                           ? 
_refine.ls_goodness_of_fit_gt                    ? 
_refine.ls_goodness_of_fit_ref                   ? 
_refine.ls_shift_over_su_max                     ? 
_refine.ls_shift_over_su_max_lt                  ? 
_refine.ls_shift_over_su_mean                    ? 
_refine.ls_shift_over_su_mean_lt                 ? 
_refine.pdbx_ls_sigma_I                          ? 
_refine.pdbx_ls_sigma_F                          ? 
_refine.pdbx_ls_sigma_Fsqd                       ? 
_refine.pdbx_data_cutoff_high_absF               ? 
_refine.pdbx_data_cutoff_high_rms_absF           ? 
_refine.pdbx_data_cutoff_low_absF                ? 
_refine.pdbx_isotropic_thermal_model             ? 
_refine.pdbx_ls_cross_valid_method               'FREE R-VALUE' 
_refine.pdbx_method_to_determine_struct          'MOLECULAR REPLACEMENT' 
_refine.pdbx_starting_model                      3DAI 
_refine.pdbx_stereochemistry_target_values       ? 
_refine.pdbx_R_Free_selection_details            ? 
_refine.pdbx_stereochem_target_val_spec_case     ? 
_refine.pdbx_overall_ESU_R                       0.047 
_refine.pdbx_overall_ESU_R_Free                  0.049 
_refine.pdbx_solvent_vdw_probe_radii             1.200 
_refine.pdbx_solvent_ion_probe_radii             0.800 
_refine.pdbx_solvent_shrinkage_radii             0.800 
_refine.pdbx_real_space_R                        ? 
_refine.pdbx_density_correlation                 ? 
_refine.pdbx_pd_number_of_powder_patterns        ? 
_refine.pdbx_pd_number_of_points                 ? 
_refine.pdbx_pd_meas_number_of_points            ? 
_refine.pdbx_pd_proc_ls_prof_R_factor            ? 
_refine.pdbx_pd_proc_ls_prof_wR_factor           ? 
_refine.pdbx_pd_Marquardt_correlation_coeff      ? 
_refine.pdbx_pd_Fsqrd_R_factor                   ? 
_refine.pdbx_pd_ls_matrix_band_width             ? 
_refine.pdbx_overall_phase_error                 ? 
_refine.pdbx_overall_SU_R_free_Cruickshank_DPI   ? 
_refine.pdbx_overall_SU_R_free_Blow_DPI          ? 
_refine.pdbx_overall_SU_R_Blow_DPI               ? 
_refine.pdbx_TLS_residual_ADP_flag               ? 
_refine.pdbx_diffrn_id                           1 
_refine.overall_SU_B                             0.893 
_refine.overall_SU_ML                            0.036 
_refine.overall_SU_R_Cruickshank_DPI             ? 
_refine.overall_SU_R_free                        ? 
_refine.overall_FOM_free_R_set                   ? 
_refine.overall_FOM_work_R_set                   ? 
_refine.pdbx_average_fsc_overall                 ? 
_refine.pdbx_average_fsc_work                    ? 
_refine.pdbx_average_fsc_free                    ? 
# 
_refine_hist.pdbx_refine_id                   'X-RAY DIFFRACTION' 
_refine_hist.cycle_id                         LAST 
_refine_hist.details                          ? 
_refine_hist.d_res_high                       1.340 
_refine_hist.d_res_low                        48.686 
_refine_hist.number_atoms_solvent             183 
_refine_hist.number_atoms_total               1301 
_refine_hist.number_reflns_all                ? 
_refine_hist.number_reflns_obs                ? 
_refine_hist.number_reflns_R_free             ? 
_refine_hist.number_reflns_R_work             ? 
_refine_hist.R_factor_all                     ? 
_refine_hist.R_factor_obs                     ? 
_refine_hist.R_factor_R_free                  ? 
_refine_hist.R_factor_R_work                  ? 
_refine_hist.pdbx_number_residues_total       ? 
_refine_hist.pdbx_B_iso_mean_ligand           ? 
_refine_hist.pdbx_B_iso_mean_solvent          ? 
_refine_hist.pdbx_number_atoms_protein        1084 
_refine_hist.pdbx_number_atoms_nucleic_acid   0 
_refine_hist.pdbx_number_atoms_ligand         34 
_refine_hist.pdbx_number_atoms_lipid          ? 
_refine_hist.pdbx_number_atoms_carb           ? 
_refine_hist.pdbx_pseudo_atom_details         ? 
# 
loop_
_refine_ls_restr.pdbx_refine_id 
_refine_ls_restr.criterion 
_refine_ls_restr.dev_ideal 
_refine_ls_restr.dev_ideal_target 
_refine_ls_restr.number 
_refine_ls_restr.rejects 
_refine_ls_restr.type 
_refine_ls_restr.weight 
_refine_ls_restr.pdbx_restraint_function 
'X-RAY DIFFRACTION' ? 0.023  0.012  1151 ? r_bond_refined_d               ? ? 
'X-RAY DIFFRACTION' ? 2.601  1.655  1553 ? r_angle_refined_deg            ? ? 
'X-RAY DIFFRACTION' ? 4.606  5.000  133  ? r_dihedral_angle_1_deg         ? ? 
'X-RAY DIFFRACTION' ? 32.700 20.641 78   ? r_dihedral_angle_2_deg         ? ? 
'X-RAY DIFFRACTION' ? 13.546 15.000 213  ? r_dihedral_angle_3_deg         ? ? 
'X-RAY DIFFRACTION' ? 15.868 15.000 14   ? r_dihedral_angle_4_deg         ? ? 
'X-RAY DIFFRACTION' ? 0.129  0.200  150  ? r_chiral_restr                 ? ? 
'X-RAY DIFFRACTION' ? 0.016  0.020  889  ? r_gen_planes_refined           ? ? 
'X-RAY DIFFRACTION' ? 0.226  0.200  577  ? r_nbd_refined                  ? ? 
'X-RAY DIFFRACTION' ? 0.325  0.200  788  ? r_nbtor_refined                ? ? 
'X-RAY DIFFRACTION' ? 0.217  0.200  135  ? r_xyhbond_nbd_refined          ? ? 
'X-RAY DIFFRACTION' ? 0.198  0.200  27   ? r_symmetry_nbd_refined         ? ? 
'X-RAY DIFFRACTION' ? 0.393  0.200  26   ? r_symmetry_xyhbond_nbd_refined ? ? 
'X-RAY DIFFRACTION' ? 2.447  2.402  529  ? r_mcbond_it                    ? ? 
'X-RAY DIFFRACTION' ? 3.622  3.579  663  ? r_mcangle_it                   ? ? 
'X-RAY DIFFRACTION' ? 5.727  3.023  622  ? r_scbond_it                    ? ? 
'X-RAY DIFFRACTION' ? 7.993  4.342  890  ? r_scangle_it                   ? ? 
'X-RAY DIFFRACTION' ? 9.529  36.046 1859 ? r_lrange_it                    ? ? 
# 
loop_
_refine_ls_shell.pdbx_refine_id 
_refine_ls_shell.d_res_high 
_refine_ls_shell.d_res_low 
_refine_ls_shell.number_reflns_all 
_refine_ls_shell.number_reflns_obs 
_refine_ls_shell.number_reflns_R_free 
_refine_ls_shell.number_reflns_R_work 
_refine_ls_shell.percent_reflns_obs 
_refine_ls_shell.percent_reflns_R_free 
_refine_ls_shell.R_factor_all 
_refine_ls_shell.R_factor_obs 
_refine_ls_shell.R_factor_R_free 
_refine_ls_shell.R_factor_R_free_error 
_refine_ls_shell.R_factor_R_work 
_refine_ls_shell.redundancy_reflns_all 
_refine_ls_shell.redundancy_reflns_obs 
_refine_ls_shell.wR_factor_all 
_refine_ls_shell.wR_factor_obs 
_refine_ls_shell.wR_factor_R_free 
_refine_ls_shell.wR_factor_R_work 
_refine_ls_shell.pdbx_R_complete 
_refine_ls_shell.pdbx_total_number_of_bins_used 
_refine_ls_shell.pdbx_phase_error 
_refine_ls_shell.pdbx_fsc_work 
_refine_ls_shell.pdbx_fsc_free 
'X-RAY DIFFRACTION' 1.340 1.375  . . 194 3389 85.4316  . . . 0.357 . 0.341 . . . . . . . . . . . 
'X-RAY DIFFRACTION' 1.375 1.412  . . 186 3666 93.5178  . . . 0.339 . 0.330 . . . . . . . . . . . 
'X-RAY DIFFRACTION' 1.412 1.453  . . 226 3656 97.4642  . . . 0.304 . 0.297 . . . . . . . . . . . 
'X-RAY DIFFRACTION' 1.453 1.498  . . 179 3665 98.8683  . . . 0.291 . 0.258 . . . . . . . . . . . 
'X-RAY DIFFRACTION' 1.498 1.547  . . 183 3585 99.7881  . . . 0.270 . 0.244 . . . . . . . . . . . 
'X-RAY DIFFRACTION' 1.547 1.602  . . 167 3458 100.0000 . . . 0.263 . 0.238 . . . . . . . . . . . 
'X-RAY DIFFRACTION' 1.602 1.662  . . 192 3353 99.9718  . . . 0.242 . 0.220 . . . . . . . . . . . 
'X-RAY DIFFRACTION' 1.662 1.730  . . 173 3235 100.0000 . . . 0.232 . 0.208 . . . . . . . . . . . 
'X-RAY DIFFRACTION' 1.730 1.807  . . 154 3130 100.0000 . . . 0.258 . 0.228 . . . . . . . . . . . 
'X-RAY DIFFRACTION' 1.807 1.895  . . 155 2972 100.0000 . . . 0.247 . 0.221 . . . . . . . . . . . 
'X-RAY DIFFRACTION' 1.895 1.997  . . 145 2838 100.0000 . . . 0.238 . 0.214 . . . . . . . . . . . 
'X-RAY DIFFRACTION' 1.997 2.119  . . 142 2696 100.0000 . . . 0.230 . 0.218 . . . . . . . . . . . 
'X-RAY DIFFRACTION' 2.119 2.265  . . 135 2553 100.0000 . . . 0.236 . 0.208 . . . . . . . . . . . 
'X-RAY DIFFRACTION' 2.265 2.446  . . 106 2390 100.0000 . . . 0.233 . 0.198 . . . . . . . . . . . 
'X-RAY DIFFRACTION' 2.446 2.680  . . 111 2206 100.0000 . . . 0.217 . 0.196 . . . . . . . . . . . 
'X-RAY DIFFRACTION' 2.680 2.996  . . 104 2014 100.0000 . . . 0.237 . 0.199 . . . . . . . . . . . 
'X-RAY DIFFRACTION' 2.996 3.459  . . 97  1793 100.0000 . . . 0.181 . 0.189 . . . . . . . . . . . 
'X-RAY DIFFRACTION' 3.459 4.236  . . 72  1542 100.0000 . . . 0.176 . 0.156 . . . . . . . . . . . 
'X-RAY DIFFRACTION' 4.236 5.987  . . 70  1227 100.0000 . . . 0.202 . 0.185 . . . . . . . . . . . 
'X-RAY DIFFRACTION' 5.987 48.686 . . 31  727  96.5605  . . . 0.296 . 0.296 . . . . . . . . . . . 
# 
_struct.entry_id                     7Z9N 
_struct.title                        'ATAD2 in complex with PepLite-Val' 
_struct.pdbx_model_details           ? 
_struct.pdbx_formula_weight          ? 
_struct.pdbx_formula_weight_method   ? 
_struct.pdbx_model_type_details      ? 
_struct.pdbx_CASP_flag               N 
# 
_struct_keywords.entry_id        7Z9N 
_struct_keywords.text            'ATAD2, INHIBITOR, FRAGMENT, BROMODOMAIN, FRAGLITE, TRANSCRIPTION' 
_struct_keywords.pdbx_keywords   TRANSCRIPTION 
# 
loop_
_struct_asym.id 
_struct_asym.pdbx_blank_PDB_chainid_flag 
_struct_asym.pdbx_modified 
_struct_asym.entity_id 
_struct_asym.details 
A N N 1 ? 
B N N 2 ? 
C N N 3 ? 
D N N 4 ? 
E N N 5 ? 
F N N 5 ? 
G N N 2 ? 
H N N 6 ? 
# 
_struct_ref.id                         1 
_struct_ref.db_name                    UNP 
_struct_ref.db_code                    ATAD2_HUMAN 
_struct_ref.pdbx_db_accession          Q6PL18 
_struct_ref.pdbx_db_isoform            ? 
_struct_ref.entity_id                  1 
_struct_ref.pdbx_seq_one_letter_code   
;QEEDTFRELRIFLRNVTHRLAIDKRFRVFTKPVDPDEVPDYVTVIKQPMDLSSVISKIDLHKYLTVKDYLRDIDLICSNA
LEYNPDRDPGDRLIRHRACALRDTAYAIIKEELDEDFEQLCEEIQESR
;
_struct_ref.pdbx_align_begin           981 
# 
_struct_ref_seq.align_id                      1 
_struct_ref_seq.ref_id                        1 
_struct_ref_seq.pdbx_PDB_id_code              7Z9N 
_struct_ref_seq.pdbx_strand_id                AAA 
_struct_ref_seq.seq_align_beg                 3 
_struct_ref_seq.pdbx_seq_align_beg_ins_code   ? 
_struct_ref_seq.seq_align_end                 130 
_struct_ref_seq.pdbx_seq_align_end_ins_code   ? 
_struct_ref_seq.pdbx_db_accession             Q6PL18 
_struct_ref_seq.db_align_beg                  981 
_struct_ref_seq.pdbx_db_align_beg_ins_code    ? 
_struct_ref_seq.db_align_end                  1108 
_struct_ref_seq.pdbx_db_align_end_ins_code    ? 
_struct_ref_seq.pdbx_auth_seq_align_beg       981 
_struct_ref_seq.pdbx_auth_seq_align_end       1108 
# 
loop_
_struct_ref_seq_dif.align_id 
_struct_ref_seq_dif.pdbx_pdb_id_code 
_struct_ref_seq_dif.mon_id 
_struct_ref_seq_dif.pdbx_pdb_strand_id 
_struct_ref_seq_dif.seq_num 
_struct_ref_seq_dif.pdbx_pdb_ins_code 
_struct_ref_seq_dif.pdbx_seq_db_name 
_struct_ref_seq_dif.pdbx_seq_db_accession_code 
_struct_ref_seq_dif.db_mon_id 
_struct_ref_seq_dif.pdbx_seq_db_seq_num 
_struct_ref_seq_dif.details 
_struct_ref_seq_dif.pdbx_auth_seq_num 
_struct_ref_seq_dif.pdbx_ordinal 
1 7Z9N SER AAA 1 ? UNP Q6PL18 ? ? 'expression tag' 979 1 
1 7Z9N MET AAA 2 ? UNP Q6PL18 ? ? 'expression tag' 980 2 
# 
_pdbx_struct_assembly.id                   1 
_pdbx_struct_assembly.details              author_defined_assembly 
_pdbx_struct_assembly.method_details       ? 
_pdbx_struct_assembly.oligomeric_details   monomeric 
_pdbx_struct_assembly.oligomeric_count     1 
# 
loop_
_pdbx_struct_assembly_prop.biol_id 
_pdbx_struct_assembly_prop.type 
_pdbx_struct_assembly_prop.value 
_pdbx_struct_assembly_prop.details 
1 'ABSA (A^2)' 750  ? 
1 MORE         -15  ? 
1 'SSA (A^2)'  8270 ? 
# 
_pdbx_struct_assembly_gen.assembly_id       1 
_pdbx_struct_assembly_gen.oper_expression   1 
_pdbx_struct_assembly_gen.asym_id_list      A,B,C,D,E,F,G,H 
# 
_pdbx_struct_assembly_auth_evidence.id                     1 
_pdbx_struct_assembly_auth_evidence.assembly_id            1 
_pdbx_struct_assembly_auth_evidence.experimental_support   'gel filtration' 
_pdbx_struct_assembly_auth_evidence.details                ? 
# 
_pdbx_struct_oper_list.id                   1 
_pdbx_struct_oper_list.type                 'identity operation' 
_pdbx_struct_oper_list.name                 1_555 
_pdbx_struct_oper_list.symmetry_operation   x,y,z 
_pdbx_struct_oper_list.matrix[1][1]         1.0000000000 
_pdbx_struct_oper_list.matrix[1][2]         0.0000000000 
_pdbx_struct_oper_list.matrix[1][3]         0.0000000000 
_pdbx_struct_oper_list.vector[1]            0.0000000000 
_pdbx_struct_oper_list.matrix[2][1]         0.0000000000 
_pdbx_struct_oper_list.matrix[2][2]         1.0000000000 
_pdbx_struct_oper_list.matrix[2][3]         0.0000000000 
_pdbx_struct_oper_list.vector[2]            0.0000000000 
_pdbx_struct_oper_list.matrix[3][1]         0.0000000000 
_pdbx_struct_oper_list.matrix[3][2]         0.0000000000 
_pdbx_struct_oper_list.matrix[3][3]         1.0000000000 
_pdbx_struct_oper_list.vector[3]            0.0000000000 
# 
loop_
_struct_conf.conf_type_id 
_struct_conf.id 
_struct_conf.pdbx_PDB_helix_id 
_struct_conf.beg_label_comp_id 
_struct_conf.beg_label_asym_id 
_struct_conf.beg_label_seq_id 
_struct_conf.pdbx_beg_PDB_ins_code 
_struct_conf.end_label_comp_id 
_struct_conf.end_label_asym_id 
_struct_conf.end_label_seq_id 
_struct_conf.pdbx_end_PDB_ins_code 
_struct_conf.beg_auth_comp_id 
_struct_conf.beg_auth_asym_id 
_struct_conf.beg_auth_seq_id 
_struct_conf.end_auth_comp_id 
_struct_conf.end_auth_asym_id 
_struct_conf.end_auth_seq_id 
_struct_conf.pdbx_PDB_helix_class 
_struct_conf.details 
_struct_conf.pdbx_PDB_helix_length 
HELX_P HELX_P1 AA1 SER A 1   ? ILE A 24  ? SER AAA 979  ILE AAA 1002 1 ? 24 
HELX_P HELX_P2 AA2 ASP A 25  ? THR A 32  ? ASP AAA 1003 THR AAA 1010 5 ? 8  
HELX_P HELX_P3 AA3 ASP A 42  ? ILE A 47  ? ASP AAA 1020 ILE AAA 1025 1 ? 6  
HELX_P HELX_P4 AA4 ASP A 52  ? LEU A 62  ? ASP AAA 1030 LEU AAA 1040 1 ? 11 
HELX_P HELX_P5 AA5 THR A 67  ? ASN A 86  ? THR AAA 1045 ASN AAA 1064 1 ? 20 
HELX_P HELX_P6 AA6 ASP A 90  ? LEU A 115 ? ASP AAA 1068 LEU AAA 1093 1 ? 26 
HELX_P HELX_P7 AA7 ASP A 116 ? SER A 129 ? ASP AAA 1094 SER AAA 1107 1 ? 14 
# 
_struct_conf_type.id          HELX_P 
_struct_conf_type.criteria    ? 
_struct_conf_type.reference   ? 
# 
loop_
_pdbx_validate_close_contact.id 
_pdbx_validate_close_contact.PDB_model_num 
_pdbx_validate_close_contact.auth_atom_id_1 
_pdbx_validate_close_contact.auth_asym_id_1 
_pdbx_validate_close_contact.auth_comp_id_1 
_pdbx_validate_close_contact.auth_seq_id_1 
_pdbx_validate_close_contact.PDB_ins_code_1 
_pdbx_validate_close_contact.label_alt_id_1 
_pdbx_validate_close_contact.auth_atom_id_2 
_pdbx_validate_close_contact.auth_asym_id_2 
_pdbx_validate_close_contact.auth_comp_id_2 
_pdbx_validate_close_contact.auth_seq_id_2 
_pdbx_validate_close_contact.PDB_ins_code_2 
_pdbx_validate_close_contact.label_alt_id_2 
_pdbx_validate_close_contact.dist 
1 1 O   AAA HOH 1416 ? ? O AAA HOH 1461 ? ? 1.69 
2 1 NE2 AAA GLN 1027 ? ? O AAA HOH 1301 ? ? 1.91 
3 1 ND2 AAA ASN 995  ? ? O AAA HOH 1302 ? ? 1.93 
4 1 O   AAA HOH 1340 ? ? O AAA HOH 1440 ? ? 2.19 
# 
loop_
_pdbx_validate_symm_contact.id 
_pdbx_validate_symm_contact.PDB_model_num 
_pdbx_validate_symm_contact.auth_atom_id_1 
_pdbx_validate_symm_contact.auth_asym_id_1 
_pdbx_validate_symm_contact.auth_comp_id_1 
_pdbx_validate_symm_contact.auth_seq_id_1 
_pdbx_validate_symm_contact.PDB_ins_code_1 
_pdbx_validate_symm_contact.label_alt_id_1 
_pdbx_validate_symm_contact.site_symmetry_1 
_pdbx_validate_symm_contact.auth_atom_id_2 
_pdbx_validate_symm_contact.auth_asym_id_2 
_pdbx_validate_symm_contact.auth_comp_id_2 
_pdbx_validate_symm_contact.auth_seq_id_2 
_pdbx_validate_symm_contact.PDB_ins_code_2 
_pdbx_validate_symm_contact.label_alt_id_2 
_pdbx_validate_symm_contact.site_symmetry_2 
_pdbx_validate_symm_contact.dist 
1 1 O AAA HOH 1370 ? ? 1_555 O AAA HOH 1428 ? ? 12_564 1.88 
2 1 O AAA HOH 1323 ? ? 1_555 O AAA HOH 1452 ? ? 6_664  2.13 
# 
loop_
_pdbx_validate_rmsd_bond.id 
_pdbx_validate_rmsd_bond.PDB_model_num 
_pdbx_validate_rmsd_bond.auth_atom_id_1 
_pdbx_validate_rmsd_bond.auth_asym_id_1 
_pdbx_validate_rmsd_bond.auth_comp_id_1 
_pdbx_validate_rmsd_bond.auth_seq_id_1 
_pdbx_validate_rmsd_bond.PDB_ins_code_1 
_pdbx_validate_rmsd_bond.label_alt_id_1 
_pdbx_validate_rmsd_bond.auth_atom_id_2 
_pdbx_validate_rmsd_bond.auth_asym_id_2 
_pdbx_validate_rmsd_bond.auth_comp_id_2 
_pdbx_validate_rmsd_bond.auth_seq_id_2 
_pdbx_validate_rmsd_bond.PDB_ins_code_2 
_pdbx_validate_rmsd_bond.label_alt_id_2 
_pdbx_validate_rmsd_bond.bond_value 
_pdbx_validate_rmsd_bond.bond_target_value 
_pdbx_validate_rmsd_bond.bond_deviation 
_pdbx_validate_rmsd_bond.bond_standard_deviation 
_pdbx_validate_rmsd_bond.linker_flag 
1 1 CG AAA GLU 983  ? ? CD  AAA GLU 983  ? ? 1.616 1.515 0.101  0.015 N 
2 1 CD AAA GLU 983  ? ? OE1 AAA GLU 983  ? ? 1.010 1.252 -0.242 0.011 N 
3 1 CD AAA GLU 983  ? ? OE2 AAA GLU 983  ? ? 1.627 1.252 0.375  0.011 N 
4 1 CZ AAA ARG 1108 ? ? NH2 AAA ARG 1108 ? ? 1.687 1.326 0.361  0.013 N 
# 
loop_
_pdbx_validate_rmsd_angle.id 
_pdbx_validate_rmsd_angle.PDB_model_num 
_pdbx_validate_rmsd_angle.auth_atom_id_1 
_pdbx_validate_rmsd_angle.auth_asym_id_1 
_pdbx_validate_rmsd_angle.auth_comp_id_1 
_pdbx_validate_rmsd_angle.auth_seq_id_1 
_pdbx_validate_rmsd_angle.PDB_ins_code_1 
_pdbx_validate_rmsd_angle.label_alt_id_1 
_pdbx_validate_rmsd_angle.auth_atom_id_2 
_pdbx_validate_rmsd_angle.auth_asym_id_2 
_pdbx_validate_rmsd_angle.auth_comp_id_2 
_pdbx_validate_rmsd_angle.auth_seq_id_2 
_pdbx_validate_rmsd_angle.PDB_ins_code_2 
_pdbx_validate_rmsd_angle.label_alt_id_2 
_pdbx_validate_rmsd_angle.auth_atom_id_3 
_pdbx_validate_rmsd_angle.auth_asym_id_3 
_pdbx_validate_rmsd_angle.auth_comp_id_3 
_pdbx_validate_rmsd_angle.auth_seq_id_3 
_pdbx_validate_rmsd_angle.PDB_ins_code_3 
_pdbx_validate_rmsd_angle.label_alt_id_3 
_pdbx_validate_rmsd_angle.angle_value 
_pdbx_validate_rmsd_angle.angle_target_value 
_pdbx_validate_rmsd_angle.angle_deviation 
_pdbx_validate_rmsd_angle.angle_standard_deviation 
_pdbx_validate_rmsd_angle.linker_flag 
1 1 CG AAA GLU 983  ? ? CD AAA GLU 983  ? ? OE2 AAA GLU 983  ? ? 96.35  118.30 -21.95 2.00 N 
2 1 NE AAA ARG 987  ? A CZ AAA ARG 987  ? A NH1 AAA ARG 987  ? A 123.87 120.30 3.57   0.50 N 
3 1 NE AAA ARG 990  ? ? CZ AAA ARG 990  ? ? NH2 AAA ARG 990  ? ? 115.25 120.30 -5.05  0.50 N 
4 1 NE AAA ARG 1067 ? ? CZ AAA ARG 1067 ? ? NH1 AAA ARG 1067 ? ? 116.01 120.30 -4.29  0.50 N 
5 1 NE AAA ARG 1108 ? ? CZ AAA ARG 1108 ? ? NH1 AAA ARG 1108 ? ? 116.93 120.30 -3.37  0.50 N 
6 1 NE AAA ARG 1108 ? ? CZ AAA ARG 1108 ? ? NH2 AAA ARG 1108 ? ? 129.43 120.30 9.13   0.50 N 
# 
_pdbx_validate_torsion.id              1 
_pdbx_validate_torsion.PDB_model_num   1 
_pdbx_validate_torsion.auth_comp_id    ASP 
_pdbx_validate_torsion.auth_asym_id    AAA 
_pdbx_validate_torsion.auth_seq_id     1016 
_pdbx_validate_torsion.PDB_ins_code    ? 
_pdbx_validate_torsion.label_alt_id    ? 
_pdbx_validate_torsion.phi             -47.27 
_pdbx_validate_torsion.psi             -81.17 
# 
_pdbx_validate_planes.id              1 
_pdbx_validate_planes.PDB_model_num   1 
_pdbx_validate_planes.auth_comp_id    GLU 
_pdbx_validate_planes.auth_asym_id    AAA 
_pdbx_validate_planes.auth_seq_id     983 
_pdbx_validate_planes.PDB_ins_code    ? 
_pdbx_validate_planes.label_alt_id    ? 
_pdbx_validate_planes.rmsd            0.161 
_pdbx_validate_planes.type            'SIDE CHAIN' 
# 
loop_
_pdbx_struct_special_symmetry.id 
_pdbx_struct_special_symmetry.PDB_model_num 
_pdbx_struct_special_symmetry.auth_asym_id 
_pdbx_struct_special_symmetry.auth_comp_id 
_pdbx_struct_special_symmetry.auth_seq_id 
_pdbx_struct_special_symmetry.PDB_ins_code 
_pdbx_struct_special_symmetry.label_asym_id 
_pdbx_struct_special_symmetry.label_comp_id 
_pdbx_struct_special_symmetry.label_seq_id 
1 1 AAA SO4 1206 ? G SO4 . 
2 1 AAA HOH 1315 ? H HOH . 
# 
_pdbx_entry_details.entry_id                 7Z9N 
_pdbx_entry_details.has_ligand_of_interest   Y 
_pdbx_entry_details.compound_details         ? 
_pdbx_entry_details.source_details           ? 
_pdbx_entry_details.nonpolymer_details       ? 
_pdbx_entry_details.sequence_details         ? 
# 
loop_
_chem_comp_atom.comp_id 
_chem_comp_atom.atom_id 
_chem_comp_atom.type_symbol 
_chem_comp_atom.pdbx_aromatic_flag 
_chem_comp_atom.pdbx_stereo_config 
_chem_comp_atom.pdbx_ordinal 
ALA N    N  N N 1   
ALA CA   C  N S 2   
ALA C    C  N N 3   
ALA O    O  N N 4   
ALA CB   C  N N 5   
ALA OXT  O  N N 6   
ALA H    H  N N 7   
ALA H2   H  N N 8   
ALA HA   H  N N 9   
ALA HB1  H  N N 10  
ALA HB2  H  N N 11  
ALA HB3  H  N N 12  
ALA HXT  H  N N 13  
ARG N    N  N N 14  
ARG CA   C  N S 15  
ARG C    C  N N 16  
ARG O    O  N N 17  
ARG CB   C  N N 18  
ARG CG   C  N N 19  
ARG CD   C  N N 20  
ARG NE   N  N N 21  
ARG CZ   C  N N 22  
ARG NH1  N  N N 23  
ARG NH2  N  N N 24  
ARG OXT  O  N N 25  
ARG H    H  N N 26  
ARG H2   H  N N 27  
ARG HA   H  N N 28  
ARG HB2  H  N N 29  
ARG HB3  H  N N 30  
ARG HG2  H  N N 31  
ARG HG3  H  N N 32  
ARG HD2  H  N N 33  
ARG HD3  H  N N 34  
ARG HE   H  N N 35  
ARG HH11 H  N N 36  
ARG HH12 H  N N 37  
ARG HH21 H  N N 38  
ARG HH22 H  N N 39  
ARG HXT  H  N N 40  
ASN N    N  N N 41  
ASN CA   C  N S 42  
ASN C    C  N N 43  
ASN O    O  N N 44  
ASN CB   C  N N 45  
ASN CG   C  N N 46  
ASN OD1  O  N N 47  
ASN ND2  N  N N 48  
ASN OXT  O  N N 49  
ASN H    H  N N 50  
ASN H2   H  N N 51  
ASN HA   H  N N 52  
ASN HB2  H  N N 53  
ASN HB3  H  N N 54  
ASN HD21 H  N N 55  
ASN HD22 H  N N 56  
ASN HXT  H  N N 57  
ASP N    N  N N 58  
ASP CA   C  N S 59  
ASP C    C  N N 60  
ASP O    O  N N 61  
ASP CB   C  N N 62  
ASP CG   C  N N 63  
ASP OD1  O  N N 64  
ASP OD2  O  N N 65  
ASP OXT  O  N N 66  
ASP H    H  N N 67  
ASP H2   H  N N 68  
ASP HA   H  N N 69  
ASP HB2  H  N N 70  
ASP HB3  H  N N 71  
ASP HD2  H  N N 72  
ASP HXT  H  N N 73  
CL  CL   CL N N 74  
CYS N    N  N N 75  
CYS CA   C  N R 76  
CYS C    C  N N 77  
CYS O    O  N N 78  
CYS CB   C  N N 79  
CYS SG   S  N N 80  
CYS OXT  O  N N 81  
CYS H    H  N N 82  
CYS H2   H  N N 83  
CYS HA   H  N N 84  
CYS HB2  H  N N 85  
CYS HB3  H  N N 86  
CYS HG   H  N N 87  
CYS HXT  H  N N 88  
EDO C1   C  N N 89  
EDO O1   O  N N 90  
EDO C2   C  N N 91  
EDO O2   O  N N 92  
EDO H11  H  N N 93  
EDO H12  H  N N 94  
EDO HO1  H  N N 95  
EDO H21  H  N N 96  
EDO H22  H  N N 97  
EDO HO2  H  N N 98  
GLN N    N  N N 99  
GLN CA   C  N S 100 
GLN C    C  N N 101 
GLN O    O  N N 102 
GLN CB   C  N N 103 
GLN CG   C  N N 104 
GLN CD   C  N N 105 
GLN OE1  O  N N 106 
GLN NE2  N  N N 107 
GLN OXT  O  N N 108 
GLN H    H  N N 109 
GLN H2   H  N N 110 
GLN HA   H  N N 111 
GLN HB2  H  N N 112 
GLN HB3  H  N N 113 
GLN HG2  H  N N 114 
GLN HG3  H  N N 115 
GLN HE21 H  N N 116 
GLN HE22 H  N N 117 
GLN HXT  H  N N 118 
GLU N    N  N N 119 
GLU CA   C  N S 120 
GLU C    C  N N 121 
GLU O    O  N N 122 
GLU CB   C  N N 123 
GLU CG   C  N N 124 
GLU CD   C  N N 125 
GLU OE1  O  N N 126 
GLU OE2  O  N N 127 
GLU OXT  O  N N 128 
GLU H    H  N N 129 
GLU H2   H  N N 130 
GLU HA   H  N N 131 
GLU HB2  H  N N 132 
GLU HB3  H  N N 133 
GLU HG2  H  N N 134 
GLU HG3  H  N N 135 
GLU HE2  H  N N 136 
GLU HXT  H  N N 137 
GLY N    N  N N 138 
GLY CA   C  N N 139 
GLY C    C  N N 140 
GLY O    O  N N 141 
GLY OXT  O  N N 142 
GLY H    H  N N 143 
GLY H2   H  N N 144 
GLY HA2  H  N N 145 
GLY HA3  H  N N 146 
GLY HXT  H  N N 147 
HIS N    N  N N 148 
HIS CA   C  N S 149 
HIS C    C  N N 150 
HIS O    O  N N 151 
HIS CB   C  N N 152 
HIS CG   C  Y N 153 
HIS ND1  N  Y N 154 
HIS CD2  C  Y N 155 
HIS CE1  C  Y N 156 
HIS NE2  N  Y N 157 
HIS OXT  O  N N 158 
HIS H    H  N N 159 
HIS H2   H  N N 160 
HIS HA   H  N N 161 
HIS HB2  H  N N 162 
HIS HB3  H  N N 163 
HIS HD1  H  N N 164 
HIS HD2  H  N N 165 
HIS HE1  H  N N 166 
HIS HE2  H  N N 167 
HIS HXT  H  N N 168 
HOH O    O  N N 169 
HOH H1   H  N N 170 
HOH H2   H  N N 171 
IJ3 C4   C  N N 172 
IJ3 C5   C  N N 173 
IJ3 C6   C  N N 174 
IJ3 C7   C  N N 175 
IJ3 C8   C  N N 176 
IJ3 C9   C  N N 177 
IJ3 C10  C  N N 178 
IJ3 N1   N  N N 179 
IJ3 N2   N  N N 180 
IJ3 C3   C  N S 181 
IJ3 C1   C  N N 182 
IJ3 C2   C  N N 183 
IJ3 O1   O  N N 184 
IJ3 O2   O  N N 185 
IJ3 BR1  BR N N 186 
IJ3 H1   H  N N 187 
IJ3 H2   H  N N 188 
IJ3 H3   H  N N 189 
IJ3 H4   H  N N 190 
IJ3 H5   H  N N 191 
IJ3 H6   H  N N 192 
IJ3 H7   H  N N 193 
IJ3 H8   H  N N 194 
IJ3 H9   H  N N 195 
IJ3 H10  H  N N 196 
IJ3 H11  H  N N 197 
IJ3 H12  H  N N 198 
IJ3 H13  H  N N 199 
IJ3 H14  H  N N 200 
IJ3 H15  H  N N 201 
IJ3 H16  H  N N 202 
IJ3 H17  H  N N 203 
IJ3 H18  H  N N 204 
IJ3 H19  H  N N 205 
ILE N    N  N N 206 
ILE CA   C  N S 207 
ILE C    C  N N 208 
ILE O    O  N N 209 
ILE CB   C  N S 210 
ILE CG1  C  N N 211 
ILE CG2  C  N N 212 
ILE CD1  C  N N 213 
ILE OXT  O  N N 214 
ILE H    H  N N 215 
ILE H2   H  N N 216 
ILE HA   H  N N 217 
ILE HB   H  N N 218 
ILE HG12 H  N N 219 
ILE HG13 H  N N 220 
ILE HG21 H  N N 221 
ILE HG22 H  N N 222 
ILE HG23 H  N N 223 
ILE HD11 H  N N 224 
ILE HD12 H  N N 225 
ILE HD13 H  N N 226 
ILE HXT  H  N N 227 
LEU N    N  N N 228 
LEU CA   C  N S 229 
LEU C    C  N N 230 
LEU O    O  N N 231 
LEU CB   C  N N 232 
LEU CG   C  N N 233 
LEU CD1  C  N N 234 
LEU CD2  C  N N 235 
LEU OXT  O  N N 236 
LEU H    H  N N 237 
LEU H2   H  N N 238 
LEU HA   H  N N 239 
LEU HB2  H  N N 240 
LEU HB3  H  N N 241 
LEU HG   H  N N 242 
LEU HD11 H  N N 243 
LEU HD12 H  N N 244 
LEU HD13 H  N N 245 
LEU HD21 H  N N 246 
LEU HD22 H  N N 247 
LEU HD23 H  N N 248 
LEU HXT  H  N N 249 
LYS N    N  N N 250 
LYS CA   C  N S 251 
LYS C    C  N N 252 
LYS O    O  N N 253 
LYS CB   C  N N 254 
LYS CG   C  N N 255 
LYS CD   C  N N 256 
LYS CE   C  N N 257 
LYS NZ   N  N N 258 
LYS OXT  O  N N 259 
LYS H    H  N N 260 
LYS H2   H  N N 261 
LYS HA   H  N N 262 
LYS HB2  H  N N 263 
LYS HB3  H  N N 264 
LYS HG2  H  N N 265 
LYS HG3  H  N N 266 
LYS HD2  H  N N 267 
LYS HD3  H  N N 268 
LYS HE2  H  N N 269 
LYS HE3  H  N N 270 
LYS HZ1  H  N N 271 
LYS HZ2  H  N N 272 
LYS HZ3  H  N N 273 
LYS HXT  H  N N 274 
MET N    N  N N 275 
MET CA   C  N S 276 
MET C    C  N N 277 
MET O    O  N N 278 
MET CB   C  N N 279 
MET CG   C  N N 280 
MET SD   S  N N 281 
MET CE   C  N N 282 
MET OXT  O  N N 283 
MET H    H  N N 284 
MET H2   H  N N 285 
MET HA   H  N N 286 
MET HB2  H  N N 287 
MET HB3  H  N N 288 
MET HG2  H  N N 289 
MET HG3  H  N N 290 
MET HE1  H  N N 291 
MET HE2  H  N N 292 
MET HE3  H  N N 293 
MET HXT  H  N N 294 
PHE N    N  N N 295 
PHE CA   C  N S 296 
PHE C    C  N N 297 
PHE O    O  N N 298 
PHE CB   C  N N 299 
PHE CG   C  Y N 300 
PHE CD1  C  Y N 301 
PHE CD2  C  Y N 302 
PHE CE1  C  Y N 303 
PHE CE2  C  Y N 304 
PHE CZ   C  Y N 305 
PHE OXT  O  N N 306 
PHE H    H  N N 307 
PHE H2   H  N N 308 
PHE HA   H  N N 309 
PHE HB2  H  N N 310 
PHE HB3  H  N N 311 
PHE HD1  H  N N 312 
PHE HD2  H  N N 313 
PHE HE1  H  N N 314 
PHE HE2  H  N N 315 
PHE HZ   H  N N 316 
PHE HXT  H  N N 317 
PRO N    N  N N 318 
PRO CA   C  N S 319 
PRO C    C  N N 320 
PRO O    O  N N 321 
PRO CB   C  N N 322 
PRO CG   C  N N 323 
PRO CD   C  N N 324 
PRO OXT  O  N N 325 
PRO H    H  N N 326 
PRO HA   H  N N 327 
PRO HB2  H  N N 328 
PRO HB3  H  N N 329 
PRO HG2  H  N N 330 
PRO HG3  H  N N 331 
PRO HD2  H  N N 332 
PRO HD3  H  N N 333 
PRO HXT  H  N N 334 
SER N    N  N N 335 
SER CA   C  N S 336 
SER C    C  N N 337 
SER O    O  N N 338 
SER CB   C  N N 339 
SER OG   O  N N 340 
SER OXT  O  N N 341 
SER H    H  N N 342 
SER H2   H  N N 343 
SER HA   H  N N 344 
SER HB2  H  N N 345 
SER HB3  H  N N 346 
SER HG   H  N N 347 
SER HXT  H  N N 348 
SO4 S    S  N N 349 
SO4 O1   O  N N 350 
SO4 O2   O  N N 351 
SO4 O3   O  N N 352 
SO4 O4   O  N N 353 
THR N    N  N N 354 
THR CA   C  N S 355 
THR C    C  N N 356 
THR O    O  N N 357 
THR CB   C  N R 358 
THR OG1  O  N N 359 
THR CG2  C  N N 360 
THR OXT  O  N N 361 
THR H    H  N N 362 
THR H2   H  N N 363 
THR HA   H  N N 364 
THR HB   H  N N 365 
THR HG1  H  N N 366 
THR HG21 H  N N 367 
THR HG22 H  N N 368 
THR HG23 H  N N 369 
THR HXT  H  N N 370 
TYR N    N  N N 371 
TYR CA   C  N S 372 
TYR C    C  N N 373 
TYR O    O  N N 374 
TYR CB   C  N N 375 
TYR CG   C  Y N 376 
TYR CD1  C  Y N 377 
TYR CD2  C  Y N 378 
TYR CE1  C  Y N 379 
TYR CE2  C  Y N 380 
TYR CZ   C  Y N 381 
TYR OH   O  N N 382 
TYR OXT  O  N N 383 
TYR H    H  N N 384 
TYR H2   H  N N 385 
TYR HA   H  N N 386 
TYR HB2  H  N N 387 
TYR HB3  H  N N 388 
TYR HD1  H  N N 389 
TYR HD2  H  N N 390 
TYR HE1  H  N N 391 
TYR HE2  H  N N 392 
TYR HH   H  N N 393 
TYR HXT  H  N N 394 
VAL N    N  N N 395 
VAL CA   C  N S 396 
VAL C    C  N N 397 
VAL O    O  N N 398 
VAL CB   C  N N 399 
VAL CG1  C  N N 400 
VAL CG2  C  N N 401 
VAL OXT  O  N N 402 
VAL H    H  N N 403 
VAL H2   H  N N 404 
VAL HA   H  N N 405 
VAL HB   H  N N 406 
VAL HG11 H  N N 407 
VAL HG12 H  N N 408 
VAL HG13 H  N N 409 
VAL HG21 H  N N 410 
VAL HG22 H  N N 411 
VAL HG23 H  N N 412 
VAL HXT  H  N N 413 
# 
loop_
_chem_comp_bond.comp_id 
_chem_comp_bond.atom_id_1 
_chem_comp_bond.atom_id_2 
_chem_comp_bond.value_order 
_chem_comp_bond.pdbx_aromatic_flag 
_chem_comp_bond.pdbx_stereo_config 
_chem_comp_bond.pdbx_ordinal 
ALA N   CA   sing N N 1   
ALA N   H    sing N N 2   
ALA N   H2   sing N N 3   
ALA CA  C    sing N N 4   
ALA CA  CB   sing N N 5   
ALA CA  HA   sing N N 6   
ALA C   O    doub N N 7   
ALA C   OXT  sing N N 8   
ALA CB  HB1  sing N N 9   
ALA CB  HB2  sing N N 10  
ALA CB  HB3  sing N N 11  
ALA OXT HXT  sing N N 12  
ARG N   CA   sing N N 13  
ARG N   H    sing N N 14  
ARG N   H2   sing N N 15  
ARG CA  C    sing N N 16  
ARG CA  CB   sing N N 17  
ARG CA  HA   sing N N 18  
ARG C   O    doub N N 19  
ARG C   OXT  sing N N 20  
ARG CB  CG   sing N N 21  
ARG CB  HB2  sing N N 22  
ARG CB  HB3  sing N N 23  
ARG CG  CD   sing N N 24  
ARG CG  HG2  sing N N 25  
ARG CG  HG3  sing N N 26  
ARG CD  NE   sing N N 27  
ARG CD  HD2  sing N N 28  
ARG CD  HD3  sing N N 29  
ARG NE  CZ   sing N N 30  
ARG NE  HE   sing N N 31  
ARG CZ  NH1  sing N N 32  
ARG CZ  NH2  doub N N 33  
ARG NH1 HH11 sing N N 34  
ARG NH1 HH12 sing N N 35  
ARG NH2 HH21 sing N N 36  
ARG NH2 HH22 sing N N 37  
ARG OXT HXT  sing N N 38  
ASN N   CA   sing N N 39  
ASN N   H    sing N N 40  
ASN N   H2   sing N N 41  
ASN CA  C    sing N N 42  
ASN CA  CB   sing N N 43  
ASN CA  HA   sing N N 44  
ASN C   O    doub N N 45  
ASN C   OXT  sing N N 46  
ASN CB  CG   sing N N 47  
ASN CB  HB2  sing N N 48  
ASN CB  HB3  sing N N 49  
ASN CG  OD1  doub N N 50  
ASN CG  ND2  sing N N 51  
ASN ND2 HD21 sing N N 52  
ASN ND2 HD22 sing N N 53  
ASN OXT HXT  sing N N 54  
ASP N   CA   sing N N 55  
ASP N   H    sing N N 56  
ASP N   H2   sing N N 57  
ASP CA  C    sing N N 58  
ASP CA  CB   sing N N 59  
ASP CA  HA   sing N N 60  
ASP C   O    doub N N 61  
ASP C   OXT  sing N N 62  
ASP CB  CG   sing N N 63  
ASP CB  HB2  sing N N 64  
ASP CB  HB3  sing N N 65  
ASP CG  OD1  doub N N 66  
ASP CG  OD2  sing N N 67  
ASP OD2 HD2  sing N N 68  
ASP OXT HXT  sing N N 69  
CYS N   CA   sing N N 70  
CYS N   H    sing N N 71  
CYS N   H2   sing N N 72  
CYS CA  C    sing N N 73  
CYS CA  CB   sing N N 74  
CYS CA  HA   sing N N 75  
CYS C   O    doub N N 76  
CYS C   OXT  sing N N 77  
CYS CB  SG   sing N N 78  
CYS CB  HB2  sing N N 79  
CYS CB  HB3  sing N N 80  
CYS SG  HG   sing N N 81  
CYS OXT HXT  sing N N 82  
EDO C1  O1   sing N N 83  
EDO C1  C2   sing N N 84  
EDO C1  H11  sing N N 85  
EDO C1  H12  sing N N 86  
EDO O1  HO1  sing N N 87  
EDO C2  O2   sing N N 88  
EDO C2  H21  sing N N 89  
EDO C2  H22  sing N N 90  
EDO O2  HO2  sing N N 91  
GLN N   CA   sing N N 92  
GLN N   H    sing N N 93  
GLN N   H2   sing N N 94  
GLN CA  C    sing N N 95  
GLN CA  CB   sing N N 96  
GLN CA  HA   sing N N 97  
GLN C   O    doub N N 98  
GLN C   OXT  sing N N 99  
GLN CB  CG   sing N N 100 
GLN CB  HB2  sing N N 101 
GLN CB  HB3  sing N N 102 
GLN CG  CD   sing N N 103 
GLN CG  HG2  sing N N 104 
GLN CG  HG3  sing N N 105 
GLN CD  OE1  doub N N 106 
GLN CD  NE2  sing N N 107 
GLN NE2 HE21 sing N N 108 
GLN NE2 HE22 sing N N 109 
GLN OXT HXT  sing N N 110 
GLU N   CA   sing N N 111 
GLU N   H    sing N N 112 
GLU N   H2   sing N N 113 
GLU CA  C    sing N N 114 
GLU CA  CB   sing N N 115 
GLU CA  HA   sing N N 116 
GLU C   O    doub N N 117 
GLU C   OXT  sing N N 118 
GLU CB  CG   sing N N 119 
GLU CB  HB2  sing N N 120 
GLU CB  HB3  sing N N 121 
GLU CG  CD   sing N N 122 
GLU CG  HG2  sing N N 123 
GLU CG  HG3  sing N N 124 
GLU CD  OE1  doub N N 125 
GLU CD  OE2  sing N N 126 
GLU OE2 HE2  sing N N 127 
GLU OXT HXT  sing N N 128 
GLY N   CA   sing N N 129 
GLY N   H    sing N N 130 
GLY N   H2   sing N N 131 
GLY CA  C    sing N N 132 
GLY CA  HA2  sing N N 133 
GLY CA  HA3  sing N N 134 
GLY C   O    doub N N 135 
GLY C   OXT  sing N N 136 
GLY OXT HXT  sing N N 137 
HIS N   CA   sing N N 138 
HIS N   H    sing N N 139 
HIS N   H2   sing N N 140 
HIS CA  C    sing N N 141 
HIS CA  CB   sing N N 142 
HIS CA  HA   sing N N 143 
HIS C   O    doub N N 144 
HIS C   OXT  sing N N 145 
HIS CB  CG   sing N N 146 
HIS CB  HB2  sing N N 147 
HIS CB  HB3  sing N N 148 
HIS CG  ND1  sing Y N 149 
HIS CG  CD2  doub Y N 150 
HIS ND1 CE1  doub Y N 151 
HIS ND1 HD1  sing N N 152 
HIS CD2 NE2  sing Y N 153 
HIS CD2 HD2  sing N N 154 
HIS CE1 NE2  sing Y N 155 
HIS CE1 HE1  sing N N 156 
HIS NE2 HE2  sing N N 157 
HIS OXT HXT  sing N N 158 
HOH O   H1   sing N N 159 
HOH O   H2   sing N N 160 
IJ3 BR1 C7   sing N N 161 
IJ3 C7  C6   sing N N 162 
IJ3 C6  C5   sing N N 163 
IJ3 C5  N2   sing N N 164 
IJ3 N2  C4   sing N N 165 
IJ3 C1  C2   sing N N 166 
IJ3 C4  O2   doub N N 167 
IJ3 C4  C3   sing N N 168 
IJ3 N1  C2   sing N N 169 
IJ3 N1  C3   sing N N 170 
IJ3 C2  O1   doub N N 171 
IJ3 C3  C8   sing N N 172 
IJ3 C8  C10  sing N N 173 
IJ3 C8  C9   sing N N 174 
IJ3 C5  H1   sing N N 175 
IJ3 C5  H2   sing N N 176 
IJ3 C6  H3   sing N N 177 
IJ3 C6  H4   sing N N 178 
IJ3 C7  H5   sing N N 179 
IJ3 C7  H6   sing N N 180 
IJ3 C8  H7   sing N N 181 
IJ3 C9  H8   sing N N 182 
IJ3 C9  H9   sing N N 183 
IJ3 C9  H10  sing N N 184 
IJ3 C10 H11  sing N N 185 
IJ3 C10 H12  sing N N 186 
IJ3 C10 H13  sing N N 187 
IJ3 N1  H14  sing N N 188 
IJ3 N2  H15  sing N N 189 
IJ3 C3  H16  sing N N 190 
IJ3 C1  H17  sing N N 191 
IJ3 C1  H18  sing N N 192 
IJ3 C1  H19  sing N N 193 
ILE N   CA   sing N N 194 
ILE N   H    sing N N 195 
ILE N   H2   sing N N 196 
ILE CA  C    sing N N 197 
ILE CA  CB   sing N N 198 
ILE CA  HA   sing N N 199 
ILE C   O    doub N N 200 
ILE C   OXT  sing N N 201 
ILE CB  CG1  sing N N 202 
ILE CB  CG2  sing N N 203 
ILE CB  HB   sing N N 204 
ILE CG1 CD1  sing N N 205 
ILE CG1 HG12 sing N N 206 
ILE CG1 HG13 sing N N 207 
ILE CG2 HG21 sing N N 208 
ILE CG2 HG22 sing N N 209 
ILE CG2 HG23 sing N N 210 
ILE CD1 HD11 sing N N 211 
ILE CD1 HD12 sing N N 212 
ILE CD1 HD13 sing N N 213 
ILE OXT HXT  sing N N 214 
LEU N   CA   sing N N 215 
LEU N   H    sing N N 216 
LEU N   H2   sing N N 217 
LEU CA  C    sing N N 218 
LEU CA  CB   sing N N 219 
LEU CA  HA   sing N N 220 
LEU C   O    doub N N 221 
LEU C   OXT  sing N N 222 
LEU CB  CG   sing N N 223 
LEU CB  HB2  sing N N 224 
LEU CB  HB3  sing N N 225 
LEU CG  CD1  sing N N 226 
LEU CG  CD2  sing N N 227 
LEU CG  HG   sing N N 228 
LEU CD1 HD11 sing N N 229 
LEU CD1 HD12 sing N N 230 
LEU CD1 HD13 sing N N 231 
LEU CD2 HD21 sing N N 232 
LEU CD2 HD22 sing N N 233 
LEU CD2 HD23 sing N N 234 
LEU OXT HXT  sing N N 235 
LYS N   CA   sing N N 236 
LYS N   H    sing N N 237 
LYS N   H2   sing N N 238 
LYS CA  C    sing N N 239 
LYS CA  CB   sing N N 240 
LYS CA  HA   sing N N 241 
LYS C   O    doub N N 242 
LYS C   OXT  sing N N 243 
LYS CB  CG   sing N N 244 
LYS CB  HB2  sing N N 245 
LYS CB  HB3  sing N N 246 
LYS CG  CD   sing N N 247 
LYS CG  HG2  sing N N 248 
LYS CG  HG3  sing N N 249 
LYS CD  CE   sing N N 250 
LYS CD  HD2  sing N N 251 
LYS CD  HD3  sing N N 252 
LYS CE  NZ   sing N N 253 
LYS CE  HE2  sing N N 254 
LYS CE  HE3  sing N N 255 
LYS NZ  HZ1  sing N N 256 
LYS NZ  HZ2  sing N N 257 
LYS NZ  HZ3  sing N N 258 
LYS OXT HXT  sing N N 259 
MET N   CA   sing N N 260 
MET N   H    sing N N 261 
MET N   H2   sing N N 262 
MET CA  C    sing N N 263 
MET CA  CB   sing N N 264 
MET CA  HA   sing N N 265 
MET C   O    doub N N 266 
MET C   OXT  sing N N 267 
MET CB  CG   sing N N 268 
MET CB  HB2  sing N N 269 
MET CB  HB3  sing N N 270 
MET CG  SD   sing N N 271 
MET CG  HG2  sing N N 272 
MET CG  HG3  sing N N 273 
MET SD  CE   sing N N 274 
MET CE  HE1  sing N N 275 
MET CE  HE2  sing N N 276 
MET CE  HE3  sing N N 277 
MET OXT HXT  sing N N 278 
PHE N   CA   sing N N 279 
PHE N   H    sing N N 280 
PHE N   H2   sing N N 281 
PHE CA  C    sing N N 282 
PHE CA  CB   sing N N 283 
PHE CA  HA   sing N N 284 
PHE C   O    doub N N 285 
PHE C   OXT  sing N N 286 
PHE CB  CG   sing N N 287 
PHE CB  HB2  sing N N 288 
PHE CB  HB3  sing N N 289 
PHE CG  CD1  doub Y N 290 
PHE CG  CD2  sing Y N 291 
PHE CD1 CE1  sing Y N 292 
PHE CD1 HD1  sing N N 293 
PHE CD2 CE2  doub Y N 294 
PHE CD2 HD2  sing N N 295 
PHE CE1 CZ   doub Y N 296 
PHE CE1 HE1  sing N N 297 
PHE CE2 CZ   sing Y N 298 
PHE CE2 HE2  sing N N 299 
PHE CZ  HZ   sing N N 300 
PHE OXT HXT  sing N N 301 
PRO N   CA   sing N N 302 
PRO N   CD   sing N N 303 
PRO N   H    sing N N 304 
PRO CA  C    sing N N 305 
PRO CA  CB   sing N N 306 
PRO CA  HA   sing N N 307 
PRO C   O    doub N N 308 
PRO C   OXT  sing N N 309 
PRO CB  CG   sing N N 310 
PRO CB  HB2  sing N N 311 
PRO CB  HB3  sing N N 312 
PRO CG  CD   sing N N 313 
PRO CG  HG2  sing N N 314 
PRO CG  HG3  sing N N 315 
PRO CD  HD2  sing N N 316 
PRO CD  HD3  sing N N 317 
PRO OXT HXT  sing N N 318 
SER N   CA   sing N N 319 
SER N   H    sing N N 320 
SER N   H2   sing N N 321 
SER CA  C    sing N N 322 
SER CA  CB   sing N N 323 
SER CA  HA   sing N N 324 
SER C   O    doub N N 325 
SER C   OXT  sing N N 326 
SER CB  OG   sing N N 327 
SER CB  HB2  sing N N 328 
SER CB  HB3  sing N N 329 
SER OG  HG   sing N N 330 
SER OXT HXT  sing N N 331 
SO4 S   O1   doub N N 332 
SO4 S   O2   doub N N 333 
SO4 S   O3   sing N N 334 
SO4 S   O4   sing N N 335 
THR N   CA   sing N N 336 
THR N   H    sing N N 337 
THR N   H2   sing N N 338 
THR CA  C    sing N N 339 
THR CA  CB   sing N N 340 
THR CA  HA   sing N N 341 
THR C   O    doub N N 342 
THR C   OXT  sing N N 343 
THR CB  OG1  sing N N 344 
THR CB  CG2  sing N N 345 
THR CB  HB   sing N N 346 
THR OG1 HG1  sing N N 347 
THR CG2 HG21 sing N N 348 
THR CG2 HG22 sing N N 349 
THR CG2 HG23 sing N N 350 
THR OXT HXT  sing N N 351 
TYR N   CA   sing N N 352 
TYR N   H    sing N N 353 
TYR N   H2   sing N N 354 
TYR CA  C    sing N N 355 
TYR CA  CB   sing N N 356 
TYR CA  HA   sing N N 357 
TYR C   O    doub N N 358 
TYR C   OXT  sing N N 359 
TYR CB  CG   sing N N 360 
TYR CB  HB2  sing N N 361 
TYR CB  HB3  sing N N 362 
TYR CG  CD1  doub Y N 363 
TYR CG  CD2  sing Y N 364 
TYR CD1 CE1  sing Y N 365 
TYR CD1 HD1  sing N N 366 
TYR CD2 CE2  doub Y N 367 
TYR CD2 HD2  sing N N 368 
TYR CE1 CZ   doub Y N 369 
TYR CE1 HE1  sing N N 370 
TYR CE2 CZ   sing Y N 371 
TYR CE2 HE2  sing N N 372 
TYR CZ  OH   sing N N 373 
TYR OH  HH   sing N N 374 
TYR OXT HXT  sing N N 375 
VAL N   CA   sing N N 376 
VAL N   H    sing N N 377 
VAL N   H2   sing N N 378 
VAL CA  C    sing N N 379 
VAL CA  CB   sing N N 380 
VAL CA  HA   sing N N 381 
VAL C   O    doub N N 382 
VAL C   OXT  sing N N 383 
VAL CB  CG1  sing N N 384 
VAL CB  CG2  sing N N 385 
VAL CB  HB   sing N N 386 
VAL CG1 HG11 sing N N 387 
VAL CG1 HG12 sing N N 388 
VAL CG1 HG13 sing N N 389 
VAL CG2 HG21 sing N N 390 
VAL CG2 HG22 sing N N 391 
VAL CG2 HG23 sing N N 392 
VAL OXT HXT  sing N N 393 
# 
loop_
_pdbx_audit_support.funding_organization 
_pdbx_audit_support.country 
_pdbx_audit_support.grant_number 
_pdbx_audit_support.ordinal 
'Cancer Research UK' 'United Kingdom' C57659/A27310 1 
'Cancer Research UK' 'United Kingdom' C1362/A20263  2 
'Cancer Research UK' 'United Kingdom' C2215/A21421  3 
# 
_pdbx_entity_instance_feature.ordinal        1 
_pdbx_entity_instance_feature.comp_id        IJ3 
_pdbx_entity_instance_feature.asym_id        ? 
_pdbx_entity_instance_feature.seq_num        ? 
_pdbx_entity_instance_feature.auth_comp_id   IJ3 
_pdbx_entity_instance_feature.auth_asym_id   ? 
_pdbx_entity_instance_feature.auth_seq_num   ? 
_pdbx_entity_instance_feature.feature_type   'SUBJECT OF INVESTIGATION' 
_pdbx_entity_instance_feature.details        ? 
# 
_pdbx_initial_refinement_model.id               1 
_pdbx_initial_refinement_model.entity_id_list   ? 
_pdbx_initial_refinement_model.type             'experimental model' 
_pdbx_initial_refinement_model.source_name      PDB 
_pdbx_initial_refinement_model.accession_code   3DAI 
_pdbx_initial_refinement_model.details          ? 
# 
_atom_sites.entry_id                    7Z9N 
_atom_sites.Cartn_transf_matrix[1][1]   ? 
_atom_sites.Cartn_transf_matrix[1][2]   ? 
_atom_sites.Cartn_transf_matrix[1][3]   ? 
_atom_sites.Cartn_transf_matrix[2][1]   ? 
_atom_sites.Cartn_transf_matrix[2][2]   ? 
_atom_sites.Cartn_transf_matrix[2][3]   ? 
_atom_sites.Cartn_transf_matrix[3][1]   ? 
_atom_sites.Cartn_transf_matrix[3][2]   ? 
_atom_sites.Cartn_transf_matrix[3][3]   ? 
_atom_sites.Cartn_transf_vector[1]      ? 
_atom_sites.Cartn_transf_vector[2]      ? 
_atom_sites.Cartn_transf_vector[3]      ? 
_atom_sites.fract_transf_matrix[1][1]   0.00749049 
_atom_sites.fract_transf_matrix[1][2]   -0.00952894 
_atom_sites.fract_transf_matrix[1][3]   0.00811708 
_atom_sites.fract_transf_matrix[2][1]   -0.00687946 
_atom_sites.fract_transf_matrix[2][2]   -0.00797997 
_atom_sites.fract_transf_matrix[2][3]   0.01008829 
_atom_sites.fract_transf_matrix[3][1]   -0.00123264 
_atom_sites.fract_transf_matrix[3][2]   -0.00516566 
_atom_sites.fract_transf_matrix[3][3]   -0.00492667 
_atom_sites.fract_transf_vector[1]      0.139691 
_atom_sites.fract_transf_vector[2]      0.599395 
_atom_sites.fract_transf_vector[3]      0.025571 
_atom_sites.solution_primary            ? 
_atom_sites.solution_secondary          ? 
_atom_sites.solution_hydrogens          ? 
_atom_sites.special_details             ? 
# 
loop_
_atom_type.symbol 
_atom_type.pdbx_scat_Z 
_atom_type.pdbx_N_electrons 
_atom_type.scat_Cromer_Mann_a1 
_atom_type.scat_Cromer_Mann_b1 
_atom_type.scat_Cromer_Mann_a2 
_atom_type.scat_Cromer_Mann_b2 
_atom_type.scat_Cromer_Mann_a3 
_atom_type.scat_Cromer_Mann_b3 
_atom_type.scat_Cromer_Mann_a4 
_atom_type.scat_Cromer_Mann_b4 
_atom_type.scat_Cromer_Mann_c 
BR 35 35 17.182 2.172  5.237 16.580 5.639 0.261  3.986 41.433 0.438   
C  6  6  2.310  20.844 1.020 10.208 1.589 0.569  0.865 51.651 0.216   
CL 17 17 11.460 0.010  7.196 1.166  6.255 18.519 1.645 47.778 -9.345  
N  7  7  12.222 0.006  3.135 9.893  2.014 28.997 1.167 0.583  -11.538 
O  8  8  3.049  13.277 2.287 5.701  1.546 0.324  0.867 32.909 0.251   
S  16 16 6.905  1.468  5.203 22.215 1.438 0.254  1.586 56.172 1.049   
# 
loop_
_atom_site.group_PDB 
_atom_site.id 
_atom_site.type_symbol 
_atom_site.label_atom_id 
_atom_site.label_alt_id 
_atom_site.label_comp_id 
_atom_site.label_asym_id 
_atom_site.label_entity_id 
_atom_site.label_seq_id 
_atom_site.pdbx_PDB_ins_code 
_atom_site.Cartn_x 
_atom_site.Cartn_y 
_atom_site.Cartn_z 
_atom_site.occupancy 
_atom_site.B_iso_or_equiv 
_atom_site.pdbx_formal_charge 
_atom_site.auth_seq_id 
_atom_site.auth_comp_id 
_atom_site.auth_asym_id 
_atom_site.auth_atom_id 
_atom_site.pdbx_PDB_model_num 
_atom_site.calc_flag 
ATOM   1    N  N   . SER A 1 1   ? 21.011  -8.737  13.945  1.000 36.709  ? 979  SER AAA N   1 ? 
ATOM   2    C  CA  . SER A 1 1   ? 21.479  -8.053  15.157  1.000 36.165  ? 979  SER AAA CA  1 ? 
ATOM   3    C  C   . SER A 1 1   ? 20.341  -7.209  15.716  1.000 45.470  ? 979  SER AAA C   1 ? 
ATOM   4    O  O   . SER A 1 1   ? 19.319  -7.014  15.047  1.000 39.778  ? 979  SER AAA O   1 ? 
ATOM   5    C  CB  . SER A 1 1   ? 22.641  -7.166  14.814  1.000 42.149  ? 979  SER AAA CB  1 ? 
ATOM   6    O  OG  . SER A 1 1   ? 22.204  -6.128  13.935  1.000 37.063  ? 979  SER AAA OG  1 ? 
ATOM   7    N  N   . MET A 1 2   ? 20.545  -6.673  16.918  1.000 42.263  ? 980  MET AAA N   1 ? 
ATOM   8    C  CA  . MET A 1 2   ? 19.552  -5.768  17.474  1.000 47.827  ? 980  MET AAA CA  1 ? 
ATOM   9    C  C   . MET A 1 2   ? 19.538  -4.436  16.709  1.000 39.801  ? 980  MET AAA C   1 ? 
ATOM   10   O  O   . MET A 1 2   ? 18.481  -3.820  16.574  1.000 34.631  ? 980  MET AAA O   1 ? 
ATOM   11   C  CB  . MET A 1 2   ? 19.694  -5.579  18.996  1.000 61.919  ? 980  MET AAA CB  1 ? 
ATOM   12   C  CG  . MET A 1 2   ? 21.014  -4.989  19.477  1.000 83.302  ? 980  MET AAA CG  1 ? 
ATOM   13   S  SD  . MET A 1 2   ? 20.835  -3.327  20.211  1.000 113.101 ? 980  MET AAA SD  1 ? 
ATOM   14   C  CE  . MET A 1 2   ? 22.428  -3.119  21.009  1.000 89.404  ? 980  MET AAA CE  1 ? 
ATOM   15   N  N   . GLN A 1 3   ? 20.677  -3.989  16.168  1.000 35.709  ? 981  GLN AAA N   1 ? 
ATOM   16   C  CA  . GLN A 1 3   ? 20.692  -2.777  15.359  1.000 35.963  ? 981  GLN AAA CA  1 ? 
ATOM   17   C  C   . GLN A 1 3   ? 19.798  -2.982  14.127  1.000 33.546  ? 981  GLN AAA C   1 ? 
ATOM   18   O  O   . GLN A 1 3   ? 19.088  -2.057  13.717  1.000 31.477  ? 981  GLN AAA O   1 ? 
ATOM   19   C  CB  . GLN A 1 3   ? 22.119  -2.397  14.935  1.000 42.688  ? 981  GLN AAA CB  1 ? 
ATOM   20   C  CG  . GLN A 1 3   ? 23.100  -2.281  16.104  1.000 55.578  ? 981  GLN AAA CG  1 ? 
ATOM   21   C  CD  . GLN A 1 3   ? 23.742  -3.608  16.456  1.000 60.111  ? 981  GLN AAA CD  1 ? 
ATOM   22   O  OE1 . GLN A 1 3   ? 24.417  -4.230  15.637  1.000 74.014  ? 981  GLN AAA OE1 1 ? 
ATOM   23   N  NE2 . GLN A 1 3   ? 23.525  -4.062  17.680  1.000 63.170  ? 981  GLN AAA NE2 1 ? 
ATOM   24   N  N   . GLU A 1 4   ? 19.860  -4.159  13.503  1.000 27.670  ? 982  GLU AAA N   1 ? 
ATOM   25   C  CA  . GLU A 1 4   ? 19.049  -4.432  12.319  1.000 25.915  ? 982  GLU AAA CA  1 ? 
ATOM   26   C  C   . GLU A 1 4   ? 17.597  -4.502  12.742  1.000 26.113  ? 982  GLU AAA C   1 ? 
ATOM   27   O  O   . GLU A 1 4   ? 16.737  -4.022  11.984  1.000 20.791  ? 982  GLU AAA O   1 ? 
ATOM   28   C  CB  . GLU A 1 4   ? 19.450  -5.740  11.636  1.000 27.169  ? 982  GLU AAA CB  1 ? 
ATOM   29   C  CG  . GLU A 1 4   ? 20.776  -5.553  10.938  1.000 28.864  ? 982  GLU AAA CG  1 ? 
ATOM   30   C  CD  . GLU A 1 4   ? 21.421  -6.847  10.474  1.000 38.078  ? 982  GLU AAA CD  1 ? 
ATOM   31   O  OE1 . GLU A 1 4   ? 20.952  -7.936  10.903  1.000 38.772  ? 982  GLU AAA OE1 1 ? 
ATOM   32   O  OE2 . GLU A 1 4   ? 22.354  -6.758  9.661   1.000 32.880  ? 982  GLU AAA OE2 1 ? 
ATOM   33   N  N   . GLU A 1 5   ? 17.270  -5.099  13.878  1.000 23.543  ? 983  GLU AAA N   1 ? 
ATOM   34   C  CA  . GLU A 1 5   ? 15.888  -5.164  14.332  1.000 23.856  ? 983  GLU AAA CA  1 ? 
ATOM   35   C  C   . GLU A 1 5   ? 15.383  -3.741  14.571  1.000 23.497  ? 983  GLU AAA C   1 ? 
ATOM   36   O  O   . GLU A 1 5   ? 14.213  -3.441  14.281  1.000 22.041  ? 983  GLU AAA O   1 ? 
ATOM   37   C  CB  . GLU A 1 5   ? 15.737  -6.033  15.598  1.000 32.169  ? 983  GLU AAA CB  1 ? 
ATOM   38   C  CG  . GLU A 1 5   ? 16.024  -7.522  15.249  1.000 41.892  ? 983  GLU AAA CG  1 ? 
ATOM   39   C  CD  . GLU A 1 5   ? 15.490  -7.588  13.725  1.000 59.095  ? 983  GLU AAA CD  1 ? 
ATOM   40   O  OE1 . GLU A 1 5   ? 16.142  -7.951  13.045  1.000 68.789  ? 983  GLU AAA OE1 1 ? 
ATOM   41   O  OE2 . GLU A 1 5   ? 14.074  -8.316  14.062  1.000 76.101  ? 983  GLU AAA OE2 1 ? 
ATOM   42   N  N   . ASP A 1 6   ? 16.212  -2.870  15.115  1.000 21.453  ? 984  ASP AAA N   1 ? 
ATOM   43   C  CA  . ASP A 1 6   ? 15.843  -1.480  15.318  1.000 23.126  ? 984  ASP AAA CA  1 ? 
ATOM   44   C  C   . ASP A 1 6   ? 15.535  -0.830  13.956  1.000 21.006  ? 984  ASP AAA C   1 ? 
ATOM   45   O  O   . ASP A 1 6   ? 14.631  0.028   13.889  1.000 20.506  ? 984  ASP AAA O   1 ? 
ATOM   46   C  CB  . ASP A 1 6   ? 16.971  -0.658  15.958  1.000 27.666  ? 984  ASP AAA CB  1 ? 
ATOM   47   C  CG  . ASP A 1 6   ? 17.239  -0.918  17.438  1.000 35.796  ? 984  ASP AAA CG  1 ? 
ATOM   48   O  OD1 . ASP A 1 6   ? 16.362  -1.428  18.092  1.000 35.694  ? 984  ASP AAA OD1 1 ? 
ATOM   49   O  OD2 . ASP A 1 6   ? 18.384  -0.624  17.886  1.000 45.742  ? 984  ASP AAA OD2 1 ? 
ATOM   50   N  N   . THR A 1 7   ? 16.325  -1.099  12.918  1.000 18.422  ? 985  THR AAA N   1 ? 
ATOM   51   C  CA  . THR A 1 7   ? 16.109  -0.534  11.589  1.000 17.852  ? 985  THR AAA CA  1 ? 
ATOM   52   C  C   . THR A 1 7   ? 14.737  -0.982  11.090  1.000 18.175  ? 985  THR AAA C   1 ? 
ATOM   53   O  O   . THR A 1 7   ? 13.948  -0.105  10.624  1.000 16.334  ? 985  THR AAA O   1 ? 
ATOM   54   C  CB  . THR A 1 7   ? 17.168  -1.025  10.616  1.000 18.274  ? 985  THR AAA CB  1 ? 
ATOM   55   O  OG1 . THR A 1 7   ? 18.440  -0.532  11.080  1.000 22.054  ? 985  THR AAA OG1 1 ? 
ATOM   56   C  CG2 . THR A 1 7   ? 16.999  -0.480  9.217   1.000 20.108  ? 985  THR AAA CG2 1 ? 
ATOM   57   N  N   . PHE A 1 8   ? 14.374  -2.257  11.174  1.000 17.402  ? 986  PHE AAA N   1 ? 
ATOM   58   C  CA  . PHE A 1 8   ? 13.094  -2.703  10.663  1.000 17.638  ? 986  PHE AAA CA  1 ? 
ATOM   59   C  C   . PHE A 1 8   ? 11.983  -2.121  11.520  1.000 17.603  ? 986  PHE AAA C   1 ? 
ATOM   60   O  O   . PHE A 1 8   ? 10.882  -1.867  10.989  1.000 17.335  ? 986  PHE AAA O   1 ? 
ATOM   61   C  CB  . PHE A 1 8   ? 13.063  -4.240  10.547  1.000 19.302  ? 986  PHE AAA CB  1 ? 
ATOM   62   C  CG  . PHE A 1 8   ? 13.924  -4.785  9.451   1.000 21.024  ? 986  PHE AAA CG  1 ? 
ATOM   63   C  CD1 . PHE A 1 8   ? 13.984  -4.224  8.177   1.000 23.435  ? 986  PHE AAA CD1 1 ? 
ATOM   64   C  CD2 . PHE A 1 8   ? 14.740  -5.878  9.722   1.000 24.055  ? 986  PHE AAA CD2 1 ? 
ATOM   65   C  CE1 . PHE A 1 8   ? 14.790  -4.738  7.158   1.000 24.150  ? 986  PHE AAA CE1 1 ? 
ATOM   66   C  CE2 . PHE A 1 8   ? 15.494  -6.414  8.697   1.000 23.577  ? 986  PHE AAA CE2 1 ? 
ATOM   67   C  CZ  . PHE A 1 8   ? 15.552  -5.874  7.428   1.000 24.923  ? 986  PHE AAA CZ  1 ? 
ATOM   68   N  N   A ARG A 1 9   ? 12.204  -1.955  12.810  0.500 17.116  ? 987  ARG AAA N   1 ? 
ATOM   69   N  N   B ARG A 1 9   ? 12.156  -1.886  12.816  0.500 17.861  ? 987  ARG AAA N   1 ? 
ATOM   70   C  CA  A ARG A 1 9   ? 11.174  -1.343  13.621  0.500 15.842  ? 987  ARG AAA CA  1 ? 
ATOM   71   C  CA  B ARG A 1 9   ? 11.067  -1.311  13.605  0.500 17.216  ? 987  ARG AAA CA  1 ? 
ATOM   72   C  C   A ARG A 1 9   ? 10.877  0.051   13.057  0.500 14.427  ? 987  ARG AAA C   1 ? 
ATOM   73   C  C   B ARG A 1 9   ? 10.851  0.172   13.243  0.500 15.308  ? 987  ARG AAA C   1 ? 
ATOM   74   O  O   A ARG A 1 9   ? 9.697   0.333   12.825  0.500 13.318  ? 987  ARG AAA O   1 ? 
ATOM   75   O  O   B ARG A 1 9   ? 9.714   0.676   13.297  0.500 14.360  ? 987  ARG AAA O   1 ? 
ATOM   76   C  CB  A ARG A 1 9   ? 11.559  -1.292  15.102  0.500 17.822  ? 987  ARG AAA CB  1 ? 
ATOM   77   C  CB  B ARG A 1 9   ? 11.358  -1.481  15.101  0.500 20.436  ? 987  ARG AAA CB  1 ? 
ATOM   78   C  CG  A ARG A 1 9   ? 10.451  -0.748  15.994  0.500 17.952  ? 987  ARG AAA CG  1 ? 
ATOM   79   C  CG  B ARG A 1 9   ? 10.168  -1.253  16.024  0.500 23.213  ? 987  ARG AAA CG  1 ? 
ATOM   80   C  CD  A ARG A 1 9   ? 10.417  -1.310  17.427  0.500 21.372  ? 987  ARG AAA CD  1 ? 
ATOM   81   C  CD  B ARG A 1 9   ? 10.563  -1.574  17.482  0.500 26.377  ? 987  ARG AAA CD  1 ? 
ATOM   82   N  NE  A ARG A 1 9   ? 9.320   -0.733  18.197  0.500 21.907  ? 987  ARG AAA NE  1 ? 
ATOM   83   N  NE  B ARG A 1 9   ? 11.076  -2.930  17.697  0.500 29.929  ? 987  ARG AAA NE  1 ? 
ATOM   84   C  CZ  A ARG A 1 9   ? 9.390   0.444   18.854  0.500 18.034  ? 987  ARG AAA CZ  1 ? 
ATOM   85   C  CZ  B ARG A 1 9   ? 12.347  -3.254  17.967  0.500 30.089  ? 987  ARG AAA CZ  1 ? 
ATOM   86   N  NH1 A ARG A 1 9   ? 10.443  1.260   18.807  0.500 21.904  ? 987  ARG AAA NH1 1 ? 
ATOM   87   N  NH1 B ARG A 1 9   ? 13.281  -2.329  18.134  0.500 29.590  ? 987  ARG AAA NH1 1 ? 
ATOM   88   N  NH2 A ARG A 1 9   ? 8.318   0.832   19.522  0.500 25.358  ? 987  ARG AAA NH2 1 ? 
ATOM   89   N  NH2 B ARG A 1 9   ? 12.675  -4.522  18.096  0.500 32.162  ? 987  ARG AAA NH2 1 ? 
ATOM   90   N  N   . GLU A 1 10  ? 11.922  0.861   12.863  1.000 15.487  ? 988  GLU AAA N   1 ? 
ATOM   91   C  CA  . GLU A 1 10  ? 11.761  2.230   12.358  1.000 15.035  ? 988  GLU AAA CA  1 ? 
ATOM   92   C  C   . GLU A 1 10  ? 11.041  2.163   11.007  1.000 15.031  ? 988  GLU AAA C   1 ? 
ATOM   93   O  O   . GLU A 1 10  ? 10.112  2.996   10.781  1.000 14.836  ? 988  GLU AAA O   1 ? 
ATOM   94   C  CB  . GLU A 1 10  ? 13.099  2.938   12.257  1.000 15.342  ? 988  GLU AAA CB  1 ? 
ATOM   95   C  CG  . GLU A 1 10  ? 12.907  4.300   11.615  1.000 15.503  ? 988  GLU AAA CG  1 ? 
ATOM   96   C  CD  . GLU A 1 10  ? 14.023  5.292   11.825  1.000 18.589  ? 988  GLU AAA CD  1 ? 
ATOM   97   O  OE1 . GLU A 1 10  ? 13.981  6.414   11.269  1.000 18.928  ? 988  GLU AAA OE1 1 ? 
ATOM   98   O  OE2 . GLU A 1 10  ? 15.019  4.942   12.505  1.000 20.862  ? 988  GLU AAA OE2 1 ? 
ATOM   99   N  N   . LEU A 1 11  ? 11.331  1.211   10.148  1.000 14.190  ? 989  LEU AAA N   1 ? 
ATOM   100  C  CA  . LEU A 1 11  ? 10.638  1.074   8.875   1.000 13.679  ? 989  LEU AAA CA  1 ? 
ATOM   101  C  C   . LEU A 1 11  ? 9.174   0.851   9.182   1.000 14.674  ? 989  LEU AAA C   1 ? 
ATOM   102  O  O   . LEU A 1 11  ? 8.307   1.513   8.539   1.000 14.688  ? 989  LEU AAA O   1 ? 
ATOM   103  C  CB  . LEU A 1 11  ? 11.209  -0.115  8.094   1.000 15.427  ? 989  LEU AAA CB  1 ? 
ATOM   104  C  CG  . LEU A 1 11  ? 10.398  -0.422  6.816   1.000 16.545  ? 989  LEU AAA CG  1 ? 
ATOM   105  C  CD1 . LEU A 1 11  ? 10.470  0.709   5.794   1.000 18.025  ? 989  LEU AAA CD1 1 ? 
ATOM   106  C  CD2 . LEU A 1 11  ? 10.917  -1.725  6.205   1.000 20.685  ? 989  LEU AAA CD2 1 ? 
ATOM   107  N  N   . ARG A 1 12  ? 8.772   -0.037  10.092  1.000 14.300  ? 990  ARG AAA N   1 ? 
ATOM   108  C  CA  . ARG A 1 12  ? 7.355   -0.277  10.336  1.000 14.285  ? 990  ARG AAA CA  1 ? 
ATOM   109  C  C   . ARG A 1 12  ? 6.691   0.962   10.874  1.000 13.941  ? 990  ARG AAA C   1 ? 
ATOM   110  O  O   . ARG A 1 12  ? 5.528   1.241   10.462  1.000 14.615  ? 990  ARG AAA O   1 ? 
ATOM   111  C  CB  . ARG A 1 12  ? 7.215   -1.416  11.368  1.000 15.489  ? 990  ARG AAA CB  1 ? 
ATOM   112  C  CG  . ARG A 1 12  ? 7.632   -2.747  10.763  1.000 15.488  ? 990  ARG AAA CG  1 ? 
ATOM   113  C  CD  . ARG A 1 12  ? 7.215   -3.923  11.683  1.000 16.780  ? 990  ARG AAA CD  1 ? 
ATOM   114  N  NE  . ARG A 1 12  ? 7.839   -3.888  13.027  1.000 17.216  ? 990  ARG AAA NE  1 ? 
ATOM   115  C  CZ  . ARG A 1 12  ? 9.016   -4.456  13.328  1.000 18.079  ? 990  ARG AAA CZ  1 ? 
ATOM   116  N  NH1 . ARG A 1 12  ? 9.764   -4.998  12.388  1.000 18.832  ? 990  ARG AAA NH1 1 ? 
ATOM   117  N  NH2 . ARG A 1 12  ? 9.375   -4.375  14.601  1.000 19.881  ? 990  ARG AAA NH2 1 ? 
ATOM   118  N  N   . ILE A 1 13  ? 7.312   1.736   11.753  1.000 13.857  ? 991  ILE AAA N   1 ? 
ATOM   119  C  CA  . ILE A 1 13  ? 6.693   2.971   12.259  1.000 14.325  ? 991  ILE AAA CA  1 ? 
ATOM   120  C  C   . ILE A 1 13  ? 6.472   3.925   11.070  1.000 13.505  ? 991  ILE AAA C   1 ? 
ATOM   121  O  O   . ILE A 1 13  ? 5.354   4.500   10.985  1.000 13.832  ? 991  ILE AAA O   1 ? 
ATOM   122  C  CB  . ILE A 1 13  ? 7.591   3.584   13.360  1.000 15.686  ? 991  ILE AAA CB  1 ? 
ATOM   123  C  CG1 . ILE A 1 13  ? 7.605   2.625   14.571  1.000 18.171  ? 991  ILE AAA CG1 1 ? 
ATOM   124  C  CG2 . ILE A 1 13  ? 7.126   4.994   13.713  1.000 16.925  ? 991  ILE AAA CG2 1 ? 
ATOM   125  C  CD1 . ILE A 1 13  ? 8.781   2.856   15.540  1.000 21.353  ? 991  ILE AAA CD1 1 ? 
ATOM   126  N  N   . PHE A 1 14  ? 7.445   4.083   10.204  1.000 13.249  ? 992  PHE AAA N   1 ? 
ATOM   127  C  CA  . PHE A 1 14  ? 7.310   4.978   9.049   1.000 13.363  ? 992  PHE AAA CA  1 ? 
ATOM   128  C  C   . PHE A 1 14  ? 6.168   4.474   8.184   1.000 13.407  ? 992  PHE AAA C   1 ? 
ATOM   129  O  O   . PHE A 1 14  ? 5.289   5.295   7.787   1.000 13.530  ? 992  PHE AAA O   1 ? 
ATOM   130  C  CB  . PHE A 1 14  ? 8.632   4.993   8.288   1.000 15.151  ? 992  PHE AAA CB  1 ? 
ATOM   131  C  CG  . PHE A 1 14  ? 8.561   5.737   6.980   1.000 15.590  ? 992  PHE AAA CG  1 ? 
ATOM   132  C  CD1 . PHE A 1 14  ? 8.467   7.119   7.008   1.000 17.795  ? 992  PHE AAA CD1 1 ? 
ATOM   133  C  CD2 . PHE A 1 14  ? 8.557   5.040   5.799   1.000 18.259  ? 992  PHE AAA CD2 1 ? 
ATOM   134  C  CE1 . PHE A 1 14  ? 8.369   7.822   5.781   1.000 18.240  ? 992  PHE AAA CE1 1 ? 
ATOM   135  C  CE2 . PHE A 1 14  ? 8.454   5.755   4.583   1.000 19.012  ? 992  PHE AAA CE2 1 ? 
ATOM   136  C  CZ  . PHE A 1 14  ? 8.410   7.100   4.619   1.000 17.851  ? 992  PHE AAA CZ  1 ? 
ATOM   137  N  N   . LEU A 1 15  ? 6.089   3.180   7.866   1.000 13.029  ? 993  LEU AAA N   1 ? 
ATOM   138  C  CA  . LEU A 1 15  ? 5.038   2.679   6.973   1.000 13.272  ? 993  LEU AAA CA  1 ? 
ATOM   139  C  C   . LEU A 1 15  ? 3.688   2.807   7.638   1.000 13.091  ? 993  LEU AAA C   1 ? 
ATOM   140  O  O   . LEU A 1 15  ? 2.681   3.090   6.920   1.000 13.993  ? 993  LEU AAA O   1 ? 
ATOM   141  C  CB  . LEU A 1 15  ? 5.300   1.228   6.582   1.000 14.162  ? 993  LEU AAA CB  1 ? 
ATOM   142  C  CG  . LEU A 1 15  ? 6.580   1.002   5.771   1.000 15.406  ? 993  LEU AAA CG  1 ? 
ATOM   143  C  CD1 . LEU A 1 15  ? 6.758   -0.509  5.454   1.000 16.436  ? 993  LEU AAA CD1 1 ? 
ATOM   144  C  CD2 . LEU A 1 15  ? 6.557   1.848   4.483   1.000 16.813  ? 993  LEU AAA CD2 1 ? 
ATOM   145  N  N   . ARG A 1 16  ? 3.510   2.594   8.931   1.000 13.386  ? 994  ARG AAA N   1 ? 
ATOM   146  C  CA  . ARG A 1 16  ? 2.216   2.735   9.558   1.000 14.205  ? 994  ARG AAA CA  1 ? 
ATOM   147  C  C   . ARG A 1 16  ? 1.789   4.192   9.472   1.000 13.859  ? 994  ARG AAA C   1 ? 
ATOM   148  O  O   . ARG A 1 16  ? 0.581   4.483   9.272   1.000 15.369  ? 994  ARG AAA O   1 ? 
ATOM   149  C  CB  . ARG A 1 16  ? 2.219   2.382   11.051  1.000 17.367  ? 994  ARG AAA CB  1 ? 
ATOM   150  C  CG  . ARG A 1 16  ? 2.369   0.905   11.325  1.000 19.181  ? 994  ARG AAA CG  1 ? 
ATOM   151  C  CD  . ARG A 1 16  ? 1.968   0.703   12.802  1.000 18.174  ? 994  ARG AAA CD  1 ? 
ATOM   152  N  NE  . ARG A 1 16  ? 2.564   -0.589  13.100  1.000 19.877  ? 994  ARG AAA NE  1 ? 
ATOM   153  C  CZ  . ARG A 1 16  ? 3.772   -0.886  13.504  1.000 18.166  ? 994  ARG AAA CZ  1 ? 
ATOM   154  N  NH1 . ARG A 1 16  ? 4.601   0.045   13.926  1.000 17.241  ? 994  ARG AAA NH1 1 ? 
ATOM   155  N  NH2 . ARG A 1 16  ? 4.142   -2.168  13.565  1.000 21.899  ? 994  ARG AAA NH2 1 ? 
ATOM   156  N  N   . ASN A 1 17  ? 2.689   5.146   9.633   1.000 13.788  ? 995  ASN AAA N   1 ? 
ATOM   157  C  CA  . ASN A 1 17  ? 2.308   6.562   9.570   1.000 14.019  ? 995  ASN AAA CA  1 ? 
ATOM   158  C  C   . ASN A 1 17  ? 1.887   6.919   8.129   1.000 13.924  ? 995  ASN AAA C   1 ? 
ATOM   159  O  O   . ASN A 1 17  ? 0.852   7.603   7.989   1.000 14.443  ? 995  ASN AAA O   1 ? 
ATOM   160  C  CB  . ASN A 1 17  ? 3.514   7.398   10.050  1.000 15.169  ? 995  ASN AAA CB  1 ? 
ATOM   161  C  CG  . ASN A 1 17  ? 3.169   8.852   9.928   1.000 18.855  ? 995  ASN AAA CG  1 ? 
ATOM   162  O  OD1 . ASN A 1 17  ? 3.512   9.384   8.949   1.000 18.788  ? 995  ASN AAA OD1 1 ? 
ATOM   163  N  ND2 . ASN A 1 17  ? 2.367   9.424   10.811  1.000 19.937  ? 995  ASN AAA ND2 1 ? 
ATOM   164  N  N   . VAL A 1 18  ? 2.612   6.516   7.106   1.000 13.454  ? 996  VAL AAA N   1 ? 
ATOM   165  C  CA  . VAL A 1 18  ? 2.182   6.804   5.722   1.000 14.032  ? 996  VAL AAA CA  1 ? 
ATOM   166  C  C   . VAL A 1 18  ? 0.801   6.183   5.515   1.000 13.361  ? 996  VAL AAA C   1 ? 
ATOM   167  O  O   . VAL A 1 18  ? -0.114  6.849   4.967   1.000 14.667  ? 996  VAL AAA O   1 ? 
ATOM   168  C  CB  . VAL A 1 18  ? 3.201   6.258   4.720   1.000 14.383  ? 996  VAL AAA CB  1 ? 
ATOM   169  C  CG1 . VAL A 1 18  ? 2.685   6.383   3.247   1.000 16.016  ? 996  VAL AAA CG1 1 ? 
ATOM   170  C  CG2 . VAL A 1 18  ? 4.558   6.934   4.927   1.000 15.661  ? 996  VAL AAA CG2 1 ? 
ATOM   171  N  N   . THR A 1 19  ? 0.576   4.951   5.935   1.000 14.206  ? 997  THR AAA N   1 ? 
ATOM   172  C  CA  . THR A 1 19  ? -0.677  4.239   5.652   1.000 13.927  ? 997  THR AAA CA  1 ? 
ATOM   173  C  C   . THR A 1 19  ? -1.814  4.910   6.396   1.000 15.135  ? 997  THR AAA C   1 ? 
ATOM   174  O  O   . THR A 1 19  ? -2.910  5.063   5.794   1.000 15.044  ? 997  THR AAA O   1 ? 
ATOM   175  C  CB  . THR A 1 19  ? -0.540  2.767   6.051   1.000 14.448  ? 997  THR AAA CB  1 ? 
ATOM   176  O  OG1 . THR A 1 19  ? 0.595   2.196   5.422   1.000 15.276  ? 997  THR AAA OG1 1 ? 
ATOM   177  C  CG2 . THR A 1 19  ? -1.764  1.961   5.631   1.000 16.763  ? 997  THR AAA CG2 1 ? 
ATOM   178  N  N   . HIS A 1 20  ? -1.606  5.351   7.624   1.000 14.388  ? 998  HIS AAA N   1 ? 
ATOM   179  C  CA  . HIS A 1 20  ? -2.641  6.036   8.358   1.000 14.944  ? 998  HIS AAA CA  1 ? 
ATOM   180  C  C   . HIS A 1 20  ? -3.009  7.333   7.646   1.000 14.856  ? 998  HIS AAA C   1 ? 
ATOM   181  O  O   . HIS A 1 20  ? -4.214  7.677   7.568   1.000 15.915  ? 998  HIS AAA O   1 ? 
ATOM   182  C  CB  . HIS A 1 20  ? -2.053  6.384   9.753   1.000 16.755  ? 998  HIS AAA CB  1 ? 
ATOM   183  C  CG  . HIS A 1 20  ? -3.009  7.123   10.606  1.000 18.386  ? 998  HIS AAA CG  1 ? 
ATOM   184  N  ND1 . HIS A 1 20  ? -2.892  8.456   10.983  1.000 24.333  ? 998  HIS AAA ND1 1 ? 
ATOM   185  C  CD2 . HIS A 1 20  ? -4.196  6.665   11.089  1.000 19.096  ? 998  HIS AAA CD2 1 ? 
ATOM   186  C  CE1 . HIS A 1 20  ? -3.961  8.785   11.721  1.000 21.005  ? 998  HIS AAA CE1 1 ? 
ATOM   187  N  NE2 . HIS A 1 20  ? -4.767  7.704   11.798  1.000 24.347  ? 998  HIS AAA NE2 1 ? 
ATOM   188  N  N   . ARG A 1 21  ? -2.043  8.111   7.126   1.000 14.170  ? 999  ARG AAA N   1 ? 
ATOM   189  C  CA  . ARG A 1 21  ? -2.378  9.354   6.448   1.000 15.149  ? 999  ARG AAA CA  1 ? 
ATOM   190  C  C   . ARG A 1 21  ? -3.207  9.043   5.211   1.000 16.226  ? 999  ARG AAA C   1 ? 
ATOM   191  O  O   . ARG A 1 21  ? -4.084  9.868   4.849   1.000 17.615  ? 999  ARG AAA O   1 ? 
ATOM   192  C  CB  . ARG A 1 21  ? -1.091  10.099  6.152   1.000 15.726  ? 999  ARG AAA CB  1 ? 
ATOM   193  C  CG  . ARG A 1 21  ? -0.550  10.675  7.470   1.000 17.167  ? 999  ARG AAA CG  1 ? 
ATOM   194  C  CD  . ARG A 1 21  ? 0.990   10.867  7.441   1.000 17.929  ? 999  ARG AAA CD  1 ? 
ATOM   195  N  NE  . ARG A 1 21  ? 1.332   11.860  6.497   1.000 18.417  ? 999  ARG AAA NE  1 ? 
ATOM   196  C  CZ  . ARG A 1 21  ? 2.598   12.118  6.183   1.000 16.985  ? 999  ARG AAA CZ  1 ? 
ATOM   197  N  NH1 . ARG A 1 21  ? 3.579   11.389  6.724   1.000 17.722  ? 999  ARG AAA NH1 1 ? 
ATOM   198  N  NH2 . ARG A 1 21  ? 2.870   13.045  5.315   1.000 17.453  ? 999  ARG AAA NH2 1 ? 
ATOM   199  N  N   . LEU A 1 22  ? -2.958  7.973   4.479   1.000 14.077  ? 1000 LEU AAA N   1 ? 
ATOM   200  C  CA  . LEU A 1 22  ? -3.782  7.636   3.314   1.000 15.780  ? 1000 LEU AAA CA  1 ? 
ATOM   201  C  C   . LEU A 1 22  ? -5.153  7.223   3.798   1.000 16.353  ? 1000 LEU AAA C   1 ? 
ATOM   202  O  O   . LEU A 1 22  ? -6.183  7.646   3.212   1.000 17.873  ? 1000 LEU AAA O   1 ? 
ATOM   203  C  CB  . LEU A 1 22  ? -3.152  6.468   2.547   1.000 15.721  ? 1000 LEU AAA CB  1 ? 
ATOM   204  C  CG  . LEU A 1 22  ? -1.756  6.737   1.995   1.000 16.253  ? 1000 LEU AAA CG  1 ? 
ATOM   205  C  CD1 . LEU A 1 22  ? -1.154  5.459   1.388   1.000 17.754  ? 1000 LEU AAA CD1 1 ? 
ATOM   206  C  CD2 . LEU A 1 22  ? -1.775  7.811   0.923   1.000 17.846  ? 1000 LEU AAA CD2 1 ? 
ATOM   207  N  N   . ALA A 1 23  ? -5.255  6.460   4.892   1.000 15.248  ? 1001 ALA AAA N   1 ? 
ATOM   208  C  CA  . ALA A 1 23  ? -6.533  5.911   5.347   1.000 17.073  ? 1001 ALA AAA CA  1 ? 
ATOM   209  C  C   . ALA A 1 23  ? -7.481  6.967   5.899   1.000 18.931  ? 1001 ALA AAA C   1 ? 
ATOM   210  O  O   . ALA A 1 23  ? -8.713  6.663   5.909   1.000 21.024  ? 1001 ALA AAA O   1 ? 
ATOM   211  C  CB  . ALA A 1 23  ? -6.277  4.833   6.402   1.000 19.237  ? 1001 ALA AAA CB  1 ? 
ATOM   212  N  N   . ILE A 1 24  ? -6.988  8.093   6.392   1.000 18.075  ? 1002 ILE AAA N   1 ? 
ATOM   213  C  CA  . ILE A 1 24  ? -7.892  9.093   6.970   1.000 18.727  ? 1002 ILE AAA CA  1 ? 
ATOM   214  C  C   . ILE A 1 24  ? -8.288  10.079  5.873   1.000 22.040  ? 1002 ILE AAA C   1 ? 
ATOM   215  O  O   . ILE A 1 24  ? -9.090  10.994  6.145   1.000 25.538  ? 1002 ILE AAA O   1 ? 
ATOM   216  C  CB  . ILE A 1 24  ? -7.264  9.807   8.181   1.000 20.582  ? 1002 ILE AAA CB  1 ? 
ATOM   217  C  CG1 . ILE A 1 24  ? -6.036  10.618  7.768   1.000 19.351  ? 1002 ILE AAA CG1 1 ? 
ATOM   218  C  CG2 . ILE A 1 24  ? -7.012  8.796   9.291   1.000 21.440  ? 1002 ILE AAA CG2 1 ? 
ATOM   219  C  CD1 . ILE A 1 24  ? -5.381  11.423  8.920   1.000 24.398  ? 1002 ILE AAA CD1 1 ? 
ATOM   220  N  N   . ASP A 1 25  ? -7.756  9.972   4.655   1.000 20.035  ? 1003 ASP AAA N   1 ? 
ATOM   221  C  CA  . ASP A 1 25  ? -8.166  10.877  3.575   1.000 21.067  ? 1003 ASP AAA CA  1 ? 
ATOM   222  C  C   . ASP A 1 25  ? -9.504  10.379  3.017   1.000 24.201  ? 1003 ASP AAA C   1 ? 
ATOM   223  O  O   . ASP A 1 25  ? -9.639  9.227   2.589   1.000 22.600  ? 1003 ASP AAA O   1 ? 
ATOM   224  C  CB  . ASP A 1 25  ? -7.119  10.822  2.468   1.000 22.592  ? 1003 ASP AAA CB  1 ? 
ATOM   225  C  CG  . ASP A 1 25  ? -7.235  11.889  1.392   1.000 23.890  ? 1003 ASP AAA CG  1 ? 
ATOM   226  O  OD1 . ASP A 1 25  ? -8.333  11.959  0.815   1.000 24.985  ? 1003 ASP AAA OD1 1 ? 
ATOM   227  O  OD2 . ASP A 1 25  ? -6.213  12.474  1.054   1.000 26.924  ? 1003 ASP AAA OD2 1 ? 
ATOM   228  N  N   . LYS A 1 26  ? -10.491 11.295  2.958   1.000 25.881  ? 1004 LYS AAA N   1 ? 
ATOM   229  C  CA  . LYS A 1 26  ? -11.844 10.927  2.535   1.000 27.406  ? 1004 LYS AAA CA  1 ? 
ATOM   230  C  C   . LYS A 1 26  ? -11.921 10.350  1.115   1.000 22.753  ? 1004 LYS AAA C   1 ? 
ATOM   231  O  O   . LYS A 1 26  ? -12.751 9.475   0.872   1.000 27.119  ? 1004 LYS AAA O   1 ? 
ATOM   232  C  CB  . LYS A 1 26  ? -12.745 12.169  2.613   1.000 33.309  ? 1004 LYS AAA CB  1 ? 
ATOM   233  C  CG  . LYS A 1 26  ? -13.224 12.479  4.027   1.000 47.967  ? 1004 LYS AAA CG  1 ? 
ATOM   234  C  CD  . LYS A 1 26  ? -13.856 13.858  4.158   1.000 57.583  ? 1004 LYS AAA CD  1 ? 
ATOM   235  C  CE  . LYS A 1 26  ? -13.875 14.366  5.586   1.000 70.629  ? 1004 LYS AAA CE  1 ? 
ATOM   236  N  NZ  . LYS A 1 26  ? -14.249 15.800  5.650   1.000 80.971  ? 1004 LYS AAA NZ  1 ? 
ATOM   237  N  N   . ARG A 1 27  ? -10.997 10.753  0.249   1.000 22.009  ? 1005 ARG AAA N   1 ? 
ATOM   238  C  CA  . ARG A 1 27  ? -10.985 10.255  -1.125  1.000 23.254  ? 1005 ARG AAA CA  1 ? 
ATOM   239  C  C   . ARG A 1 27  ? -10.756 8.753   -1.153  1.000 25.358  ? 1005 ARG AAA C   1 ? 
ATOM   240  O  O   . ARG A 1 27  ? -11.139 8.086   -2.123  1.000 24.043  ? 1005 ARG AAA O   1 ? 
ATOM   241  C  CB  . ARG A 1 27  ? -9.869  10.846  -1.978  1.000 23.744  ? 1005 ARG AAA CB  1 ? 
ATOM   242  C  CG  . ARG A 1 27  ? -10.023 12.322  -2.319  1.000 27.393  ? 1005 ARG AAA CG  1 ? 
ATOM   243  C  CD  . ARG A 1 27  ? -8.764  12.770  -3.038  1.000 25.908  ? 1005 ARG AAA CD  1 ? 
ATOM   244  N  NE  . ARG A 1 27  ? -7.624  12.845  -2.144  1.000 25.813  ? 1005 ARG AAA NE  1 ? 
ATOM   245  C  CZ  . ARG A 1 27  ? -6.402  13.166  -2.534  1.000 26.330  ? 1005 ARG AAA CZ  1 ? 
ATOM   246  N  NH1 . ARG A 1 27  ? -6.127  13.415  -3.817  1.000 27.748  ? 1005 ARG AAA NH1 1 ? 
ATOM   247  N  NH2 . ARG A 1 27  ? -5.421  13.208  -1.634  1.000 28.723  ? 1005 ARG AAA NH2 1 ? 
ATOM   248  N  N   . PHE A 1 28  ? -10.061 8.226   -0.116  1.000 21.465  ? 1006 PHE AAA N   1 ? 
ATOM   249  C  CA  . PHE A 1 28  ? -9.559  6.855   -0.178  1.000 20.609  ? 1006 PHE AAA CA  1 ? 
ATOM   250  C  C   . PHE A 1 28  ? -10.354 5.911   0.719   1.000 22.005  ? 1006 PHE AAA C   1 ? 
ATOM   251  O  O   . PHE A 1 28  ? -9.974  4.738   0.912   1.000 20.508  ? 1006 PHE AAA O   1 ? 
ATOM   252  C  CB  . PHE A 1 28  ? -8.064  6.835   0.179   1.000 18.896  ? 1006 PHE AAA CB  1 ? 
ATOM   253  C  CG  . PHE A 1 28  ? -7.237  7.800   -0.636  1.000 18.383  ? 1006 PHE AAA CG  1 ? 
ATOM   254  C  CD1 . PHE A 1 28  ? -7.556  8.080   -1.977  1.000 19.012  ? 1006 PHE AAA CD1 1 ? 
ATOM   255  C  CD2 . PHE A 1 28  ? -6.113  8.463   -0.099  1.000 18.145  ? 1006 PHE AAA CD2 1 ? 
ATOM   256  C  CE1 . PHE A 1 28  ? -6.760  8.939   -2.720  1.000 19.589  ? 1006 PHE AAA CE1 1 ? 
ATOM   257  C  CE2 . PHE A 1 28  ? -5.366  9.344   -0.836  1.000 18.049  ? 1006 PHE AAA CE2 1 ? 
ATOM   258  C  CZ  . PHE A 1 28  ? -5.678  9.598   -2.160  1.000 18.441  ? 1006 PHE AAA CZ  1 ? 
ATOM   259  N  N   . ARG A 1 29  ? -11.535 6.314   1.184   1.000 22.161  ? 1007 ARG AAA N   1 ? 
ATOM   260  C  CA  . ARG A 1 29  ? -12.347 5.443   2.014   1.000 23.884  ? 1007 ARG AAA CA  1 ? 
ATOM   261  C  C   . ARG A 1 29  ? -12.574 4.074   1.371   1.000 22.866  ? 1007 ARG AAA C   1 ? 
ATOM   262  O  O   . ARG A 1 29  ? -12.554 3.085   2.063   1.000 25.007  ? 1007 ARG AAA O   1 ? 
ATOM   263  C  CB  . ARG A 1 29  ? -13.649 6.178   2.329   1.000 29.958  ? 1007 ARG AAA CB  1 ? 
ATOM   264  C  CG  . ARG A 1 29  ? -14.511 5.390   3.293   1.000 34.829  ? 1007 ARG AAA CG  1 ? 
ATOM   265  C  CD  . ARG A 1 29  ? -15.680 6.241   3.763   1.000 48.963  ? 1007 ARG AAA CD  1 ? 
ATOM   266  N  NE  . ARG A 1 29  ? -16.192 5.721   5.028   1.000 63.968  ? 1007 ARG AAA NE  1 ? 
ATOM   267  C  CZ  . ARG A 1 29  ? -15.537 5.756   6.193   1.000 75.205  ? 1007 ARG AAA CZ  1 ? 
ATOM   268  N  NH1 . ARG A 1 29  ? -14.329 6.290   6.268   1.000 85.500  ? 1007 ARG AAA NH1 1 ? 
ATOM   269  N  NH2 . ARG A 1 29  ? -16.088 5.242   7.280   1.000 77.135  ? 1007 ARG AAA NH2 1 ? 
ATOM   270  N  N   . VAL A 1 30  ? -12.809 4.040   0.054   1.000 24.758  ? 1008 VAL AAA N   1 ? 
ATOM   271  C  CA  . VAL A 1 30  ? -13.143 2.803   -0.620  1.000 27.368  ? 1008 VAL AAA CA  1 ? 
ATOM   272  C  C   . VAL A 1 30  ? -12.001 1.791   -0.518  1.000 26.567  ? 1008 VAL AAA C   1 ? 
ATOM   273  O  O   . VAL A 1 30  ? -12.228 0.592   -0.642  1.000 28.891  ? 1008 VAL AAA O   1 ? 
ATOM   274  C  CB  . VAL A 1 30  ? -13.489 3.069   -2.096  1.000 29.417  ? 1008 VAL AAA CB  1 ? 
ATOM   275  C  CG1 . VAL A 1 30  ? -12.384 3.790   -2.844  1.000 31.666  ? 1008 VAL AAA CG1 1 ? 
ATOM   276  C  CG2 . VAL A 1 30  ? -13.870 1.783   -2.817  1.000 34.507  ? 1008 VAL AAA CG2 1 ? 
ATOM   277  N  N   . PHE A 1 31  ? -10.784 2.280   -0.265  1.000 21.388  ? 1009 PHE AAA N   1 ? 
ATOM   278  C  CA  . PHE A 1 31  ? -9.613  1.420   -0.225  1.000 21.025  ? 1009 PHE AAA CA  1 ? 
ATOM   279  C  C   . PHE A 1 31  ? -9.236  1.040   1.204   1.000 19.759  ? 1009 PHE AAA C   1 ? 
ATOM   280  O  O   . PHE A 1 31  ? -8.189  0.389   1.340   1.000 21.727  ? 1009 PHE AAA O   1 ? 
ATOM   281  C  CB  . PHE A 1 31  ? -8.434  2.119   -0.903  1.000 20.906  ? 1009 PHE AAA CB  1 ? 
ATOM   282  C  CG  . PHE A 1 31  ? -8.731  2.547   -2.311  1.000 22.266  ? 1009 PHE AAA CG  1 ? 
ATOM   283  C  CD1 . PHE A 1 31  ? -9.070  1.651   -3.313  1.000 21.386  ? 1009 PHE AAA CD1 1 ? 
ATOM   284  C  CD2 . PHE A 1 31  ? -8.608  3.898   -2.605  1.000 24.410  ? 1009 PHE AAA CD2 1 ? 
ATOM   285  C  CE1 . PHE A 1 31  ? -9.404  2.084   -4.592  1.000 24.297  ? 1009 PHE AAA CE1 1 ? 
ATOM   286  C  CE2 . PHE A 1 31  ? -8.908  4.350   -3.896  1.000 29.794  ? 1009 PHE AAA CE2 1 ? 
ATOM   287  C  CZ  . PHE A 1 31  ? -9.307  3.448   -4.886  1.000 26.418  ? 1009 PHE AAA CZ  1 ? 
ATOM   288  N  N   . THR A 1 32  ? -10.038 1.349   2.202   1.000 20.467  ? 1010 THR AAA N   1 ? 
ATOM   289  C  CA  . THR A 1 32  ? -9.620  1.135   3.580   1.000 22.288  ? 1010 THR AAA CA  1 ? 
ATOM   290  C  C   . THR A 1 32  ? -9.958  -0.267  4.092   1.000 27.626  ? 1010 THR AAA C   1 ? 
ATOM   291  O  O   . THR A 1 32  ? -9.429  -0.698  5.119   1.000 29.568  ? 1010 THR AAA O   1 ? 
ATOM   292  C  CB  . THR A 1 32  ? -10.179 2.157   4.563   1.000 24.107  ? 1010 THR AAA CB  1 ? 
ATOM   293  O  OG1 . THR A 1 32  ? -11.614 2.167   4.520   1.000 26.495  ? 1010 THR AAA OG1 1 ? 
ATOM   294  C  CG2 . THR A 1 32  ? -9.647  3.549   4.287   1.000 22.951  ? 1010 THR AAA CG2 1 ? 
ATOM   295  N  N   . LYS A 1 33  ? -10.870 -0.954  3.419   1.000 25.495  ? 1011 LYS AAA N   1 ? 
ATOM   296  C  CA  . LYS A 1 33  ? -11.277 -2.287  3.831   1.000 26.103  ? 1011 LYS AAA CA  1 ? 
ATOM   297  C  C   . LYS A 1 33  ? -11.383 -3.155  2.592   1.000 26.133  ? 1011 LYS AAA C   1 ? 
ATOM   298  O  O   . LYS A 1 33  ? -11.485 -2.672  1.470   1.000 25.912  ? 1011 LYS AAA O   1 ? 
ATOM   299  C  CB  . LYS A 1 33  ? -12.671 -2.193  4.467   1.000 31.244  ? 1011 LYS AAA CB  1 ? 
ATOM   300  C  CG  . LYS A 1 33  ? -12.731 -1.553  5.855   1.000 38.874  ? 1011 LYS AAA CG  1 ? 
ATOM   301  C  CD  . LYS A 1 33  ? -11.772 -2.140  6.916   1.000 49.389  ? 1011 LYS AAA CD  1 ? 
ATOM   302  C  CE  . LYS A 1 33  ? -11.426 -1.149  8.017   1.000 53.245  ? 1011 LYS AAA CE  1 ? 
ATOM   303  N  NZ  . LYS A 1 33  ? -10.564 -1.734  9.076   1.000 62.226  ? 1011 LYS AAA NZ  1 ? 
ATOM   304  N  N   . PRO A 1 34  ? -11.321 -4.497  2.741   1.000 27.603  ? 1012 PRO AAA N   1 ? 
ATOM   305  C  CA  . PRO A 1 34  ? -11.496 -5.385  1.585   1.000 29.153  ? 1012 PRO AAA CA  1 ? 
ATOM   306  C  C   . PRO A 1 34  ? -12.881 -5.211  0.962   1.000 29.507  ? 1012 PRO AAA C   1 ? 
ATOM   307  O  O   . PRO A 1 34  ? -13.825 -4.805  1.640   1.000 32.493  ? 1012 PRO AAA O   1 ? 
ATOM   308  C  CB  . PRO A 1 34  ? -11.314 -6.805  2.148   1.000 31.670  ? 1012 PRO AAA CB  1 ? 
ATOM   309  C  CG  . PRO A 1 34  ? -10.696 -6.601  3.519   1.000 32.818  ? 1012 PRO AAA CG  1 ? 
ATOM   310  C  CD  . PRO A 1 34  ? -11.031 -5.198  3.990   1.000 27.851  ? 1012 PRO AAA CD  1 ? 
ATOM   311  N  N   . VAL A 1 35  ? -12.949 -5.475  -0.349  1.000 33.332  ? 1013 VAL AAA N   1 ? 
ATOM   312  C  CA  . VAL A 1 35  ? -14.208 -5.602  -1.075  1.000 37.107  ? 1013 VAL AAA CA  1 ? 
ATOM   313  C  C   . VAL A 1 35  ? -15.023 -6.735  -0.445  1.000 42.939  ? 1013 VAL AAA C   1 ? 
ATOM   314  O  O   . VAL A 1 35  ? -14.525 -7.853  -0.321  1.000 52.546  ? 1013 VAL AAA O   1 ? 
ATOM   315  C  CB  . VAL A 1 35  ? -13.963 -5.832  -2.584  1.000 33.638  ? 1013 VAL AAA CB  1 ? 
ATOM   316  C  CG1 . VAL A 1 35  ? -15.261 -6.212  -3.289  1.000 37.110  ? 1013 VAL AAA CG1 1 ? 
ATOM   317  C  CG2 . VAL A 1 35  ? -13.340 -4.637  -3.285  1.000 34.141  ? 1013 VAL AAA CG2 1 ? 
ATOM   318  N  N   . ASP A 1 36  ? -16.268 -6.434  -0.046  1.000 48.984  ? 1014 ASP AAA N   1 ? 
ATOM   319  C  CA  . ASP A 1 36  ? -17.180 -7.412  0.538   1.000 62.298  ? 1014 ASP AAA CA  1 ? 
ATOM   320  C  C   . ASP A 1 36  ? -17.727 -8.316  -0.570  1.000 67.436  ? 1014 ASP AAA C   1 ? 
ATOM   321  O  O   . ASP A 1 36  ? -18.308 -7.813  -1.536  1.000 68.683  ? 1014 ASP AAA O   1 ? 
ATOM   322  C  CB  . ASP A 1 36  ? -18.310 -6.718  1.313   1.000 67.195  ? 1014 ASP AAA CB  1 ? 
ATOM   323  C  CG  . ASP A 1 36  ? -19.230 -7.653  2.090   1.000 75.467  ? 1014 ASP AAA CG  1 ? 
ATOM   324  O  OD1 . ASP A 1 36  ? -18.955 -8.871  2.131   1.000 76.586  ? 1014 ASP AAA OD1 1 ? 
ATOM   325  O  OD2 . ASP A 1 36  ? -20.220 -7.154  2.657   1.000 81.681  ? 1014 ASP AAA OD2 1 ? 
ATOM   326  N  N   . PRO A 1 37  ? -17.552 -9.661  -0.490  1.000 68.907  ? 1015 PRO AAA N   1 ? 
ATOM   327  C  CA  . PRO A 1 37  ? -18.083 -10.559 -1.519  1.000 78.751  ? 1015 PRO AAA CA  1 ? 
ATOM   328  C  C   . PRO A 1 37  ? -19.606 -10.545 -1.682  1.000 81.359  ? 1015 PRO AAA C   1 ? 
ATOM   329  O  O   . PRO A 1 37  ? -20.105 -10.877 -2.754  1.000 86.839  ? 1015 PRO AAA O   1 ? 
ATOM   330  C  CB  . PRO A 1 37  ? -17.446 -11.933 -1.247  1.000 72.524  ? 1015 PRO AAA CB  1 ? 
ATOM   331  C  CG  . PRO A 1 37  ? -16.955 -11.854 0.186   1.000 71.865  ? 1015 PRO AAA CG  1 ? 
ATOM   332  C  CD  . PRO A 1 37  ? -16.788 -10.386 0.538   1.000 68.059  ? 1015 PRO AAA CD  1 ? 
ATOM   333  N  N   . ASP A 1 38  ? -20.328 -10.110 -0.637  1.000 81.134  ? 1016 ASP AAA N   1 ? 
ATOM   334  C  CA  . ASP A 1 38  ? -21.741 -9.781  -0.753  1.000 81.151  ? 1016 ASP AAA CA  1 ? 
ATOM   335  C  C   . ASP A 1 38  ? -21.955 -8.904  -1.982  1.000 77.910  ? 1016 ASP AAA C   1 ? 
ATOM   336  O  O   . ASP A 1 38  ? -22.331 -9.401  -3.038  1.000 81.649  ? 1016 ASP AAA O   1 ? 
ATOM   337  C  CB  . ASP A 1 38  ? -22.282 -9.091  0.502   1.000 85.777  ? 1016 ASP AAA CB  1 ? 
ATOM   338  C  CG  . ASP A 1 38  ? -22.431 -10.024 1.692   1.000 89.881  ? 1016 ASP AAA CG  1 ? 
ATOM   339  O  OD1 . ASP A 1 38  ? -22.119 -11.226 1.538   1.000 86.420  ? 1016 ASP AAA OD1 1 ? 
ATOM   340  O  OD2 . ASP A 1 38  ? -22.854 -9.539  2.762   1.000 86.593  ? 1016 ASP AAA OD2 1 ? 
ATOM   341  N  N   . GLU A 1 39  ? -21.691 -7.602  -1.846  1.000 73.401  ? 1017 GLU AAA N   1 ? 
ATOM   342  C  CA  . GLU A 1 39  ? -21.914 -6.685  -2.951  1.000 73.785  ? 1017 GLU AAA CA  1 ? 
ATOM   343  C  C   . GLU A 1 39  ? -21.276 -7.243  -4.216  1.000 71.592  ? 1017 GLU AAA C   1 ? 
ATOM   344  O  O   . GLU A 1 39  ? -21.887 -7.183  -5.282  1.000 70.375  ? 1017 GLU AAA O   1 ? 
ATOM   345  C  CB  . GLU A 1 39  ? -21.315 -5.299  -2.700  1.000 79.182  ? 1017 GLU AAA CB  1 ? 
ATOM   346  C  CG  . GLU A 1 39  ? -22.160 -4.414  -1.811  1.000 85.581  ? 1017 GLU AAA CG  1 ? 
ATOM   347  C  CD  . GLU A 1 39  ? -22.269 -4.921  -0.385  1.000 94.217  ? 1017 GLU AAA CD  1 ? 
ATOM   348  O  OE1 . GLU A 1 39  ? -21.363 -5.667  0.053   1.000 98.525  ? 1017 GLU AAA OE1 1 ? 
ATOM   349  O  OE2 . GLU A 1 39  ? -23.264 -4.583  0.280   1.000 104.036 ? 1017 GLU AAA OE2 1 ? 
ATOM   350  N  N   . VAL A 1 40  ? -20.048 -7.772  -4.086  1.000 61.087  ? 1018 VAL AAA N   1 ? 
ATOM   351  C  CA  . VAL A 1 40  ? -19.250 -8.038  -5.271  1.000 57.180  ? 1018 VAL AAA CA  1 ? 
ATOM   352  C  C   . VAL A 1 40  ? -18.718 -9.468  -5.262  1.000 60.189  ? 1018 VAL AAA C   1 ? 
ATOM   353  O  O   . VAL A 1 40  ? -17.539 -9.690  -4.999  1.000 53.637  ? 1018 VAL AAA O   1 ? 
ATOM   354  C  CB  . VAL A 1 40  ? -18.110 -7.019  -5.450  1.000 54.143  ? 1018 VAL AAA CB  1 ? 
ATOM   355  C  CG1 . VAL A 1 40  ? -17.773 -6.850  -6.918  1.000 46.407  ? 1018 VAL AAA CG1 1 ? 
ATOM   356  C  CG2 . VAL A 1 40  ? -18.444 -5.668  -4.830  1.000 59.873  ? 1018 VAL AAA CG2 1 ? 
ATOM   357  N  N   . PRO A 1 41  ? -19.549 -10.475 -5.625  1.000 64.059  ? 1019 PRO AAA N   1 ? 
ATOM   358  C  CA  . PRO A 1 41  ? -19.100 -11.868 -5.611  1.000 56.553  ? 1019 PRO AAA CA  1 ? 
ATOM   359  C  C   . PRO A 1 41  ? -18.110 -12.161 -6.735  1.000 53.920  ? 1019 PRO AAA C   1 ? 
ATOM   360  O  O   . PRO A 1 41  ? -17.289 -13.068 -6.606  1.000 61.088  ? 1019 PRO AAA O   1 ? 
ATOM   361  C  CB  . PRO A 1 41  ? -20.398 -12.681 -5.753  1.000 58.765  ? 1019 PRO AAA CB  1 ? 
ATOM   362  C  CG  . PRO A 1 41  ? -21.379 -11.734 -6.434  1.000 60.445  ? 1019 PRO AAA CG  1 ? 
ATOM   363  C  CD  . PRO A 1 41  ? -20.951 -10.328 -6.061  1.000 61.911  ? 1019 PRO AAA CD  1 ? 
ATOM   364  N  N   . ASP A 1 42  ? -18.148 -11.379 -7.821  1.000 44.996  ? 1020 ASP AAA N   1 ? 
ATOM   365  C  CA  . ASP A 1 42  ? -17.185 -11.666 -8.869  1.000 46.233  ? 1020 ASP AAA CA  1 ? 
ATOM   366  C  C   . ASP A 1 42  ? -15.819 -11.047 -8.553  1.000 39.020  ? 1020 ASP AAA C   1 ? 
ATOM   367  O  O   . ASP A 1 42  ? -14.869 -11.334 -9.277  1.000 42.374  ? 1020 ASP AAA O   1 ? 
ATOM   368  C  CB  . ASP A 1 42  ? -17.673 -11.322 -10.281 1.000 49.630  ? 1020 ASP AAA CB  1 ? 
ATOM   369  C  CG  . ASP A 1 42  ? -17.715 -9.831  -10.535 1.000 54.492  ? 1020 ASP AAA CG  1 ? 
ATOM   370  O  OD1 . ASP A 1 42  ? -18.432 -9.139  -9.785  1.000 69.500  ? 1020 ASP AAA OD1 1 ? 
ATOM   371  O  OD2 . ASP A 1 42  ? -17.008 -9.371  -11.452 1.000 52.292  ? 1020 ASP AAA OD2 1 ? 
ATOM   372  N  N   . TYR A 1 43  ? -15.716 -10.194 -7.513  1.000 37.799  ? 1021 TYR AAA N   1 ? 
ATOM   373  C  CA  . TYR A 1 43  ? -14.438 -9.500  -7.336  1.000 33.028  ? 1021 TYR AAA CA  1 ? 
ATOM   374  C  C   . TYR A 1 43  ? -13.309 -10.510 -7.141  1.000 36.869  ? 1021 TYR AAA C   1 ? 
ATOM   375  O  O   . TYR A 1 43  ? -12.310 -10.443 -7.861  1.000 33.251  ? 1021 TYR AAA O   1 ? 
ATOM   376  C  CB  . TYR A 1 43  ? -14.498 -8.496  -6.182  1.000 29.401  ? 1021 TYR AAA CB  1 ? 
ATOM   377  C  CG  . TYR A 1 43  ? -13.279 -7.615  -6.077  1.000 27.348  ? 1021 TYR AAA CG  1 ? 
ATOM   378  C  CD1 . TYR A 1 43  ? -13.145 -6.499  -6.891  1.000 26.687  ? 1021 TYR AAA CD1 1 ? 
ATOM   379  C  CD2 . TYR A 1 43  ? -12.219 -7.959  -5.235  1.000 27.286  ? 1021 TYR AAA CD2 1 ? 
ATOM   380  C  CE1 . TYR A 1 43  ? -12.034 -5.666  -6.838  1.000 25.581  ? 1021 TYR AAA CE1 1 ? 
ATOM   381  C  CE2 . TYR A 1 43  ? -11.112 -7.128  -5.149  1.000 24.840  ? 1021 TYR AAA CE2 1 ? 
ATOM   382  C  CZ  . TYR A 1 43  ? -11.013 -6.020  -5.976  1.000 23.646  ? 1021 TYR AAA CZ  1 ? 
ATOM   383  O  OH  . TYR A 1 43  ? -9.923  -5.198  -5.967  1.000 23.661  ? 1021 TYR AAA OH  1 ? 
ATOM   384  N  N   . VAL A 1 44  ? -13.520 -11.420 -6.170  1.000 39.234  ? 1022 VAL AAA N   1 ? 
ATOM   385  C  CA  . VAL A 1 44  ? -12.539 -12.410 -5.747  1.000 44.955  ? 1022 VAL AAA CA  1 ? 
ATOM   386  C  C   . VAL A 1 44  ? -12.193 -13.350 -6.908  1.000 48.761  ? 1022 VAL AAA C   1 ? 
ATOM   387  O  O   . VAL A 1 44  ? -11.117 -13.954 -6.902  1.000 43.473  ? 1022 VAL AAA O   1 ? 
ATOM   388  C  CB  . VAL A 1 44  ? -12.970 -13.132 -4.448  1.000 49.885  ? 1022 VAL AAA CB  1 ? 
ATOM   389  C  CG1 . VAL A 1 44  ? -14.016 -14.223 -4.669  1.000 53.804  ? 1022 VAL AAA CG1 1 ? 
ATOM   390  C  CG2 . VAL A 1 44  ? -11.793 -13.669 -3.654  1.000 50.233  ? 1022 VAL AAA CG2 1 ? 
ATOM   391  N  N   . THR A 1 45  ? -13.067 -13.425 -7.929  1.000 45.362  ? 1023 THR AAA N   1 ? 
ATOM   392  C  CA  . THR A 1 45  ? -12.810 -14.247 -9.104  1.000 46.827  ? 1023 THR AAA CA  1 ? 
ATOM   393  C  C   . THR A 1 45  ? -11.970 -13.517 -10.155 1.000 46.986  ? 1023 THR AAA C   1 ? 
ATOM   394  O  O   . THR A 1 45  ? -11.224 -14.166 -10.887 1.000 48.069  ? 1023 THR AAA O   1 ? 
ATOM   395  C  CB  . THR A 1 45  ? -14.075 -14.910 -9.675  1.000 52.957  ? 1023 THR AAA CB  1 ? 
ATOM   396  O  OG1 . THR A 1 45  ? -14.589 -14.143 -10.765 1.000 59.433  ? 1023 THR AAA OG1 1 ? 
ATOM   397  C  CG2 . THR A 1 45  ? -15.156 -15.151 -8.643  1.000 50.690  ? 1023 THR AAA CG2 1 ? 
ATOM   398  N  N   . VAL A 1 46  ? -12.086 -12.183 -10.256 1.000 35.761  ? 1024 VAL AAA N   1 ? 
ATOM   399  C  CA  . VAL A 1 46  ? -11.327 -11.440 -11.258 1.000 30.321  ? 1024 VAL AAA CA  1 ? 
ATOM   400  C  C   . VAL A 1 46  ? -9.952  -11.011 -10.703 1.000 28.651  ? 1024 VAL AAA C   1 ? 
ATOM   401  O  O   . VAL A 1 46  ? -8.931  -10.974 -11.399 1.000 31.781  ? 1024 VAL AAA O   1 ? 
ATOM   402  C  CB  . VAL A 1 46  ? -12.140 -10.206 -11.727 1.000 31.851  ? 1024 VAL AAA CB  1 ? 
ATOM   403  C  CG1 . VAL A 1 46  ? -11.358 -9.257  -12.628 1.000 29.014  ? 1024 VAL AAA CG1 1 ? 
ATOM   404  C  CG2 . VAL A 1 46  ? -13.496 -10.607 -12.317 1.000 38.587  ? 1024 VAL AAA CG2 1 ? 
ATOM   405  N  N   . ILE A 1 47  ? -9.979  -10.481 -9.474  1.000 26.019  ? 1025 ILE AAA N   1 ? 
ATOM   406  C  CA  . ILE A 1 47  ? -8.765  -9.932  -8.902  1.000 24.044  ? 1025 ILE AAA CA  1 ? 
ATOM   407  C  C   . ILE A 1 47  ? -8.139  -11.020 -8.024  1.000 21.814  ? 1025 ILE AAA C   1 ? 
ATOM   408  O  O   . ILE A 1 47  ? -8.687  -11.396 -6.969  1.000 25.577  ? 1025 ILE AAA O   1 ? 
ATOM   409  C  CB  . ILE A 1 47  ? -9.157  -8.654  -8.113  1.000 20.823  ? 1025 ILE AAA CB  1 ? 
ATOM   410  C  CG1 . ILE A 1 47  ? -9.712  -7.525  -9.001  1.000 23.257  ? 1025 ILE AAA CG1 1 ? 
ATOM   411  C  CG2 . ILE A 1 47  ? -7.984  -8.132  -7.288  1.000 21.443  ? 1025 ILE AAA CG2 1 ? 
ATOM   412  C  CD1 . ILE A 1 47  ? -8.799  -7.153  -10.093 1.000 20.999  ? 1025 ILE AAA CD1 1 ? 
ATOM   413  N  N   . LYS A 1 48  ? -6.964  -11.410 -8.486  1.000 23.298  ? 1026 LYS AAA N   1 ? 
ATOM   414  C  CA  . LYS A 1 48  ? -6.302  -12.569 -7.872  1.000 24.739  ? 1026 LYS AAA CA  1 ? 
ATOM   415  C  C   . LYS A 1 48  ? -5.516  -12.162 -6.632  1.000 26.954  ? 1026 LYS AAA C   1 ? 
ATOM   416  O  O   . LYS A 1 48  ? -5.305  -13.039 -5.787  1.000 26.067  ? 1026 LYS AAA O   1 ? 
ATOM   417  C  CB  . LYS A 1 48  ? -5.315  -13.175 -8.867  1.000 25.799  ? 1026 LYS AAA CB  1 ? 
ATOM   418  C  CG  . LYS A 1 48  ? -5.980  -13.750 -10.109 1.000 28.172  ? 1026 LYS AAA CG  1 ? 
ATOM   419  C  CD  . LYS A 1 48  ? -7.179  -14.625 -9.822  1.000 28.893  ? 1026 LYS AAA CD  1 ? 
ATOM   420  C  CE  . LYS A 1 48  ? -7.768  -15.212 -11.100 1.000 32.933  ? 1026 LYS AAA CE  1 ? 
ATOM   421  N  NZ  . LYS A 1 48  ? -9.048  -15.906 -10.820 1.000 37.152  ? 1026 LYS AAA NZ  1 ? 
ATOM   422  N  N   . GLN A 1 49  ? -5.115  -10.878 -6.484  1.000 23.615  ? 1027 GLN AAA N   1 ? 
ATOM   423  C  CA  . GLN A 1 49  ? -4.391  -10.486 -5.278  1.000 24.440  ? 1027 GLN AAA CA  1 ? 
ATOM   424  C  C   . GLN A 1 49  ? -5.073  -9.214  -4.752  1.000 20.284  ? 1027 GLN AAA C   1 ? 
ATOM   425  O  O   . GLN A 1 49  ? -4.559  -8.120  -4.933  1.000 23.110  ? 1027 GLN AAA O   1 ? 
ATOM   426  C  CB  . GLN A 1 49  ? -2.973  -10.036 -5.594  1.000 28.345  ? 1027 GLN AAA CB  1 ? 
ATOM   427  C  CG  . GLN A 1 49  ? -2.119  -11.152 -6.154  1.000 34.508  ? 1027 GLN AAA CG  1 ? 
ATOM   428  C  CD  . GLN A 1 49  ? -0.675  -10.750 -6.138  1.000 33.730  ? 1027 GLN AAA CD  1 ? 
ATOM   429  O  OE1 . GLN A 1 49  ? -0.141  -10.248 -7.114  1.000 37.240  ? 1027 GLN AAA OE1 1 ? 
ATOM   430  N  NE2 . GLN A 1 49  ? -0.041  -11.014 -5.013  1.000 40.155  ? 1027 GLN AAA NE2 1 ? 
ATOM   431  N  N   . PRO A 1 50  ? -6.221  -9.366  -4.092  1.000 22.117  ? 1028 PRO AAA N   1 ? 
ATOM   432  C  CA  . PRO A 1 50  ? -6.916  -8.202  -3.538  1.000 21.105  ? 1028 PRO AAA CA  1 ? 
ATOM   433  C  C   . PRO A 1 50  ? -5.987  -7.535  -2.530  1.000 21.638  ? 1028 PRO AAA C   1 ? 
ATOM   434  O  O   . PRO A 1 50  ? -5.180  -8.163  -1.874  1.000 23.058  ? 1028 PRO AAA O   1 ? 
ATOM   435  C  CB  . PRO A 1 50  ? -8.087  -8.788  -2.761  1.000 24.063  ? 1028 PRO AAA CB  1 ? 
ATOM   436  C  CG  . PRO A 1 50  ? -8.295  -10.192 -3.338  1.000 28.797  ? 1028 PRO AAA CG  1 ? 
ATOM   437  C  CD  . PRO A 1 50  ? -6.922  -10.625 -3.802  1.000 23.624  ? 1028 PRO AAA CD  1 ? 
ATOM   438  N  N   . MET A 1 51  ? -6.088  -6.218  -2.445  1.000 19.469  ? 1029 MET AAA N   1 ? 
ATOM   439  C  CA  . MET A 1 51  ? -5.277  -5.455  -1.499  1.000 19.207  ? 1029 MET AAA CA  1 ? 
ATOM   440  C  C   . MET A 1 51  ? -6.063  -4.220  -1.081  1.000 19.324  ? 1029 MET AAA C   1 ? 
ATOM   441  O  O   . MET A 1 51  ? -6.762  -3.625  -1.884  1.000 20.760  ? 1029 MET AAA O   1 ? 
ATOM   442  C  CB  . MET A 1 51  ? -3.963  -5.055  -2.174  1.000 21.635  ? 1029 MET AAA CB  1 ? 
ATOM   443  C  CG  . MET A 1 51  ? -2.874  -4.483  -1.212  1.000 22.206  ? 1029 MET AAA CG  1 ? 
ATOM   444  S  SD  . MET A 1 51  ? -2.534  -5.453  0.248   1.000 25.279  ? 1029 MET AAA SD  1 ? 
ATOM   445  C  CE  . MET A 1 51  ? -1.948  -6.943  -0.558  1.000 24.649  ? 1029 MET AAA CE  1 ? 
ATOM   446  N  N   . ASP A 1 52  ? -5.898  -3.829  0.184   1.000 18.652  ? 1030 ASP AAA N   1 ? 
ATOM   447  C  CA  . ASP A 1 52  ? -6.538  -2.645  0.723   1.000 19.895  ? 1030 ASP AAA CA  1 ? 
ATOM   448  C  C   . ASP A 1 52  ? -5.665  -2.156  1.869   1.000 19.590  ? 1030 ASP AAA C   1 ? 
ATOM   449  O  O   . ASP A 1 52  ? -4.751  -2.883  2.331   1.000 19.077  ? 1030 ASP AAA O   1 ? 
ATOM   450  C  CB  . ASP A 1 52  ? -7.958  -2.984  1.236   1.000 20.553  ? 1030 ASP AAA CB  1 ? 
ATOM   451  C  CG  . ASP A 1 52  ? -7.862  -3.887  2.439   1.000 22.295  ? 1030 ASP AAA CG  1 ? 
ATOM   452  O  OD1 . ASP A 1 52  ? -7.692  -5.134  2.249   1.000 30.463  ? 1030 ASP AAA OD1 1 ? 
ATOM   453  O  OD2 . ASP A 1 52  ? -7.940  -3.395  3.552   1.000 28.513  ? 1030 ASP AAA OD2 1 ? 
ATOM   454  N  N   . LEU A 1 53  ? -5.984  -0.963  2.387   1.000 16.932  ? 1031 LEU AAA N   1 ? 
ATOM   455  C  CA  . LEU A 1 53  ? -5.111  -0.392  3.410   1.000 18.169  ? 1031 LEU AAA CA  1 ? 
ATOM   456  C  C   . LEU A 1 53  ? -5.183  -1.141  4.739   1.000 18.885  ? 1031 LEU AAA C   1 ? 
ATOM   457  O  O   . LEU A 1 53  ? -4.192  -1.131  5.496   1.000 19.464  ? 1031 LEU AAA O   1 ? 
ATOM   458  C  CB  . LEU A 1 53  ? -5.440  1.089   3.618   1.000 17.928  ? 1031 LEU AAA CB  1 ? 
ATOM   459  C  CG  . LEU A 1 53  ? -5.176  1.941   2.374   1.000 19.101  ? 1031 LEU AAA CG  1 ? 
ATOM   460  C  CD1 . LEU A 1 53  ? -5.717  3.361   2.570   1.000 21.960  ? 1031 LEU AAA CD1 1 ? 
ATOM   461  C  CD2 . LEU A 1 53  ? -3.702  1.992   1.941   1.000 19.634  ? 1031 LEU AAA CD2 1 ? 
ATOM   462  N  N   . SER A 1 54  ? -6.309  -1.767  5.089   1.000 19.194  ? 1032 SER AAA N   1 ? 
ATOM   463  C  CA  . SER A 1 54  ? -6.333  -2.573  6.310   1.000 21.280  ? 1032 SER AAA CA  1 ? 
ATOM   464  C  C   . SER A 1 54  ? -5.401  -3.788  6.174   1.000 20.739  ? 1032 SER AAA C   1 ? 
ATOM   465  O  O   . SER A 1 54  ? -4.717  -4.145  7.147   1.000 21.601  ? 1032 SER AAA O   1 ? 
ATOM   466  C  CB  . SER A 1 54  ? -7.747  -2.954  6.730   1.000 23.336  ? 1032 SER AAA CB  1 ? 
ATOM   467  O  OG  . SER A 1 54  ? -8.293  -3.844  5.767   1.000 32.348  ? 1032 SER AAA OG  1 ? 
ATOM   468  N  N   . SER A 1 55  ? -5.368  -4.419  5.006   1.000 20.161  ? 1033 SER AAA N   1 ? 
ATOM   469  C  CA  . SER A 1 55  ? -4.475  -5.535  4.735   1.000 21.630  ? 1033 SER AAA CA  1 ? 
ATOM   470  C  C   . SER A 1 55  ? -3.026  -5.072  4.822   1.000 20.061  ? 1033 SER AAA C   1 ? 
ATOM   471  O  O   . SER A 1 55  ? -2.172  -5.778  5.347   1.000 19.627  ? 1033 SER AAA O   1 ? 
ATOM   472  C  CB  . SER A 1 55  ? -4.764  -6.173  3.421   1.000 23.532  ? 1033 SER AAA CB  1 ? 
ATOM   473  O  OG  . SER A 1 55  ? -6.029  -6.801  3.599   1.000 29.619  ? 1033 SER AAA OG  1 ? 
ATOM   474  N  N   . VAL A 1 56  ? -2.742  -3.860  4.320   1.000 18.054  ? 1034 VAL AAA N   1 ? 
ATOM   475  C  CA  . VAL A 1 56  ? -1.385  -3.329  4.407   1.000 16.884  ? 1034 VAL AAA CA  1 ? 
ATOM   476  C  C   . VAL A 1 56  ? -0.978  -3.125  5.858   1.000 16.441  ? 1034 VAL AAA C   1 ? 
ATOM   477  O  O   . VAL A 1 56  ? 0.138   -3.532  6.217   1.000 16.489  ? 1034 VAL AAA O   1 ? 
ATOM   478  C  CB  . VAL A 1 56  ? -1.323  -2.017  3.622   1.000 15.929  ? 1034 VAL AAA CB  1 ? 
ATOM   479  C  CG1 . VAL A 1 56  ? 0.001   -1.308  3.888   1.000 17.028  ? 1034 VAL AAA CG1 1 ? 
ATOM   480  C  CG2 . VAL A 1 56  ? -1.417  -2.290  2.132   1.000 18.493  ? 1034 VAL AAA CG2 1 ? 
ATOM   481  N  N   . ILE A 1 57  ? -1.843  -2.609  6.711   1.000 16.300  ? 1035 ILE AAA N   1 ? 
ATOM   482  C  CA  . ILE A 1 57  ? -1.476  -2.488  8.118   1.000 18.009  ? 1035 ILE AAA CA  1 ? 
ATOM   483  C  C   . ILE A 1 57  ? -1.193  -3.861  8.734   1.000 18.502  ? 1035 ILE AAA C   1 ? 
ATOM   484  O  O   . ILE A 1 57  ? -0.217  -4.031  9.468   1.000 19.060  ? 1035 ILE AAA O   1 ? 
ATOM   485  C  CB  . ILE A 1 57  ? -2.566  -1.765  8.939   1.000 20.516  ? 1035 ILE AAA CB  1 ? 
ATOM   486  C  CG1 . ILE A 1 57  ? -2.680  -0.291  8.535   1.000 22.610  ? 1035 ILE AAA CG1 1 ? 
ATOM   487  C  CG2 . ILE A 1 57  ? -2.303  -1.908  10.437  1.000 25.880  ? 1035 ILE AAA CG2 1 ? 
ATOM   488  C  CD1 . ILE A 1 57  ? -1.427  0.505   8.931   1.000 26.301  ? 1035 ILE AAA CD1 1 ? 
ATOM   489  N  N   . SER A 1 58  ? -2.057  -4.843  8.417   1.000 19.037  ? 1036 SER AAA N   1 ? 
ATOM   490  C  CA  . SER A 1 58  ? -1.854  -6.183  8.968   1.000 19.511  ? 1036 SER AAA CA  1 ? 
ATOM   491  C  C   . SER A 1 58  ? -0.498  -6.708  8.533   1.000 18.172  ? 1036 SER AAA C   1 ? 
ATOM   492  O  O   . SER A 1 58  ? 0.260   -7.303  9.340   1.000 18.711  ? 1036 SER AAA O   1 ? 
ATOM   493  C  CB  . SER A 1 58  ? -2.974  -7.109  8.492   1.000 21.580  ? 1036 SER AAA CB  1 ? 
ATOM   494  O  OG  . SER A 1 58  ? -4.202  -6.737  9.131   1.000 27.579  ? 1036 SER AAA OG  1 ? 
ATOM   495  N  N   . LYS A 1 59  ? -0.107  -6.496  7.280   1.000 17.409  ? 1037 LYS AAA N   1 ? 
ATOM   496  C  CA  . LYS A 1 59  ? 1.180   -6.939  6.782   1.000 17.204  ? 1037 LYS AAA CA  1 ? 
ATOM   497  C  C   . LYS A 1 59  ? 2.362   -6.245  7.461   1.000 17.837  ? 1037 LYS AAA C   1 ? 
ATOM   498  O  O   . LYS A 1 59  ? 3.402   -6.864  7.713   1.000 18.484  ? 1037 LYS AAA O   1 ? 
ATOM   499  C  CB  . LYS A 1 59  ? 1.287   -6.906  5.250   1.000 18.619  ? 1037 LYS AAA CB  1 ? 
ATOM   500  C  CG  . LYS A 1 59  ? 0.310   -7.912  4.629   1.000 19.708  ? 1037 LYS AAA CG  1 ? 
ATOM   501  C  CD  . LYS A 1 59  ? 0.401   -7.885  3.124   1.000 19.966  ? 1037 LYS AAA CD  1 ? 
ATOM   502  C  CE  . LYS A 1 59  ? 1.789   -8.249  2.637   1.000 21.502  ? 1037 LYS AAA CE  1 ? 
ATOM   503  N  NZ  . LYS A 1 59  ? 1.870   -8.492  1.168   1.000 22.832  ? 1037 LYS AAA NZ  1 ? 
ATOM   504  N  N   . ILE A 1 60  ? 2.218   -4.920  7.718   1.000 17.783  ? 1038 ILE AAA N   1 ? 
ATOM   505  C  CA  . ILE A 1 60  ? 3.289   -4.224  8.416   1.000 17.817  ? 1038 ILE AAA CA  1 ? 
ATOM   506  C  C   . ILE A 1 60  ? 3.521   -4.928  9.753   1.000 18.036  ? 1038 ILE AAA C   1 ? 
ATOM   507  O  O   . ILE A 1 60  ? 4.684   -5.223  10.112  1.000 17.842  ? 1038 ILE AAA O   1 ? 
ATOM   508  C  CB  . ILE A 1 60  ? 2.895   -2.749  8.631   1.000 16.793  ? 1038 ILE AAA CB  1 ? 
ATOM   509  C  CG1 . ILE A 1 60  ? 2.854   -1.997  7.306   1.000 16.549  ? 1038 ILE AAA CG1 1 ? 
ATOM   510  C  CG2 . ILE A 1 60  ? 3.911   -2.100  9.591   1.000 17.428  ? 1038 ILE AAA CG2 1 ? 
ATOM   511  C  CD1 . ILE A 1 60  ? 2.197   -0.612  7.386   1.000 17.567  ? 1038 ILE AAA CD1 1 ? 
ATOM   512  N  N   . ASP A 1 61  ? 2.426   -5.151  10.468  1.000 17.794  ? 1039 ASP AAA N   1 ? 
ATOM   513  C  CA  . ASP A 1 61  ? 2.511   -5.706  11.817  1.000 19.952  ? 1039 ASP AAA CA  1 ? 
ATOM   514  C  C   . ASP A 1 61  ? 3.016   -7.155  11.822  1.000 22.007  ? 1039 ASP AAA C   1 ? 
ATOM   515  O  O   . ASP A 1 61  ? 3.615   -7.593  12.819  1.000 24.272  ? 1039 ASP AAA O   1 ? 
ATOM   516  C  CB  . ASP A 1 61  ? 1.179   -5.594  12.530  1.000 19.563  ? 1039 ASP AAA CB  1 ? 
ATOM   517  C  CG  . ASP A 1 61  ? 0.750   -4.157  12.836  1.000 23.400  ? 1039 ASP AAA CG  1 ? 
ATOM   518  O  OD1 . ASP A 1 61  ? 1.645   -3.266  12.829  1.000 26.552  ? 1039 ASP AAA OD1 1 ? 
ATOM   519  O  OD2 . ASP A 1 61  ? -0.458  -3.902  13.114  1.000 24.416  ? 1039 ASP AAA OD2 1 ? 
ATOM   520  N  N   . LEU A 1 62  ? 2.793   -7.894  10.739  1.000 19.632  ? 1040 LEU AAA N   1 ? 
ATOM   521  C  CA  . LEU A 1 62  ? 3.332   -9.253  10.601  1.000 19.485  ? 1040 LEU AAA CA  1 ? 
ATOM   522  C  C   . LEU A 1 62  ? 4.778   -9.243  10.113  1.000 21.962  ? 1040 LEU AAA C   1 ? 
ATOM   523  O  O   . LEU A 1 62  ? 5.367   -10.277 9.794   1.000 24.376  ? 1040 LEU AAA O   1 ? 
ATOM   524  C  CB  . LEU A 1 62  ? 2.445   -10.042 9.647   1.000 19.905  ? 1040 LEU AAA CB  1 ? 
ATOM   525  C  CG  . LEU A 1 62  ? 1.112   -10.445 10.232  1.000 19.830  ? 1040 LEU AAA CG  1 ? 
ATOM   526  C  CD1 . LEU A 1 62  ? 0.159   -10.916 9.157   1.000 23.155  ? 1040 LEU AAA CD1 1 ? 
ATOM   527  C  CD2 . LEU A 1 62  ? 1.288   -11.562 11.279  1.000 23.395  ? 1040 LEU AAA CD2 1 ? 
ATOM   528  N  N   . HIS A 1 63  ? 5.440   -8.079  9.987   1.000 19.305  ? 1041 HIS AAA N   1 ? 
ATOM   529  C  CA  . HIS A 1 63  ? 6.805   -7.980  9.547   1.000 19.380  ? 1041 HIS AAA CA  1 ? 
ATOM   530  C  C   . HIS A 1 63  ? 6.998   -8.504  8.133   1.000 20.575  ? 1041 HIS AAA C   1 ? 
ATOM   531  O  O   . HIS A 1 63  ? 8.070   -8.939  7.705   1.000 25.454  ? 1041 HIS AAA O   1 ? 
ATOM   532  C  CB  . HIS A 1 63  ? 7.789   -8.697  10.507  1.000 22.005  ? 1041 HIS AAA CB  1 ? 
ATOM   533  C  CG  . HIS A 1 63  ? 7.751   -8.180  11.873  1.000 21.301  ? 1041 HIS AAA CG  1 ? 
ATOM   534  N  ND1 . HIS A 1 63  ? 8.789   -8.450  12.776  1.000 27.716  ? 1041 HIS AAA ND1 1 ? 
ATOM   535  C  CD2 . HIS A 1 63  ? 6.889   -7.403  12.532  1.000 21.302  ? 1041 HIS AAA CD2 1 ? 
ATOM   536  C  CE1 . HIS A 1 63  ? 8.474   -7.893  13.919  1.000 26.492  ? 1041 HIS AAA CE1 1 ? 
ATOM   537  N  NE2 . HIS A 1 63  ? 7.341   -7.264  13.840  1.000 29.009  ? 1041 HIS AAA NE2 1 ? 
ATOM   538  N  N   . LYS A 1 64  ? 5.999   -8.250  7.286   1.000 19.004  ? 1042 LYS AAA N   1 ? 
ATOM   539  C  CA  . LYS A 1 64  ? 6.110   -8.701  5.918   1.000 19.399  ? 1042 LYS AAA CA  1 ? 
ATOM   540  C  C   . LYS A 1 64  ? 6.842   -7.741  5.009   1.000 20.196  ? 1042 LYS AAA C   1 ? 
ATOM   541  O  O   . LYS A 1 64  ? 7.277   -8.162  3.937   1.000 23.508  ? 1042 LYS AAA O   1 ? 
ATOM   542  C  CB  . LYS A 1 64  ? 4.750   -8.965  5.275   1.000 21.942  ? 1042 LYS AAA CB  1 ? 
ATOM   543  C  CG  . LYS A 1 64  ? 3.904   -9.958  6.023   1.000 26.016  ? 1042 LYS AAA CG  1 ? 
ATOM   544  C  CD  . LYS A 1 64  ? 4.341   -11.358 5.835   1.000 33.498  ? 1042 LYS AAA CD  1 ? 
ATOM   545  C  CE  . LYS A 1 64  ? 3.195   -12.265 6.249   1.000 37.060  ? 1042 LYS AAA CE  1 ? 
ATOM   546  N  NZ  . LYS A 1 64  ? 3.564   -13.660 5.940   1.000 51.668  ? 1042 LYS AAA NZ  1 ? 
ATOM   547  N  N   . TYR A 1 65  ? 6.992   -6.460  5.407   1.000 18.727  ? 1043 TYR AAA N   1 ? 
ATOM   548  C  CA  . TYR A 1 65  ? 7.732   -5.518  4.611   1.000 19.467  ? 1043 TYR AAA CA  1 ? 
ATOM   549  C  C   . TYR A 1 65  ? 9.088   -5.265  5.249   1.000 20.255  ? 1043 TYR AAA C   1 ? 
ATOM   550  O  O   . TYR A 1 65  ? 9.147   -4.791  6.391   1.000 24.363  ? 1043 TYR AAA O   1 ? 
ATOM   551  C  CB  . TYR A 1 65  ? 6.962   -4.188  4.458   1.000 18.624  ? 1043 TYR AAA CB  1 ? 
ATOM   552  C  CG  . TYR A 1 65  ? 5.555   -4.305  3.905   1.000 18.171  ? 1043 TYR AAA CG  1 ? 
ATOM   553  C  CD1 . TYR A 1 65  ? 5.314   -4.825  2.638   1.000 20.189  ? 1043 TYR AAA CD1 1 ? 
ATOM   554  C  CD2 . TYR A 1 65  ? 4.473   -3.932  4.689   1.000 18.939  ? 1043 TYR AAA CD2 1 ? 
ATOM   555  C  CE1 . TYR A 1 65  ? 4.018   -4.901  2.130   1.000 18.609  ? 1043 TYR AAA CE1 1 ? 
ATOM   556  C  CE2 . TYR A 1 65  ? 3.166   -4.009  4.201   1.000 18.450  ? 1043 TYR AAA CE2 1 ? 
ATOM   557  C  CZ  . TYR A 1 65  ? 2.948   -4.476  2.920   1.000 18.082  ? 1043 TYR AAA CZ  1 ? 
ATOM   558  O  OH  . TYR A 1 65  ? 1.646   -4.568  2.483   1.000 18.885  ? 1043 TYR AAA OH  1 ? 
ATOM   559  N  N   . LEU A 1 66  ? 10.105  -5.579  4.471   1.000 20.213  ? 1044 LEU AAA N   1 ? 
ATOM   560  C  CA  . LEU A 1 66  ? 11.463  -5.304  4.960   1.000 20.094  ? 1044 LEU AAA CA  1 ? 
ATOM   561  C  C   . LEU A 1 66  ? 12.084  -4.149  4.186   1.000 20.618  ? 1044 LEU AAA C   1 ? 
ATOM   562  O  O   . LEU A 1 66  ? 13.184  -3.689  4.511   1.000 20.599  ? 1044 LEU AAA O   1 ? 
ATOM   563  C  CB  . LEU A 1 66  ? 12.354  -6.544  4.772   1.000 23.672  ? 1044 LEU AAA CB  1 ? 
ATOM   564  C  CG  . LEU A 1 66  ? 11.952  -7.766  5.603   1.000 29.178  ? 1044 LEU AAA CG  1 ? 
ATOM   565  C  CD1 . LEU A 1 66  ? 13.102  -8.772  5.560   1.000 31.680  ? 1044 LEU AAA CD1 1 ? 
ATOM   566  C  CD2 . LEU A 1 66  ? 11.614  -7.380  7.040   1.000 33.611  ? 1044 LEU AAA CD2 1 ? 
ATOM   567  N  N   . THR A 1 67  ? 11.363  -3.582  3.173   1.000 18.681  ? 1045 THR AAA N   1 ? 
ATOM   568  C  CA  . THR A 1 67  ? 11.849  -2.421  2.470   1.000 18.992  ? 1045 THR AAA CA  1 ? 
ATOM   569  C  C   . THR A 1 67  ? 10.645  -1.566  2.065   1.000 18.469  ? 1045 THR AAA C   1 ? 
ATOM   570  O  O   . THR A 1 67  ? 9.520   -2.099  2.010   1.000 18.853  ? 1045 THR AAA O   1 ? 
ATOM   571  C  CB  . THR A 1 67  ? 12.612  -2.743  1.197   1.000 18.888  ? 1045 THR AAA CB  1 ? 
ATOM   572  O  OG1 . THR A 1 67  ? 11.677  -3.328  0.263   1.000 21.169  ? 1045 THR AAA OG1 1 ? 
ATOM   573  C  CG2 . THR A 1 67  ? 13.782  -3.672  1.453   1.000 21.839  ? 1045 THR AAA CG2 1 ? 
ATOM   574  N  N   . VAL A 1 68  ? 10.882  -0.288  1.784   1.000 18.313  ? 1046 VAL AAA N   1 ? 
ATOM   575  C  CA  . VAL A 1 68  ? 9.804   0.566   1.272   1.000 17.794  ? 1046 VAL AAA CA  1 ? 
ATOM   576  C  C   . VAL A 1 68  ? 9.415   0.089   -0.109  1.000 19.299  ? 1046 VAL AAA C   1 ? 
ATOM   577  O  O   . VAL A 1 68  ? 8.226   0.136   -0.456  1.000 18.756  ? 1046 VAL AAA O   1 ? 
ATOM   578  C  CB  . VAL A 1 68  ? 10.130  2.062   1.313   1.000 17.520  ? 1046 VAL AAA CB  1 ? 
ATOM   579  C  CG1 . VAL A 1 68  ? 8.930   2.858   0.790   1.000 20.654  ? 1046 VAL AAA CG1 1 ? 
ATOM   580  C  CG2 . VAL A 1 68  ? 10.435  2.490   2.760   1.000 20.794  ? 1046 VAL AAA CG2 1 ? 
ATOM   581  N  N   . LYS A 1 69  ? 10.343  -0.423  -0.919  1.000 19.236  ? 1047 LYS AAA N   1 ? 
ATOM   582  C  CA  . LYS A 1 69  ? 9.990   -0.949  -2.225  1.000 20.579  ? 1047 LYS AAA CA  1 ? 
ATOM   583  C  C   . LYS A 1 69  ? 8.953   -2.056  -2.074  1.000 20.765  ? 1047 LYS AAA C   1 ? 
ATOM   584  O  O   . LYS A 1 69  ? 7.968   -2.102  -2.866  1.000 22.473  ? 1047 LYS AAA O   1 ? 
ATOM   585  C  CB  . LYS A 1 69  ? 11.300  -1.416  -2.891  1.000 26.051  ? 1047 LYS AAA CB  1 ? 
ATOM   586  C  CG  . LYS A 1 69  ? 11.117  -1.993  -4.279  1.000 32.108  ? 1047 LYS AAA CG  1 ? 
ATOM   587  C  CD  . LYS A 1 69  ? 12.474  -2.107  -5.000  1.000 37.324  ? 1047 LYS AAA CD  1 ? 
ATOM   588  C  CE  . LYS A 1 69  ? 13.298  -0.836  -4.844  1.000 47.436  ? 1047 LYS AAA CE  1 ? 
ATOM   589  N  NZ  . LYS A 1 69  ? 14.217  -0.576  -5.985  1.000 60.094  ? 1047 LYS AAA NZ  1 ? 
ATOM   590  N  N   . ASP A 1 70  ? 9.046   -2.971  -1.118  1.000 19.719  ? 1048 ASP AAA N   1 ? 
ATOM   591  C  CA  . ASP A 1 70  ? 8.077   -4.036  -0.972  1.000 21.484  ? 1048 ASP AAA CA  1 ? 
ATOM   592  C  C   . ASP A 1 70  ? 6.695   -3.460  -0.605  1.000 21.013  ? 1048 ASP AAA C   1 ? 
ATOM   593  O  O   . ASP A 1 70  ? 5.667   -3.955  -1.085  1.000 20.992  ? 1048 ASP AAA O   1 ? 
ATOM   594  C  CB  . ASP A 1 70  ? 8.620   -5.112  -0.035  1.000 25.745  ? 1048 ASP AAA CB  1 ? 
ATOM   595  C  CG  . ASP A 1 70  ? 9.733   -5.964  -0.679  1.000 29.223  ? 1048 ASP AAA CG  1 ? 
ATOM   596  O  OD1 . ASP A 1 70  ? 9.949   -5.853  -1.911  1.000 37.170  ? 1048 ASP AAA OD1 1 ? 
ATOM   597  O  OD2 . ASP A 1 70  ? 10.364  -6.686  0.037   1.000 41.902  ? 1048 ASP AAA OD2 1 ? 
ATOM   598  N  N   . TYR A 1 71  ? 6.656   -2.445  0.274   1.000 18.019  ? 1049 TYR AAA N   1 ? 
ATOM   599  C  CA  . TYR A 1 71  ? 5.391   -1.817  0.627   1.000 17.088  ? 1049 TYR AAA CA  1 ? 
ATOM   600  C  C   . TYR A 1 71  ? 4.811   -1.155  -0.631  1.000 17.384  ? 1049 TYR AAA C   1 ? 
ATOM   601  O  O   . TYR A 1 71  ? 3.576   -1.294  -0.832  1.000 17.439  ? 1049 TYR AAA O   1 ? 
ATOM   602  C  CB  . TYR A 1 71  ? 5.761   -0.735  1.630   1.000 16.395  ? 1049 TYR AAA CB  1 ? 
ATOM   603  C  CG  . TYR A 1 71  ? 4.633   0.199   1.988   1.000 14.791  ? 1049 TYR AAA CG  1 ? 
ATOM   604  C  CD1 . TYR A 1 71  ? 3.685   -0.077  2.968   1.000 15.276  ? 1049 TYR AAA CD1 1 ? 
ATOM   605  C  CD2 . TYR A 1 71  ? 4.585   1.451   1.350   1.000 15.588  ? 1049 TYR AAA CD2 1 ? 
ATOM   606  C  CE1 . TYR A 1 71  ? 2.683   0.845   3.315   1.000 14.896  ? 1049 TYR AAA CE1 1 ? 
ATOM   607  C  CE2 . TYR A 1 71  ? 3.608   2.373   1.701   1.000 15.296  ? 1049 TYR AAA CE2 1 ? 
ATOM   608  C  CZ  . TYR A 1 71  ? 2.667   2.076   2.661   1.000 15.422  ? 1049 TYR AAA CZ  1 ? 
ATOM   609  O  OH  . TYR A 1 71  ? 1.678   2.965   2.999   1.000 15.834  ? 1049 TYR AAA OH  1 ? 
ATOM   610  N  N   . LEU A 1 72  ? 5.605   -0.450  -1.440  1.000 16.718  ? 1050 LEU AAA N   1 ? 
ATOM   611  C  CA  . LEU A 1 72  ? 5.045   0.223   -2.605  1.000 17.895  ? 1050 LEU AAA CA  1 ? 
ATOM   612  C  C   . LEU A 1 72  ? 4.528   -0.793  -3.601  1.000 19.618  ? 1050 LEU AAA C   1 ? 
ATOM   613  O  O   . LEU A 1 72  ? 3.615   -0.442  -4.364  1.000 19.318  ? 1050 LEU AAA O   1 ? 
ATOM   614  C  CB  . LEU A 1 72  ? 6.044   1.179   -3.236  1.000 18.602  ? 1050 LEU AAA CB  1 ? 
ATOM   615  C  CG  . LEU A 1 72  ? 6.301   2.412   -2.399  1.000 18.646  ? 1050 LEU AAA CG  1 ? 
ATOM   616  C  CD1 . LEU A 1 72  ? 7.451   3.196   -2.977  1.000 22.856  ? 1050 LEU AAA CD1 1 ? 
ATOM   617  C  CD2 . LEU A 1 72  ? 5.073   3.293   -2.266  1.000 20.801  ? 1050 LEU AAA CD2 1 ? 
ATOM   618  N  N   . ARG A 1 73  ? 4.985   -2.034  -3.635  1.000 18.600  ? 1051 ARG AAA N   1 ? 
ATOM   619  C  CA  . ARG A 1 73  ? 4.423   -3.014  -4.549  1.000 21.475  ? 1051 ARG AAA CA  1 ? 
ATOM   620  C  C   . ARG A 1 73  ? 2.980   -3.252  -4.158  1.000 18.427  ? 1051 ARG AAA C   1 ? 
ATOM   621  O  O   . ARG A 1 73  ? 2.132   -3.495  -5.054  1.000 19.145  ? 1051 ARG AAA O   1 ? 
ATOM   622  C  CB  . ARG A 1 73  ? 5.217   -4.328  -4.482  1.000 25.765  ? 1051 ARG AAA CB  1 ? 
ATOM   623  C  CG  . ARG A 1 73  ? 6.509   -4.254  -5.264  1.000 34.349  ? 1051 ARG AAA CG  1 ? 
ATOM   624  C  CD  . ARG A 1 73  ? 7.052   -5.675  -5.420  1.000 42.051  ? 1051 ARG AAA CD  1 ? 
ATOM   625  N  NE  . ARG A 1 73  ? 8.461   -5.704  -5.028  1.000 54.566  ? 1051 ARG AAA NE  1 ? 
ATOM   626  C  CZ  . ARG A 1 73  ? 9.464   -5.174  -5.727  1.000 63.261  ? 1051 ARG AAA CZ  1 ? 
ATOM   627  N  NH1 . ARG A 1 73  ? 10.705  -5.258  -5.271  1.000 67.819  ? 1051 ARG AAA NH1 1 ? 
ATOM   628  N  NH2 . ARG A 1 73  ? 9.228   -4.556  -6.873  1.000 66.446  ? 1051 ARG AAA NH2 1 ? 
ATOM   629  N  N   . ASP A 1 74  ? 2.663   -3.233  -2.866  1.000 18.149  ? 1052 ASP AAA N   1 ? 
ATOM   630  C  CA  . ASP A 1 74  ? 1.278   -3.449  -2.463  1.000 17.916  ? 1052 ASP AAA CA  1 ? 
ATOM   631  C  C   . ASP A 1 74  ? 0.419   -2.191  -2.694  1.000 17.491  ? 1052 ASP AAA C   1 ? 
ATOM   632  O  O   . ASP A 1 74  ? -0.765  -2.337  -3.044  1.000 18.266  ? 1052 ASP AAA O   1 ? 
ATOM   633  C  CB  . ASP A 1 74  ? 1.134   -3.961  -1.028  1.000 18.060  ? 1052 ASP AAA CB  1 ? 
ATOM   634  C  CG  . ASP A 1 74  ? 1.421   -5.453  -0.884  1.000 21.619  ? 1052 ASP AAA CG  1 ? 
ATOM   635  O  OD1 . ASP A 1 74  ? 1.494   -6.145  -1.935  1.000 24.419  ? 1052 ASP AAA OD1 1 ? 
ATOM   636  O  OD2 . ASP A 1 74  ? 1.471   -5.926  0.247   1.000 21.227  ? 1052 ASP AAA OD2 1 ? 
ATOM   637  N  N   . ILE A 1 75  ? 0.987   -1.003  -2.506  1.000 15.841  ? 1053 ILE AAA N   1 ? 
ATOM   638  C  CA  . ILE A 1 75  ? 0.244   0.198   -2.859  1.000 17.120  ? 1053 ILE AAA CA  1 ? 
ATOM   639  C  C   . ILE A 1 75  ? -0.038  0.149   -4.351  1.000 17.500  ? 1053 ILE AAA C   1 ? 
ATOM   640  O  O   . ILE A 1 75  ? -1.182  0.469   -4.793  1.000 17.677  ? 1053 ILE AAA O   1 ? 
ATOM   641  C  CB  . ILE A 1 75  ? 1.064   1.449   -2.495  1.000 16.475  ? 1053 ILE AAA CB  1 ? 
ATOM   642  C  CG1 . ILE A 1 75  ? 1.260   1.526   -0.985  1.000 17.712  ? 1053 ILE AAA CG1 1 ? 
ATOM   643  C  CG2 . ILE A 1 75  ? 0.365   2.714   -3.030  1.000 18.915  ? 1053 ILE AAA CG2 1 ? 
ATOM   644  C  CD1 . ILE A 1 75  ? -0.003  1.573   -0.163  1.000 19.400  ? 1053 ILE AAA CD1 1 ? 
ATOM   645  N  N   . ASP A 1 76  ? 0.920   -0.234  -5.193  1.000 16.743  ? 1054 ASP AAA N   1 ? 
ATOM   646  C  CA  . ASP A 1 76  ? 0.745   -0.318  -6.643  1.000 17.519  ? 1054 ASP AAA CA  1 ? 
ATOM   647  C  C   . ASP A 1 76  ? -0.375  -1.309  -6.945  1.000 18.565  ? 1054 ASP AAA C   1 ? 
ATOM   648  O  O   . ASP A 1 76  ? -1.146  -1.032  -7.885  1.000 20.197  ? 1054 ASP AAA O   1 ? 
ATOM   649  C  CB  . ASP A 1 76  ? 2.039   -0.771  -7.338  1.000 19.415  ? 1054 ASP AAA CB  1 ? 
ATOM   650  C  CG  . ASP A 1 76  ? 3.107   0.297   -7.380  1.000 23.208  ? 1054 ASP AAA CG  1 ? 
ATOM   651  O  OD1 . ASP A 1 76  ? 2.801   1.438   -7.308  1.000 28.774  ? 1054 ASP AAA OD1 1 ? 
ATOM   652  O  OD2 . ASP A 1 76  ? 4.265   -0.089  -7.689  1.000 32.513  ? 1054 ASP AAA OD2 1 ? 
ATOM   653  N  N   . LEU A 1 77  ? -0.543  -2.397  -6.180  1.000 17.066  ? 1055 LEU AAA N   1 ? 
ATOM   654  C  CA  . LEU A 1 77  ? -1.593  -3.365  -6.442  1.000 19.987  ? 1055 LEU AAA CA  1 ? 
ATOM   655  C  C   . LEU A 1 77  ? -2.965  -2.748  -6.193  1.000 20.705  ? 1055 LEU AAA C   1 ? 
ATOM   656  O  O   . LEU A 1 77  ? -3.958  -3.037  -6.874  1.000 21.194  ? 1055 LEU AAA O   1 ? 
ATOM   657  C  CB  . LEU A 1 77  ? -1.455  -4.517  -5.465  1.000 25.963  ? 1055 LEU AAA CB  1 ? 
ATOM   658  C  CG  . LEU A 1 77  ? -0.880  -5.833  -5.926  1.000 31.805  ? 1055 LEU AAA CG  1 ? 
ATOM   659  C  CD1 . LEU A 1 77  ? -1.038  -6.781  -4.729  1.000 28.195  ? 1055 LEU AAA CD1 1 ? 
ATOM   660  C  CD2 . LEU A 1 77  ? -1.680  -6.372  -7.150  1.000 26.256  ? 1055 LEU AAA CD2 1 ? 
ATOM   661  N  N   . ILE A 1 78  ? -3.104  -1.883  -5.175  1.000 21.031  ? 1056 ILE AAA N   1 ? 
ATOM   662  C  CA  . ILE A 1 78  ? -4.386  -1.257  -4.931  1.000 21.541  ? 1056 ILE AAA CA  1 ? 
ATOM   663  C  C   . ILE A 1 78  ? -4.773  -0.487  -6.179  1.000 23.199  ? 1056 ILE AAA C   1 ? 
ATOM   664  O  O   . ILE A 1 78  ? -5.954  -0.507  -6.619  1.000 24.687  ? 1056 ILE AAA O   1 ? 
ATOM   665  C  CB  . ILE A 1 78  ? -4.311  -0.319  -3.694  1.000 21.702  ? 1056 ILE AAA CB  1 ? 
ATOM   666  C  CG1 . ILE A 1 78  ? -4.088  -1.146  -2.447  1.000 22.363  ? 1056 ILE AAA CG1 1 ? 
ATOM   667  C  CG2 . ILE A 1 78  ? -5.603  0.515   -3.595  1.000 23.446  ? 1056 ILE AAA CG2 1 ? 
ATOM   668  C  CD1 . ILE A 1 78  ? -3.894  -0.319  -1.118  1.000 23.079  ? 1056 ILE AAA CD1 1 ? 
ATOM   669  N  N   . CYS A 1 79  ? -3.843  0.226   -6.809  1.000 20.306  ? 1057 CYS AAA N   1 ? 
ATOM   670  C  CA  . CYS A 1 79  ? -4.055  1.012   -7.998  1.000 21.540  ? 1057 CYS AAA CA  1 ? 
ATOM   671  C  C   . CYS A 1 79  ? -4.364  0.092   -9.187  1.000 23.358  ? 1057 CYS AAA C   1 ? 
ATOM   672  O  O   . CYS A 1 79  ? -5.370  0.239   -9.892  1.000 22.052  ? 1057 CYS AAA O   1 ? 
ATOM   673  C  CB  . CYS A 1 79  ? -2.876  1.951   -8.258  1.000 23.899  ? 1057 CYS AAA CB  1 ? 
ATOM   674  S  SG  . CYS A 1 79  ? -3.063  2.904   -9.782  1.000 29.166  ? 1057 CYS AAA SG  1 ? 
ATOM   675  N  N   . SER A 1 80  ? -3.495  -0.886  -9.455  1.000 19.576  ? 1058 SER AAA N   1 ? 
ATOM   676  C  CA  . SER A 1 80  ? -3.670  -1.698  -10.643 1.000 20.171  ? 1058 SER AAA CA  1 ? 
ATOM   677  C  C   . SER A 1 80  ? -4.912  -2.568  -10.516 1.000 18.556  ? 1058 SER AAA C   1 ? 
ATOM   678  O  O   . SER A 1 80  ? -5.563  -2.779  -11.568 1.000 20.724  ? 1058 SER AAA O   1 ? 
ATOM   679  C  CB  . SER A 1 80  ? -2.382  -2.495  -10.946 1.000 22.211  ? 1058 SER AAA CB  1 ? 
ATOM   680  O  OG  . SER A 1 80  ? -2.161  -3.411  -9.909  1.000 23.550  ? 1058 SER AAA OG  1 ? 
ATOM   681  N  N   . ASN A 1 81  ? -5.295  -3.049  -9.345  1.000 17.826  ? 1059 ASN AAA N   1 ? 
ATOM   682  C  CA  . ASN A 1 81  ? -6.522  -3.819  -9.152  1.000 18.849  ? 1059 ASN AAA CA  1 ? 
ATOM   683  C  C   . ASN A 1 81  ? -7.710  -2.950  -9.583  1.000 20.993  ? 1059 ASN AAA C   1 ? 
ATOM   684  O  O   . ASN A 1 81  ? -8.614  -3.440  -10.264 1.000 21.120  ? 1059 ASN AAA O   1 ? 
ATOM   685  C  CB  . ASN A 1 81  ? -6.746  -4.373  -7.750  1.000 19.172  ? 1059 ASN AAA CB  1 ? 
ATOM   686  C  CG  . ASN A 1 81  ? -5.775  -5.472  -7.372  1.000 19.222  ? 1059 ASN AAA CG  1 ? 
ATOM   687  O  OD1 . ASN A 1 81  ? -5.211  -6.067  -8.286  1.000 21.260  ? 1059 ASN AAA OD1 1 ? 
ATOM   688  N  ND2 . ASN A 1 81  ? -5.737  -5.745  -6.094  1.000 20.847  ? 1059 ASN AAA ND2 1 ? 
ATOM   689  N  N   . ALA A 1 82  ? -7.699  -1.672  -9.206  1.000 20.720  ? 1060 ALA AAA N   1 ? 
ATOM   690  C  CA  . ALA A 1 82  ? -8.857  -0.843  -9.523  1.000 22.261  ? 1060 ALA AAA CA  1 ? 
ATOM   691  C  C   . ALA A 1 82  ? -8.866  -0.527  -11.009 1.000 20.426  ? 1060 ALA AAA C   1 ? 
ATOM   692  O  O   . ALA A 1 82  ? -9.974  -0.505  -11.613 1.000 24.331  ? 1060 ALA AAA O   1 ? 
ATOM   693  C  CB  . ALA A 1 82  ? -8.773  0.427   -8.686  1.000 23.827  ? 1060 ALA AAA CB  1 ? 
ATOM   694  N  N   . LEU A 1 83  ? -7.753  -0.324  -11.705 1.000 21.815  ? 1061 LEU AAA N   1 ? 
ATOM   695  C  CA  . LEU A 1 83  ? -7.684  -0.150  -13.142 1.000 25.277  ? 1061 LEU AAA CA  1 ? 
ATOM   696  C  C   . LEU A 1 83  ? -8.218  -1.372  -13.870 1.000 27.965  ? 1061 LEU AAA C   1 ? 
ATOM   697  O  O   . LEU A 1 83  ? -8.879  -1.241  -14.921 1.000 31.085  ? 1061 LEU AAA O   1 ? 
ATOM   698  C  CB  . LEU A 1 83  ? -6.282  0.195   -13.632 1.000 28.514  ? 1061 LEU AAA CB  1 ? 
ATOM   699  C  CG  . LEU A 1 83  ? -5.613  1.359   -12.908 1.000 30.898  ? 1061 LEU AAA CG  1 ? 
ATOM   700  C  CD1 . LEU A 1 83  ? -4.286  1.654   -13.588 1.000 33.955  ? 1061 LEU AAA CD1 1 ? 
ATOM   701  C  CD2 . LEU A 1 83  ? -6.503  2.602   -12.943 1.000 36.327  ? 1061 LEU AAA CD2 1 ? 
ATOM   702  N  N   . GLU A 1 84  ? -7.966  -2.560  -13.312 1.000 24.821  ? 1062 GLU AAA N   1 ? 
ATOM   703  C  CA  . GLU A 1 84  ? -8.339  -3.796  -13.977 1.000 25.890  ? 1062 GLU AAA CA  1 ? 
ATOM   704  C  C   . GLU A 1 84  ? -9.810  -4.087  -13.747 1.000 23.577  ? 1062 GLU AAA C   1 ? 
ATOM   705  O  O   . GLU A 1 84  ? -10.515 -4.456  -14.712 1.000 27.074  ? 1062 GLU AAA O   1 ? 
ATOM   706  C  CB  . GLU A 1 84  ? -7.462  -4.969  -13.497 1.000 25.506  ? 1062 GLU AAA CB  1 ? 
ATOM   707  C  CG  . GLU A 1 84  ? -7.984  -6.310  -14.059 1.000 34.074  ? 1062 GLU AAA CG  1 ? 
ATOM   708  C  CD  . GLU A 1 84  ? -7.262  -7.603  -13.677 1.000 53.175  ? 1062 GLU AAA CD  1 ? 
ATOM   709  O  OE1 . GLU A 1 84  ? -7.626  -8.680  -14.239 1.000 53.803  ? 1062 GLU AAA OE1 1 ? 
ATOM   710  O  OE2 . GLU A 1 84  ? -6.366  -7.550  -12.796 1.000 47.882  ? 1062 GLU AAA OE2 1 ? 
ATOM   711  N  N   . TYR A 1 85  ? -10.331 -3.948  -12.536 1.000 21.535  ? 1063 TYR AAA N   1 ? 
ATOM   712  C  CA  . TYR A 1 85  ? -11.686 -4.299  -12.207 1.000 21.217  ? 1063 TYR AAA CA  1 ? 
ATOM   713  C  C   . TYR A 1 85  ? -12.671 -3.222  -12.692 1.000 23.480  ? 1063 TYR AAA C   1 ? 
ATOM   714  O  O   . TYR A 1 85  ? -13.823 -3.582  -12.935 1.000 24.268  ? 1063 TYR AAA O   1 ? 
ATOM   715  C  CB  . TYR A 1 85  ? -11.902 -4.517  -10.715 1.000 23.378  ? 1063 TYR AAA CB  1 ? 
ATOM   716  C  CG  . TYR A 1 85  ? -13.219 -5.168  -10.417 1.000 25.491  ? 1063 TYR AAA CG  1 ? 
ATOM   717  C  CD1 . TYR A 1 85  ? -13.389 -6.524  -10.693 1.000 28.623  ? 1063 TYR AAA CD1 1 ? 
ATOM   718  C  CD2 . TYR A 1 85  ? -14.287 -4.446  -9.908  1.000 28.268  ? 1063 TYR AAA CD2 1 ? 
ATOM   719  C  CE1 . TYR A 1 85  ? -14.608 -7.144  -10.478 1.000 30.014  ? 1063 TYR AAA CE1 1 ? 
ATOM   720  C  CE2 . TYR A 1 85  ? -15.510 -5.059  -9.693  1.000 31.063  ? 1063 TYR AAA CE2 1 ? 
ATOM   721  C  CZ  . TYR A 1 85  ? -15.662 -6.404  -9.990  1.000 30.999  ? 1063 TYR AAA CZ  1 ? 
ATOM   722  O  OH  . TYR A 1 85  ? -16.851 -7.051  -9.785  1.000 39.183  ? 1063 TYR AAA OH  1 ? 
ATOM   723  N  N   . ASN A 1 86  ? -12.227 -1.953  -12.812 1.000 19.613  ? 1064 ASN AAA N   1 ? 
ATOM   724  C  CA  . ASN A 1 86  ? -13.170 -0.841  -13.119 1.000 18.255  ? 1064 ASN AAA CA  1 ? 
ATOM   725  C  C   . ASN A 1 86  ? -12.624 -0.113  -14.323 1.000 19.963  ? 1064 ASN AAA C   1 ? 
ATOM   726  O  O   . ASN A 1 86  ? -12.270 1.055   -14.206 1.000 20.871  ? 1064 ASN AAA O   1 ? 
ATOM   727  C  CB  . ASN A 1 86  ? -13.271 0.110   -11.909 1.000 19.336  ? 1064 ASN AAA CB  1 ? 
ATOM   728  C  CG  . ASN A 1 86  ? -13.692 -0.599  -10.654 1.000 21.233  ? 1064 ASN AAA CG  1 ? 
ATOM   729  O  OD1 . ASN A 1 86  ? -14.867 -0.848  -10.404 1.000 27.104  ? 1064 ASN AAA OD1 1 ? 
ATOM   730  N  ND2 . ASN A 1 86  ? -12.703 -0.974  -9.844  1.000 22.907  ? 1064 ASN AAA ND2 1 ? 
ATOM   731  N  N   . PRO A 1 87  ? -12.548 -0.728  -15.546 1.000 21.226  ? 1065 PRO AAA N   1 ? 
ATOM   732  C  CA  . PRO A 1 87  ? -11.961 -0.100  -16.707 1.000 19.944  ? 1065 PRO AAA CA  1 ? 
ATOM   733  C  C   . PRO A 1 87  ? -12.875 0.721   -17.636 1.000 20.674  ? 1065 PRO AAA C   1 ? 
ATOM   734  O  O   . PRO A 1 87  ? -12.340 1.278   -18.584 1.000 24.806  ? 1065 PRO AAA O   1 ? 
ATOM   735  C  CB  . PRO A 1 87  ? -11.494 -1.340  -17.524 1.000 22.714  ? 1065 PRO AAA CB  1 ? 
ATOM   736  C  CG  . PRO A 1 87  ? -12.611 -2.311  -17.264 1.000 23.449  ? 1065 PRO AAA CG  1 ? 
ATOM   737  C  CD  . PRO A 1 87  ? -12.953 -2.141  -15.797 1.000 23.072  ? 1065 PRO AAA CD  1 ? 
ATOM   738  N  N   . ASP A 1 88  ? -14.157 0.800   -17.257 1.000 22.183  ? 1066 ASP AAA N   1 ? 
ATOM   739  C  CA  . ASP A 1 88  ? -15.127 1.351   -18.214 1.000 23.375  ? 1066 ASP AAA CA  1 ? 
ATOM   740  C  C   . ASP A 1 88  ? -15.111 2.872   -18.197 1.000 24.460  ? 1066 ASP AAA C   1 ? 
ATOM   741  O  O   . ASP A 1 88  ? -14.513 3.565   -17.355 1.000 22.630  ? 1066 ASP AAA O   1 ? 
ATOM   742  C  CB  . ASP A 1 88  ? -16.501 0.844   -17.834 1.000 23.455  ? 1066 ASP AAA CB  1 ? 
ATOM   743  C  CG  . ASP A 1 88  ? -16.617 -0.665  -18.062 1.000 31.636  ? 1066 ASP AAA CG  1 ? 
ATOM   744  O  OD1 . ASP A 1 88  ? -15.717 -1.249  -18.750 1.000 32.298  ? 1066 ASP AAA OD1 1 ? 
ATOM   745  O  OD2 . ASP A 1 88  ? -17.591 -1.230  -17.594 1.000 37.249  ? 1066 ASP AAA OD2 1 ? 
ATOM   746  N  N   . ARG A 1 89  ? -15.871 3.465   -19.140 1.000 23.403  ? 1067 ARG AAA N   1 ? 
ATOM   747  C  CA  . ARG A 1 89  ? -15.802 4.908   -19.329 1.000 22.940  ? 1067 ARG AAA CA  1 ? 
ATOM   748  C  C   . ARG A 1 89  ? -16.821 5.612   -18.436 1.000 20.571  ? 1067 ARG AAA C   1 ? 
ATOM   749  O  O   . ARG A 1 89  ? -16.729 6.834   -18.330 1.000 22.884  ? 1067 ARG AAA O   1 ? 
ATOM   750  C  CB  . ARG A 1 89  ? -15.955 5.347   -20.802 1.000 26.225  ? 1067 ARG AAA CB  1 ? 
ATOM   751  C  CG  . ARG A 1 89  ? -17.339 5.242   -21.454 1.000 26.180  ? 1067 ARG AAA CG  1 ? 
ATOM   752  C  CD  . ARG A 1 89  ? -18.400 6.390   -21.286 1.000 21.819  ? 1067 ARG AAA CD  1 ? 
ATOM   753  N  NE  . ARG A 1 89  ? -17.806 7.710   -21.456 1.000 24.518  ? 1067 ARG AAA NE  1 ? 
ATOM   754  C  CZ  . ARG A 1 89  ? -18.322 8.809   -20.836 1.000 22.938  ? 1067 ARG AAA CZ  1 ? 
ATOM   755  N  NH1 . ARG A 1 89  ? -19.395 8.599   -20.070 1.000 20.463  ? 1067 ARG AAA NH1 1 ? 
ATOM   756  N  NH2 . ARG A 1 89  ? -17.752 10.023  -21.050 1.000 21.672  ? 1067 ARG AAA NH2 1 ? 
ATOM   757  N  N   . ASP A 1 90  ? -17.694 4.855   -17.819 1.000 20.472  ? 1068 ASP AAA N   1 ? 
ATOM   758  C  CA  . ASP A 1 90  ? -18.732 5.496   -17.020 1.000 24.715  ? 1068 ASP AAA CA  1 ? 
ATOM   759  C  C   . ASP A 1 90  ? -18.157 6.134   -15.763 1.000 24.786  ? 1068 ASP AAA C   1 ? 
ATOM   760  O  O   . ASP A 1 90  ? -17.050 5.807   -15.268 1.000 22.824  ? 1068 ASP AAA O   1 ? 
ATOM   761  C  CB  . ASP A 1 90  ? -19.835 4.576   -16.572 1.000 29.045  ? 1068 ASP AAA CB  1 ? 
ATOM   762  C  CG  . ASP A 1 90  ? -19.329 3.483   -15.682 1.000 32.397  ? 1068 ASP AAA CG  1 ? 
ATOM   763  O  OD1 . ASP A 1 90  ? -18.839 2.464   -16.252 1.000 43.615  ? 1068 ASP AAA OD1 1 ? 
ATOM   764  O  OD2 . ASP A 1 90  ? -19.370 3.671   -14.422 1.000 42.419  ? 1068 ASP AAA OD2 1 ? 
ATOM   765  N  N   . PRO A 1 91  ? -18.875 7.098   -15.199 1.000 20.460  ? 1069 PRO AAA N   1 ? 
ATOM   766  C  CA  . PRO A 1 91  ? -18.327 7.892   -14.127 1.000 19.732  ? 1069 PRO AAA CA  1 ? 
ATOM   767  C  C   . PRO A 1 91  ? -18.010 7.061   -12.882 1.000 18.413  ? 1069 PRO AAA C   1 ? 
ATOM   768  O  O   . PRO A 1 91  ? -17.071 7.503   -12.200 1.000 17.487  ? 1069 PRO AAA O   1 ? 
ATOM   769  C  CB  . PRO A 1 91  ? -19.464 8.885   -13.793 1.000 22.645  ? 1069 PRO AAA CB  1 ? 
ATOM   770  C  CG  . PRO A 1 91  ? -20.227 9.002   -15.092 1.000 25.951  ? 1069 PRO AAA CG  1 ? 
ATOM   771  C  CD  . PRO A 1 91  ? -20.191 7.626   -15.724 1.000 19.900  ? 1069 PRO AAA CD  1 ? 
ATOM   772  N  N   . GLY A 1 92  ? -18.744 6.026   -12.505 1.000 20.265  ? 1070 GLY AAA N   1 ? 
ATOM   773  C  CA  . GLY A 1 92  ? -18.383 5.293   -11.293 1.000 21.054  ? 1070 GLY AAA CA  1 ? 
ATOM   774  C  C   . GLY A 1 92  ? -16.997 4.659   -11.458 1.000 22.201  ? 1070 GLY AAA C   1 ? 
ATOM   775  O  O   . GLY A 1 92  ? -16.149 4.759   -10.551 1.000 20.986  ? 1070 GLY AAA O   1 ? 
ATOM   776  N  N   . ASP A 1 93  ? -16.721 4.077   -12.626 1.000 20.247  ? 1071 ASP AAA N   1 ? 
ATOM   777  C  CA  . ASP A 1 93  ? -15.408 3.445   -12.801 1.000 20.355  ? 1071 ASP AAA CA  1 ? 
ATOM   778  C  C   . ASP A 1 93  ? -14.346 4.521   -12.941 1.000 20.823  ? 1071 ASP AAA C   1 ? 
ATOM   779  O  O   . ASP A 1 93  ? -13.218 4.379   -12.406 1.000 20.477  ? 1071 ASP AAA O   1 ? 
ATOM   780  C  CB  . ASP A 1 93  ? -15.399 2.592   -14.075 1.000 22.020  ? 1071 ASP AAA CB  1 ? 
ATOM   781  C  CG  . ASP A 1 93  ? -15.996 1.205   -13.902 1.000 23.554  ? 1071 ASP AAA CG  1 ? 
ATOM   782  O  OD1 . ASP A 1 93  ? -16.736 0.916   -12.903 1.000 27.365  ? 1071 ASP AAA OD1 1 ? 
ATOM   783  O  OD2 . ASP A 1 93  ? -15.652 0.356   -14.792 1.000 25.707  ? 1071 ASP AAA OD2 1 ? 
ATOM   784  N  N   . ARG A 1 94  ? -14.560 5.652   -13.626 1.000 18.445  ? 1072 ARG AAA N   1 ? 
ATOM   785  C  CA  . ARG A 1 94  ? -13.552 6.679   -13.762 1.000 19.957  ? 1072 ARG AAA CA  1 ? 
ATOM   786  C  C   . ARG A 1 94  ? -13.240 7.227   -12.359 1.000 19.388  ? 1072 ARG AAA C   1 ? 
ATOM   787  O  O   . ARG A 1 94  ? -12.075 7.514   -12.096 1.000 19.725  ? 1072 ARG AAA O   1 ? 
ATOM   788  C  CB  . ARG A 1 94  ? -13.983 7.783   -14.741 1.000 19.752  ? 1072 ARG AAA CB  1 ? 
ATOM   789  C  CG  . ARG A 1 94  ? -13.860 7.276   -16.179 1.000 25.299  ? 1072 ARG AAA CG  1 ? 
ATOM   790  C  CD  . ARG A 1 94  ? -14.255 8.328   -17.201 1.000 30.001  ? 1072 ARG AAA CD  1 ? 
ATOM   791  N  NE  . ARG A 1 94  ? -13.931 7.900   -18.577 1.000 33.355  ? 1072 ARG AAA NE  1 ? 
ATOM   792  C  CZ  . ARG A 1 94  ? -14.349 8.514   -19.697 1.000 45.976  ? 1072 ARG AAA CZ  1 ? 
ATOM   793  N  NH1 . ARG A 1 94  ? -15.137 9.575   -19.619 1.000 54.624  ? 1072 ARG AAA NH1 1 ? 
ATOM   794  N  NH2 . ARG A 1 94  ? -13.985 8.053   -20.889 1.000 44.071  ? 1072 ARG AAA NH2 1 ? 
ATOM   795  N  N   . LEU A 1 95  ? -14.239 7.411   -11.531 1.000 18.839  ? 1073 LEU AAA N   1 ? 
ATOM   796  C  CA  . LEU A 1 95  ? -13.978 7.996   -10.199 1.000 17.876  ? 1073 LEU AAA CA  1 ? 
ATOM   797  C  C   . LEU A 1 95  ? -13.088 7.025   -9.389  1.000 20.181  ? 1073 LEU AAA C   1 ? 
ATOM   798  O  O   . LEU A 1 95  ? -12.107 7.525   -8.783  1.000 19.772  ? 1073 LEU AAA O   1 ? 
ATOM   799  C  CB  . LEU A 1 95  ? -15.276 8.273   -9.459  1.000 18.105  ? 1073 LEU AAA CB  1 ? 
ATOM   800  C  CG  . LEU A 1 95  ? -15.147 8.794   -8.010  1.000 18.275  ? 1073 LEU AAA CG  1 ? 
ATOM   801  C  CD1 . LEU A 1 95  ? -14.404 10.119  -7.979  1.000 20.376  ? 1073 LEU AAA CD1 1 ? 
ATOM   802  C  CD2 . LEU A 1 95  ? -16.528 8.900   -7.352  1.000 21.258  ? 1073 LEU AAA CD2 1 ? 
ATOM   803  N  N   . ILE A 1 96  ? -13.385 5.723   -9.387  1.000 19.064  ? 1074 ILE AAA N   1 ? 
ATOM   804  C  CA  . ILE A 1 96  ? -12.499 4.840   -8.610  1.000 21.106  ? 1074 ILE AAA CA  1 ? 
ATOM   805  C  C   . ILE A 1 96  ? -11.111 4.753   -9.207  1.000 23.310  ? 1074 ILE AAA C   1 ? 
ATOM   806  O  O   . ILE A 1 96  ? -10.120 4.752   -8.438  1.000 20.479  ? 1074 ILE AAA O   1 ? 
ATOM   807  C  CB  . ILE A 1 96  ? -13.153 3.507   -8.367  1.000 22.791  ? 1074 ILE AAA CB  1 ? 
ATOM   808  C  CG1 . ILE A 1 96  ? -12.260 2.793   -7.347  1.000 28.502  ? 1074 ILE AAA CG1 1 ? 
ATOM   809  C  CG2 . ILE A 1 96  ? -13.216 2.742   -9.637  1.000 26.942  ? 1074 ILE AAA CG2 1 ? 
ATOM   810  C  CD1 . ILE A 1 96  ? -13.014 1.767   -6.586  1.000 30.374  ? 1074 ILE AAA CD1 1 ? 
ATOM   811  N  N   . ARG A 1 97  ? -10.943 4.752   -10.523 1.000 19.465  ? 1075 ARG AAA N   1 ? 
ATOM   812  C  CA  . ARG A 1 97  ? -9.605  4.738   -11.092 1.000 20.833  ? 1075 ARG AAA CA  1 ? 
ATOM   813  C  C   . ARG A 1 97  ? -8.861  6.000   -10.674 1.000 22.241  ? 1075 ARG AAA C   1 ? 
ATOM   814  O  O   . ARG A 1 97  ? -7.651  5.974   -10.378 1.000 21.732  ? 1075 ARG AAA O   1 ? 
ATOM   815  C  CB  . ARG A 1 97  ? -9.600  4.677   -12.625 1.000 21.407  ? 1075 ARG AAA CB  1 ? 
ATOM   816  C  CG  . ARG A 1 97  ? -10.159 3.355   -13.089 1.000 20.912  ? 1075 ARG AAA CG  1 ? 
ATOM   817  C  CD  . ARG A 1 97  ? -9.711  3.098   -14.531 1.000 23.051  ? 1075 ARG AAA CD  1 ? 
ATOM   818  N  NE  . ARG A 1 97  ? -10.081 4.111   -15.534 1.000 24.566  ? 1075 ARG AAA NE  1 ? 
ATOM   819  C  CZ  . ARG A 1 97  ? -11.263 4.169   -16.164 1.000 23.178  ? 1075 ARG AAA CZ  1 ? 
ATOM   820  N  NH1 . ARG A 1 97  ? -12.243 3.382   -15.821 1.000 24.492  ? 1075 ARG AAA NH1 1 ? 
ATOM   821  N  NH2 . ARG A 1 97  ? -11.453 5.110   -17.077 1.000 27.909  ? 1075 ARG AAA NH2 1 ? 
ATOM   822  N  N   . HIS A 1 98  ? -9.508  7.180   -10.725 1.000 20.546  ? 1076 HIS AAA N   1 ? 
ATOM   823  C  CA  . HIS A 1 98  ? -8.822  8.406   -10.398 1.000 19.339  ? 1076 HIS AAA CA  1 ? 
ATOM   824  C  C   . HIS A 1 98  ? -8.445  8.355   -8.903  1.000 17.774  ? 1076 HIS AAA C   1 ? 
ATOM   825  O  O   . HIS A 1 98  ? -7.285  8.756   -8.627  1.000 19.911  ? 1076 HIS AAA O   1 ? 
ATOM   826  C  CB  . HIS A 1 98  ? -9.767  9.623   -10.645 1.000 19.500  ? 1076 HIS AAA CB  1 ? 
ATOM   827  C  CG  . HIS A 1 98  ? -9.071  10.931  -10.553 1.000 21.484  ? 1076 HIS AAA CG  1 ? 
ATOM   828  N  ND1 . HIS A 1 98  ? -9.053  11.696  -9.370  1.000 25.264  ? 1076 HIS AAA ND1 1 ? 
ATOM   829  C  CD2 . HIS A 1 98  ? -8.378  11.653  -11.466 1.000 24.417  ? 1076 HIS AAA CD2 1 ? 
ATOM   830  C  CE1 . HIS A 1 98  ? -8.375  12.816  -9.582  1.000 26.757  ? 1076 HIS AAA CE1 1 ? 
ATOM   831  N  NE2 . HIS A 1 98  ? -7.941  12.808  -10.865 1.000 27.517  ? 1076 HIS AAA NE2 1 ? 
ATOM   832  N  N   . ARG A 1 99  ? -9.327  7.875   -8.043  1.000 17.119  ? 1077 ARG AAA N   1 ? 
ATOM   833  C  CA  . ARG A 1 99  ? -9.003  7.804   -6.603  1.000 17.223  ? 1077 ARG AAA CA  1 ? 
ATOM   834  C  C   . ARG A 1 99  ? -7.850  6.819   -6.385  1.000 19.035  ? 1077 ARG AAA C   1 ? 
ATOM   835  O  O   . ARG A 1 99  ? -6.966  7.098   -5.582  1.000 18.970  ? 1077 ARG AAA O   1 ? 
ATOM   836  C  CB  . ARG A 1 99  ? -10.207 7.393   -5.798  1.000 17.809  ? 1077 ARG AAA CB  1 ? 
ATOM   837  C  CG  . ARG A 1 99  ? -11.207 8.558   -5.714  1.000 17.328  ? 1077 ARG AAA CG  1 ? 
ATOM   838  C  CD  . ARG A 1 99  ? -12.458 8.047   -5.122  1.000 18.205  ? 1077 ARG AAA CD  1 ? 
ATOM   839  N  NE  . ARG A 1 99  ? -13.375 9.130   -4.723  1.000 18.812  ? 1077 ARG AAA NE  1 ? 
ATOM   840  C  CZ  . ARG A 1 99  ? -14.548 8.905   -4.180  1.000 20.102  ? 1077 ARG AAA CZ  1 ? 
ATOM   841  N  NH1 . ARG A 1 99  ? -15.103 7.709   -4.130  1.000 22.592  ? 1077 ARG AAA NH1 1 ? 
ATOM   842  N  NH2 . ARG A 1 99  ? -15.241 9.963   -3.734  1.000 24.885  ? 1077 ARG AAA NH2 1 ? 
ATOM   843  N  N   . ALA A 1 100 ? -7.848  5.667   -7.068  1.000 19.186  ? 1078 ALA AAA N   1 ? 
ATOM   844  C  CA  . ALA A 1 100 ? -6.830  4.637   -6.797  1.000 20.621  ? 1078 ALA AAA CA  1 ? 
ATOM   845  C  C   . ALA A 1 100 ? -5.509  5.169   -7.284  1.000 21.466  ? 1078 ALA AAA C   1 ? 
ATOM   846  O  O   . ALA A 1 100 ? -4.495  4.919   -6.538  1.000 24.234  ? 1078 ALA AAA O   1 ? 
ATOM   847  C  CB  . ALA A 1 100 ? -7.196  3.353   -7.566  1.000 22.423  ? 1078 ALA AAA CB  1 ? 
ATOM   848  N  N   . CYS A 1 101 ? -5.390  5.855   -8.389  1.000 22.772  ? 1079 CYS AAA N   1 ? 
ATOM   849  C  CA  . CYS A 1 101 ? -4.212  6.497   -8.952  1.000 24.852  ? 1079 CYS AAA CA  1 ? 
ATOM   850  C  C   . CYS A 1 101 ? -3.725  7.579   -8.003  1.000 23.230  ? 1079 CYS AAA C   1 ? 
ATOM   851  O  O   . CYS A 1 101 ? -2.513  7.757   -7.829  1.000 22.951  ? 1079 CYS AAA O   1 ? 
ATOM   852  C  CB  . CYS A 1 101 ? -4.380  7.157   -10.325 1.000 31.212  ? 1079 CYS AAA CB  1 ? 
ATOM   853  S  SG  . CYS A 1 101 ? -4.330  5.977   -11.714 1.000 40.289  ? 1079 CYS AAA SG  1 ? 
ATOM   854  N  N   . ALA A 1 102 ? -4.679  8.343   -7.463  1.000 20.304  ? 1080 ALA AAA N   1 ? 
ATOM   855  C  CA  . ALA A 1 102 ? -4.311  9.404   -6.541  1.000 18.226  ? 1080 ALA AAA CA  1 ? 
ATOM   856  C  C   . ALA A 1 102 ? -3.745  8.816   -5.247  1.000 18.653  ? 1080 ALA AAA C   1 ? 
ATOM   857  O  O   . ALA A 1 102 ? -2.822  9.410   -4.695  1.000 17.841  ? 1080 ALA AAA O   1 ? 
ATOM   858  C  CB  . ALA A 1 102 ? -5.476  10.350  -6.301  1.000 18.693  ? 1080 ALA AAA CB  1 ? 
ATOM   859  N  N   A LEU A 1 103 ? -4.214  7.669   -4.824  0.500 17.807  ? 1081 LEU AAA N   1 ? 
ATOM   860  N  N   B LEU A 1 103 ? -4.344  7.719   -4.736  0.500 16.627  ? 1081 LEU AAA N   1 ? 
ATOM   861  C  CA  A LEU A 1 103 ? -3.653  7.043   -3.633  0.500 17.232  ? 1081 LEU AAA CA  1 ? 
ATOM   862  C  CA  B LEU A 1 103 ? -3.839  7.014   -3.540  0.500 15.243  ? 1081 LEU AAA CA  1 ? 
ATOM   863  C  C   A LEU A 1 103 ? -2.190  6.733   -3.922  0.500 17.823  ? 1081 LEU AAA C   1 ? 
ATOM   864  C  C   B LEU A 1 103 ? -2.393  6.560   -3.779  0.500 15.778  ? 1081 LEU AAA C   1 ? 
ATOM   865  O  O   A LEU A 1 103 ? -1.210  7.055   -3.227  0.500 14.637  ? 1081 LEU AAA O   1 ? 
ATOM   866  O  O   B LEU A 1 103 ? -1.612  6.832   -2.836  0.500 14.506  ? 1081 LEU AAA O   1 ? 
ATOM   867  C  CB  A LEU A 1 103 ? -4.410  5.721   -3.554  0.500 17.024  ? 1081 LEU AAA CB  1 ? 
ATOM   868  C  CB  B LEU A 1 103 ? -4.782  5.902   -3.028  0.500 13.888  ? 1081 LEU AAA CB  1 ? 
ATOM   869  C  CG  A LEU A 1 103 ? -3.833  4.826   -2.473  0.500 19.742  ? 1081 LEU AAA CG  1 ? 
ATOM   870  C  CG  B LEU A 1 103 ? -4.312  5.066   -1.821  0.500 14.405  ? 1081 LEU AAA CG  1 ? 
ATOM   871  C  CD1 A LEU A 1 103 ? -4.232  5.387   -1.131  0.500 20.224  ? 1081 LEU AAA CD1 1 ? 
ATOM   872  C  CD1 B LEU A 1 103 ? -5.484  4.326   -1.227  0.500 17.119  ? 1081 LEU AAA CD1 1 ? 
ATOM   873  C  CD2 A LEU A 1 103 ? -4.309  3.394   -2.651  0.500 20.637  ? 1081 LEU AAA CD2 1 ? 
ATOM   874  C  CD2 B LEU A 1 103 ? -3.175  4.069   -2.109  0.500 15.655  ? 1081 LEU AAA CD2 1 ? 
ATOM   875  N  N   . ARG A 1 104 ? -2.026  6.015   -4.991  1.000 17.244  ? 1082 ARG AAA N   1 ? 
ATOM   876  C  CA  . ARG A 1 104 ? -0.673  5.611   -5.342  1.000 19.445  ? 1082 ARG AAA CA  1 ? 
ATOM   877  C  C   . ARG A 1 104 ? 0.229   6.822   -5.447  1.000 19.843  ? 1082 ARG AAA C   1 ? 
ATOM   878  O  O   . ARG A 1 104 ? 1.351   6.860   -4.875  1.000 18.806  ? 1082 ARG AAA O   1 ? 
ATOM   879  C  CB  . ARG A 1 104 ? -0.690  4.793   -6.644  1.000 21.629  ? 1082 ARG AAA CB  1 ? 
ATOM   880  C  CG  . ARG A 1 104 ? 0.691   4.534   -7.236  1.000 22.451  ? 1082 ARG AAA CG  1 ? 
ATOM   881  C  CD  . ARG A 1 104 ? 0.553   3.646   -8.456  1.000 29.917  ? 1082 ARG AAA CD  1 ? 
ATOM   882  N  NE  . ARG A 1 104 ? 1.877   3.145   -8.816  1.000 39.803  ? 1082 ARG AAA NE  1 ? 
ATOM   883  C  CZ  . ARG A 1 104 ? 2.634   3.657   -9.781  1.000 47.411  ? 1082 ARG AAA CZ  1 ? 
ATOM   884  N  NH1 . ARG A 1 104 ? 3.847   3.168   -10.013 1.000 43.190  ? 1082 ARG AAA NH1 1 ? 
ATOM   885  N  NH2 . ARG A 1 104 ? 2.153   4.665   -10.495 1.000 49.179  ? 1082 ARG AAA NH2 1 ? 
ATOM   886  N  N   . ASP A 1 105 ? -0.205  7.882   -6.144  1.000 18.989  ? 1083 ASP AAA N   1 ? 
ATOM   887  C  CA  . ASP A 1 105 ? 0.635   9.053   -6.322  1.000 18.299  ? 1083 ASP AAA CA  1 ? 
ATOM   888  C  C   . ASP A 1 105 ? 0.924   9.738   -4.970  1.000 17.350  ? 1083 ASP AAA C   1 ? 
ATOM   889  O  O   . ASP A 1 105 ? 2.044   10.250  -4.784  1.000 19.309  ? 1083 ASP AAA O   1 ? 
ATOM   890  C  CB  . ASP A 1 105 ? 0.016   10.090  -7.272  1.000 23.145  ? 1083 ASP AAA CB  1 ? 
ATOM   891  C  CG  . ASP A 1 105 ? -0.095  9.598   -8.712  1.000 28.005  ? 1083 ASP AAA CG  1 ? 
ATOM   892  O  OD1 . ASP A 1 105 ? 0.550   8.597   -9.088  1.000 27.901  ? 1083 ASP AAA OD1 1 ? 
ATOM   893  O  OD2 . ASP A 1 105 ? -0.977  10.185  -9.401  1.000 32.187  ? 1083 ASP AAA OD2 1 ? 
ATOM   894  N  N   . THR A 1 106 ? -0.087  9.767   -4.111  1.000 16.485  ? 1084 THR AAA N   1 ? 
ATOM   895  C  CA  . THR A 1 106 ? 0.122   10.361  -2.795  1.000 16.773  ? 1084 THR AAA CA  1 ? 
ATOM   896  C  C   . THR A 1 106 ? 1.161   9.567   -1.969  1.000 17.192  ? 1084 THR AAA C   1 ? 
ATOM   897  O  O   . THR A 1 106 ? 2.026   10.187  -1.325  1.000 16.542  ? 1084 THR AAA O   1 ? 
ATOM   898  C  CB  . THR A 1 106 ? -1.200  10.476  -2.053  1.000 16.655  ? 1084 THR AAA CB  1 ? 
ATOM   899  O  OG1 . THR A 1 106 ? -2.095  11.321  -2.823  1.000 18.642  ? 1084 THR AAA OG1 1 ? 
ATOM   900  C  CG2 . THR A 1 106 ? -1.061  11.100  -0.674  1.000 18.582  ? 1084 THR AAA CG2 1 ? 
ATOM   901  N  N   . ALA A 1 107 ? 1.031   8.237   -1.960  1.000 15.902  ? 1085 ALA AAA N   1 ? 
ATOM   902  C  CA  . ALA A 1 107 ? 2.018   7.450   -1.224  1.000 15.241  ? 1085 ALA AAA CA  1 ? 
ATOM   903  C  C   . ALA A 1 107 ? 3.403   7.713   -1.775  1.000 17.015  ? 1085 ALA AAA C   1 ? 
ATOM   904  O  O   . ALA A 1 107 ? 4.344   7.909   -0.988  1.000 16.523  ? 1085 ALA AAA O   1 ? 
ATOM   905  C  CB  . ALA A 1 107 ? 1.643   5.989   -1.343  1.000 16.277  ? 1085 ALA AAA CB  1 ? 
ATOM   906  N  N   . TYR A 1 108 ? 3.583   7.719   -3.092  1.000 16.129  ? 1086 TYR AAA N   1 ? 
ATOM   907  C  CA  . TYR A 1 108 ? 4.903   7.959   -3.655  1.000 15.772  ? 1086 TYR AAA CA  1 ? 
ATOM   908  C  C   . TYR A 1 108 ? 5.387   9.372   -3.300  1.000 17.251  ? 1086 TYR AAA C   1 ? 
ATOM   909  O  O   . TYR A 1 108 ? 6.611   9.535   -3.057  1.000 18.394  ? 1086 TYR AAA O   1 ? 
ATOM   910  C  CB  . TYR A 1 108 ? 4.934   7.788   -5.188  1.000 17.905  ? 1086 TYR AAA CB  1 ? 
ATOM   911  C  CG  . TYR A 1 108 ? 5.100   6.349   -5.619  1.000 18.963  ? 1086 TYR AAA CG  1 ? 
ATOM   912  C  CD1 . TYR A 1 108 ? 4.092   5.415   -5.601  1.000 20.394  ? 1086 TYR AAA CD1 1 ? 
ATOM   913  C  CD2 . TYR A 1 108 ? 6.354   5.863   -5.977  1.000 21.589  ? 1086 TYR AAA CD2 1 ? 
ATOM   914  C  CE1 . TYR A 1 108 ? 4.258   4.100   -6.031  1.000 18.994  ? 1086 TYR AAA CE1 1 ? 
ATOM   915  C  CE2 . TYR A 1 108 ? 6.562   4.549   -6.401  1.000 21.010  ? 1086 TYR AAA CE2 1 ? 
ATOM   916  C  CZ  . TYR A 1 108 ? 5.500   3.660   -6.428  1.000 21.885  ? 1086 TYR AAA CZ  1 ? 
ATOM   917  O  OH  . TYR A 1 108 ? 5.655   2.373   -6.876  1.000 23.584  ? 1086 TYR AAA OH  1 ? 
ATOM   918  N  N   . ALA A 1 109 ? 4.498   10.374  -3.285  1.000 16.800  ? 1087 ALA AAA N   1 ? 
ATOM   919  C  CA  . ALA A 1 109 ? 4.929   11.737  -2.993  1.000 17.798  ? 1087 ALA AAA CA  1 ? 
ATOM   920  C  C   . ALA A 1 109 ? 5.368   11.861  -1.529  1.000 17.477  ? 1087 ALA AAA C   1 ? 
ATOM   921  O  O   . ALA A 1 109 ? 6.338   12.549  -1.224  1.000 18.373  ? 1087 ALA AAA O   1 ? 
ATOM   922  C  CB  . ALA A 1 109 ? 3.824   12.718  -3.340  1.000 20.520  ? 1087 ALA AAA CB  1 ? 
ATOM   923  N  N   . ILE A 1 110 ? 4.637   11.248  -0.593  1.000 16.440  ? 1088 ILE AAA N   1 ? 
ATOM   924  C  CA  . ILE A 1 110 ? 5.039   11.306  0.824   1.000 15.760  ? 1088 ILE AAA CA  1 ? 
ATOM   925  C  C   . ILE A 1 110 ? 6.389   10.621  0.958   1.000 16.976  ? 1088 ILE AAA C   1 ? 
ATOM   926  O  O   . ILE A 1 110 ? 7.271   11.164  1.661   1.000 17.100  ? 1088 ILE AAA O   1 ? 
ATOM   927  C  CB  . ILE A 1 110 ? 3.977   10.571  1.675   1.000 15.728  ? 1088 ILE AAA CB  1 ? 
ATOM   928  C  CG1 . ILE A 1 110 ? 2.683   11.376  1.729   1.000 17.343  ? 1088 ILE AAA CG1 1 ? 
ATOM   929  C  CG2 . ILE A 1 110 ? 4.534   10.364  3.109   1.000 17.285  ? 1088 ILE AAA CG2 1 ? 
ATOM   930  C  CD1 . ILE A 1 110 ? 1.529   10.652  2.394   1.000 17.714  ? 1088 ILE AAA CD1 1 ? 
ATOM   931  N  N   . ILE A 1 111 ? 6.583   9.472   0.337   1.000 16.844  ? 1089 ILE AAA N   1 ? 
ATOM   932  C  CA  . ILE A 1 111 ? 7.863   8.769   0.422   1.000 18.143  ? 1089 ILE AAA CA  1 ? 
ATOM   933  C  C   . ILE A 1 111 ? 8.992   9.583   -0.211  1.000 19.355  ? 1089 ILE AAA C   1 ? 
ATOM   934  O  O   . ILE A 1 111 ? 10.072  9.726   0.389   1.000 19.327  ? 1089 ILE AAA O   1 ? 
ATOM   935  C  CB  . ILE A 1 111 ? 7.674   7.350   -0.121  1.000 19.754  ? 1089 ILE AAA CB  1 ? 
ATOM   936  C  CG1 . ILE A 1 111 ? 6.880   6.558   0.955   1.000 21.982  ? 1089 ILE AAA CG1 1 ? 
ATOM   937  C  CG2 . ILE A 1 111 ? 9.006   6.731   -0.560  1.000 25.242  ? 1089 ILE AAA CG2 1 ? 
ATOM   938  C  CD1 . ILE A 1 111 ? 6.140   5.309   0.415   1.000 24.820  ? 1089 ILE AAA CD1 1 ? 
ATOM   939  N  N   . LYS A 1 112 ? 8.715   10.277  -1.336  1.000 19.284  ? 1090 LYS AAA N   1 ? 
ATOM   940  C  CA  . LYS A 1 112 ? 9.793   11.068  -1.943  1.000 21.396  ? 1090 LYS AAA CA  1 ? 
ATOM   941  C  C   . LYS A 1 112 ? 10.224  12.160  -0.960  1.000 20.965  ? 1090 LYS AAA C   1 ? 
ATOM   942  O  O   . LYS A 1 112 ? 11.428  12.470  -0.851  1.000 23.993  ? 1090 LYS AAA O   1 ? 
ATOM   943  C  CB  . LYS A 1 112 ? 9.264   11.630  -3.269  1.000 23.881  ? 1090 LYS AAA CB  1 ? 
ATOM   944  C  CG  . LYS A 1 112 ? 10.220  12.622  -3.924  1.000 30.063  ? 1090 LYS AAA CG  1 ? 
ATOM   945  C  CD  . LYS A 1 112 ? 9.663   13.224  -5.217  1.000 37.653  ? 1090 LYS AAA CD  1 ? 
ATOM   946  C  CE  . LYS A 1 112 ? 10.709  13.989  -6.013  1.000 47.979  ? 1090 LYS AAA CE  1 ? 
ATOM   947  N  NZ  . LYS A 1 112 ? 11.734  13.057  -6.544  1.000 52.682  ? 1090 LYS AAA NZ  1 ? 
ATOM   948  N  N   . GLU A 1 113 ? 9.299   12.762  -0.239  1.000 20.032  ? 1091 GLU AAA N   1 ? 
ATOM   949  C  CA  . GLU A 1 113 ? 9.598   13.907  0.605   1.000 20.168  ? 1091 GLU AAA CA  1 ? 
ATOM   950  C  C   . GLU A 1 113 ? 10.151  13.463  1.970   1.000 20.444  ? 1091 GLU AAA C   1 ? 
ATOM   951  O  O   . GLU A 1 113 ? 10.805  14.304  2.627   1.000 22.239  ? 1091 GLU AAA O   1 ? 
ATOM   952  C  CB  . GLU A 1 113 ? 8.347   14.735  0.909   1.000 25.768  ? 1091 GLU AAA CB  1 ? 
ATOM   953  C  CG  . GLU A 1 113 ? 7.849   15.574  -0.273  1.000 34.878  ? 1091 GLU AAA CG  1 ? 
ATOM   954  C  CD  . GLU A 1 113 ? 6.943   16.717  0.171   1.000 47.473  ? 1091 GLU AAA CD  1 ? 
ATOM   955  O  OE1 . GLU A 1 113 ? 6.004   16.464  0.962   1.000 44.935  ? 1091 GLU AAA OE1 1 ? 
ATOM   956  O  OE2 . GLU A 1 113 ? 7.187   17.876  -0.249  1.000 57.235  ? 1091 GLU AAA OE2 1 ? 
ATOM   957  N  N   . GLU A 1 114 ? 9.813   12.239  2.443   1.000 17.177  ? 1092 GLU AAA N   1 ? 
ATOM   958  C  CA  . GLU A 1 114 ? 10.035  11.950  3.861   1.000 17.469  ? 1092 GLU AAA CA  1 ? 
ATOM   959  C  C   . GLU A 1 114 ? 10.899  10.699  4.094   1.000 18.045  ? 1092 GLU AAA C   1 ? 
ATOM   960  O  O   . GLU A 1 114 ? 11.327  10.472  5.230   1.000 20.367  ? 1092 GLU AAA O   1 ? 
ATOM   961  C  CB  . GLU A 1 114 ? 8.688   11.718  4.582   1.000 16.563  ? 1092 GLU AAA CB  1 ? 
ATOM   962  C  CG  . GLU A 1 114 ? 7.830   12.973  4.492   1.000 17.298  ? 1092 GLU AAA CG  1 ? 
ATOM   963  C  CD  . GLU A 1 114 ? 6.485   12.814  5.150   1.000 18.527  ? 1092 GLU AAA CD  1 ? 
ATOM   964  O  OE1 . GLU A 1 114 ? 6.274   12.031  6.085   1.000 18.492  ? 1092 GLU AAA OE1 1 ? 
ATOM   965  O  OE2 . GLU A 1 114 ? 5.548   13.569  4.690   1.000 19.020  ? 1092 GLU AAA OE2 1 ? 
ATOM   966  N  N   . LEU A 1 115 ? 11.146  9.862   3.095   1.000 18.776  ? 1093 LEU AAA N   1 ? 
ATOM   967  C  CA  . LEU A 1 115 ? 12.023  8.688   3.262   1.000 18.301  ? 1093 LEU AAA CA  1 ? 
ATOM   968  C  C   . LEU A 1 115 ? 13.454  9.117   2.942   1.000 19.472  ? 1093 LEU AAA C   1 ? 
ATOM   969  O  O   . LEU A 1 115 ? 13.733  9.583   1.824   1.000 21.456  ? 1093 LEU AAA O   1 ? 
ATOM   970  C  CB  . LEU A 1 115 ? 11.605  7.620   2.252   1.000 18.586  ? 1093 LEU AAA CB  1 ? 
ATOM   971  C  CG  . LEU A 1 115 ? 12.566  6.432   2.093   1.000 20.761  ? 1093 LEU AAA CG  1 ? 
ATOM   972  C  CD1 . LEU A 1 115 ? 12.668  5.713   3.422   1.000 21.177  ? 1093 LEU AAA CD1 1 ? 
ATOM   973  C  CD2 . LEU A 1 115 ? 12.100  5.495   0.990   1.000 21.484  ? 1093 LEU AAA CD2 1 ? 
ATOM   974  N  N   . ASP A 1 116 ? 14.382  8.852   3.880   1.000 17.669  ? 1094 ASP AAA N   1 ? 
ATOM   975  C  CA  . ASP A 1 116 ? 15.771  9.068   3.513   1.000 19.147  ? 1094 ASP AAA CA  1 ? 
ATOM   976  C  C   . ASP A 1 116 ? 16.274  7.912   2.645   1.000 18.030  ? 1094 ASP AAA C   1 ? 
ATOM   977  O  O   . ASP A 1 116 ? 16.107  6.746   2.993   1.000 19.096  ? 1094 ASP AAA O   1 ? 
ATOM   978  C  CB  . ASP A 1 116 ? 16.554  9.114   4.827   1.000 20.725  ? 1094 ASP AAA CB  1 ? 
ATOM   979  C  CG  . ASP A 1 116 ? 17.992  9.571   4.639   1.000 25.310  ? 1094 ASP AAA CG  1 ? 
ATOM   980  O  OD1 . ASP A 1 116 ? 18.733  8.971   3.845   1.000 27.758  ? 1094 ASP AAA OD1 1 ? 
ATOM   981  O  OD2 . ASP A 1 116 ? 18.372  10.558  5.284   1.000 27.864  ? 1094 ASP AAA OD2 1 ? 
ATOM   982  N  N   . GLU A 1 117 ? 16.934  8.245   1.525   1.000 20.172  ? 1095 GLU AAA N   1 ? 
ATOM   983  C  CA  . GLU A 1 117 ? 17.358  7.221   0.582   1.000 19.568  ? 1095 GLU AAA CA  1 ? 
ATOM   984  C  C   . GLU A 1 117 ? 18.411  6.271   1.177   1.000 21.434  ? 1095 GLU AAA C   1 ? 
ATOM   985  O  O   . GLU A 1 117 ? 18.443  5.103   0.799   1.000 20.907  ? 1095 GLU AAA O   1 ? 
ATOM   986  C  CB  . GLU A 1 117 ? 17.862  7.837   -0.735  1.000 25.253  ? 1095 GLU AAA CB  1 ? 
ATOM   987  C  CG  . GLU A 1 117 ? 19.032  8.790   -0.568  1.000 38.178  ? 1095 GLU AAA CG  1 ? 
ATOM   988  C  CD  . GLU A 1 117 ? 19.741  9.195   -1.862  1.000 49.398  ? 1095 GLU AAA CD  1 ? 
ATOM   989  O  OE1 . GLU A 1 117 ? 20.913  9.638   -1.771  1.000 58.777  ? 1095 GLU AAA OE1 1 ? 
ATOM   990  O  OE2 . GLU A 1 117 ? 19.129  9.059   -2.954  1.000 52.863  ? 1095 GLU AAA OE2 1 ? 
ATOM   991  N  N   . ASP A 1 118 ? 19.197  6.801   2.137   1.000 21.003  ? 1096 ASP AAA N   1 ? 
ATOM   992  C  CA  . ASP A 1 118 ? 20.165  5.940   2.812   1.000 19.555  ? 1096 ASP AAA CA  1 ? 
ATOM   993  C  C   . ASP A 1 118 ? 19.543  4.959   3.792   1.000 18.160  ? 1096 ASP AAA C   1 ? 
ATOM   994  O  O   . ASP A 1 118 ? 20.051  3.874   4.058   1.000 18.919  ? 1096 ASP AAA O   1 ? 
ATOM   995  C  CB  . ASP A 1 118 ? 21.250  6.752   3.511   1.000 20.269  ? 1096 ASP AAA CB  1 ? 
ATOM   996  C  CG  . ASP A 1 118 ? 22.186  7.416   2.518   1.000 24.843  ? 1096 ASP AAA CG  1 ? 
ATOM   997  O  OD1 . ASP A 1 118 ? 22.252  6.988   1.332   1.000 26.281  ? 1096 ASP AAA OD1 1 ? 
ATOM   998  O  OD2 . ASP A 1 118 ? 22.717  8.443   2.916   1.000 33.960  ? 1096 ASP AAA OD2 1 ? 
ATOM   999  N  N   . PHE A 1 119 ? 18.345  5.323   4.337   1.000 18.007  ? 1097 PHE AAA N   1 ? 
ATOM   1000 C  CA  . PHE A 1 119 ? 17.592  4.421   5.193   1.000 17.288  ? 1097 PHE AAA CA  1 ? 
ATOM   1001 C  C   . PHE A 1 119 ? 17.036  3.281   4.322   1.000 16.887  ? 1097 PHE AAA C   1 ? 
ATOM   1002 O  O   . PHE A 1 119 ? 17.161  2.127   4.693   1.000 17.688  ? 1097 PHE AAA O   1 ? 
ATOM   1003 C  CB  . PHE A 1 119 ? 16.484  5.212   5.916   1.000 17.641  ? 1097 PHE AAA CB  1 ? 
ATOM   1004 C  CG  . PHE A 1 119 ? 15.703  4.321   6.840   1.000 16.337  ? 1097 PHE AAA CG  1 ? 
ATOM   1005 C  CD1 . PHE A 1 119 ? 16.112  4.050   8.157   1.000 17.979  ? 1097 PHE AAA CD1 1 ? 
ATOM   1006 C  CD2 . PHE A 1 119 ? 14.549  3.696   6.360   1.000 16.150  ? 1097 PHE AAA CD2 1 ? 
ATOM   1007 C  CE1 . PHE A 1 119 ? 15.412  3.149   8.932   1.000 18.094  ? 1097 PHE AAA CE1 1 ? 
ATOM   1008 C  CE2 . PHE A 1 119 ? 13.842  2.798   7.149   1.000 16.561  ? 1097 PHE AAA CE2 1 ? 
ATOM   1009 C  CZ  . PHE A 1 119 ? 14.266  2.550   8.441   1.000 18.092  ? 1097 PHE AAA CZ  1 ? 
ATOM   1010 N  N   . GLU A 1 120 ? 16.458  3.649   3.169   1.000 17.388  ? 1098 GLU AAA N   1 ? 
ATOM   1011 C  CA  . GLU A 1 120 ? 15.968  2.601   2.277   1.000 18.395  ? 1098 GLU AAA CA  1 ? 
ATOM   1012 C  C   . GLU A 1 120 ? 17.100  1.672   1.841   1.000 18.039  ? 1098 GLU AAA C   1 ? 
ATOM   1013 O  O   . GLU A 1 120 ? 16.901  0.466   1.790   1.000 18.743  ? 1098 GLU AAA O   1 ? 
ATOM   1014 C  CB  . GLU A 1 120 ? 15.255  3.252   1.081   1.000 21.155  ? 1098 GLU AAA CB  1 ? 
ATOM   1015 C  CG  . GLU A 1 120 ? 14.805  2.246   0.037   1.000 20.844  ? 1098 GLU AAA CG  1 ? 
ATOM   1016 C  CD  . GLU A 1 120 ? 13.774  1.196   0.463   1.000 21.317  ? 1098 GLU AAA CD  1 ? 
ATOM   1017 O  OE1 . GLU A 1 120 ? 13.336  1.203   1.620   1.000 22.888  ? 1098 GLU AAA OE1 1 ? 
ATOM   1018 O  OE2 . GLU A 1 120 ? 13.415  0.303   -0.400  1.000 25.633  ? 1098 GLU AAA OE2 1 ? 
ATOM   1019 N  N   . GLN A 1 121 ? 18.250  2.295   1.501   1.000 18.415  ? 1099 GLN AAA N   1 ? 
ATOM   1020 C  CA  . GLN A 1 121 ? 19.365  1.468   1.031   1.000 21.156  ? 1099 GLN AAA CA  1 ? 
ATOM   1021 C  C   . GLN A 1 121 ? 19.812  0.492   2.118   1.000 21.358  ? 1099 GLN AAA C   1 ? 
ATOM   1022 O  O   . GLN A 1 121 ? 20.094  -0.681  1.853   1.000 21.457  ? 1099 GLN AAA O   1 ? 
ATOM   1023 C  CB  . GLN A 1 121 ? 20.487  2.393   0.607   1.000 20.889  ? 1099 GLN AAA CB  1 ? 
ATOM   1024 C  CG  . GLN A 1 121 ? 21.633  1.570   -0.020  1.000 22.527  ? 1099 GLN AAA CG  1 ? 
ATOM   1025 C  CD  . GLN A 1 121 ? 21.240  0.975   -1.346  1.000 28.617  ? 1099 GLN AAA CD  1 ? 
ATOM   1026 O  OE1 . GLN A 1 121 ? 20.445  1.561   -2.085  1.000 31.636  ? 1099 GLN AAA OE1 1 ? 
ATOM   1027 N  NE2 . GLN A 1 121 ? 21.795  -0.183  -1.652  1.000 30.056  ? 1099 GLN AAA NE2 1 ? 
ATOM   1028 N  N   . LEU A 1 122 ? 19.890  0.950   3.378   1.000 18.682  ? 1100 LEU AAA N   1 ? 
ATOM   1029 C  CA  . LEU A 1 122 ? 20.203  0.079   4.493   1.000 19.629  ? 1100 LEU AAA CA  1 ? 
ATOM   1030 C  C   . LEU A 1 122 ? 19.229  -1.098  4.617   1.000 21.788  ? 1100 LEU AAA C   1 ? 
ATOM   1031 O  O   . LEU A 1 122 ? 19.603  -2.288  4.781   1.000 21.120  ? 1100 LEU AAA O   1 ? 
ATOM   1032 C  CB  . LEU A 1 122 ? 20.322  0.894   5.791   1.000 20.145  ? 1100 LEU AAA CB  1 ? 
ATOM   1033 C  CG  . LEU A 1 122 ? 20.491  0.050   7.055   1.000 19.487  ? 1100 LEU AAA CG  1 ? 
ATOM   1034 C  CD1 . LEU A 1 122 ? 21.812  -0.788  7.032   1.000 22.637  ? 1100 LEU AAA CD1 1 ? 
ATOM   1035 C  CD2 . LEU A 1 122 ? 20.508  0.956   8.276   1.000 21.253  ? 1100 LEU AAA CD2 1 ? 
ATOM   1036 N  N   . CYS A 1 123 ? 17.898  -0.807  4.568   1.000 20.043  ? 1101 CYS AAA N   1 ? 
ATOM   1037 C  CA  . CYS A 1 123 ? 16.914  -1.893  4.613   1.000 20.238  ? 1101 CYS AAA CA  1 ? 
ATOM   1038 C  C   . CYS A 1 123 ? 17.167  -2.910  3.483   1.000 19.783  ? 1101 CYS AAA C   1 ? 
ATOM   1039 O  O   . CYS A 1 123 ? 17.022  -4.110  3.734   1.000 21.595  ? 1101 CYS AAA O   1 ? 
ATOM   1040 C  CB  . CYS A 1 123 ? 15.485  -1.326  4.481   1.000 18.860  ? 1101 CYS AAA CB  1 ? 
ATOM   1041 S  SG  . CYS A 1 123 ? 14.949  -0.347  5.920   1.000 19.345  ? 1101 CYS AAA SG  1 ? 
ATOM   1042 N  N   . GLU A 1 124 ? 17.382  -2.396  2.274   1.000 19.809  ? 1102 GLU AAA N   1 ? 
ATOM   1043 C  CA  . GLU A 1 124 ? 17.623  -3.241  1.084   1.000 22.508  ? 1102 GLU AAA CA  1 ? 
ATOM   1044 C  C   . GLU A 1 124 ? 18.814  -4.163  1.377   1.000 25.713  ? 1102 GLU AAA C   1 ? 
ATOM   1045 O  O   . GLU A 1 124 ? 18.766  -5.379  1.124   1.000 28.580  ? 1102 GLU AAA O   1 ? 
ATOM   1046 C  CB  . GLU A 1 124 ? 17.709  -2.398  -0.203  1.000 22.568  ? 1102 GLU AAA CB  1 ? 
ATOM   1047 C  CG  . GLU A 1 124 ? 16.365  -1.725  -0.592  1.000 28.083  ? 1102 GLU AAA CG  1 ? 
ATOM   1048 C  CD  . GLU A 1 124 ? 16.223  -0.969  -1.916  1.000 37.151  ? 1102 GLU AAA CD  1 ? 
ATOM   1049 O  OE1 . GLU A 1 124 ? 17.117  -1.154  -2.769  1.000 42.901  ? 1102 GLU AAA OE1 1 ? 
ATOM   1050 O  OE2 . GLU A 1 124 ? 15.170  -0.210  -2.138  1.000 34.990  ? 1102 GLU AAA OE2 1 ? 
ATOM   1051 N  N   . GLU A 1 125 ? 19.889  -3.591  1.951   1.000 22.389  ? 1103 GLU AAA N   1 ? 
ATOM   1052 C  CA  . GLU A 1 125 ? 21.102  -4.405  2.143   1.000 24.333  ? 1103 GLU AAA CA  1 ? 
ATOM   1053 C  C   . GLU A 1 125 ? 20.879  -5.416  3.249   1.000 25.806  ? 1103 GLU AAA C   1 ? 
ATOM   1054 O  O   . GLU A 1 125 ? 21.410  -6.522  3.103   1.000 31.837  ? 1103 GLU AAA O   1 ? 
ATOM   1055 C  CB  . GLU A 1 125 ? 22.340  -3.498  2.259   1.000 22.997  ? 1103 GLU AAA CB  1 ? 
ATOM   1056 C  CG  . GLU A 1 125 ? 22.637  -2.733  0.990   1.000 22.526  ? 1103 GLU AAA CG  1 ? 
ATOM   1057 C  CD  . GLU A 1 125 ? 23.841  -1.773  0.935   1.000 22.765  ? 1103 GLU AAA CD  1 ? 
ATOM   1058 O  OE1 . GLU A 1 125 ? 24.539  -1.671  1.997   1.000 25.254  ? 1103 GLU AAA OE1 1 ? 
ATOM   1059 O  OE2 . GLU A 1 125 ? 24.033  -1.061  -0.078  1.000 25.378  ? 1103 GLU AAA OE2 1 ? 
ATOM   1060 N  N   . ILE A 1 126 ? 20.193  -5.138  4.364   1.000 22.709  ? 1104 ILE AAA N   1 ? 
ATOM   1061 C  CA  . ILE A 1 126 ? 19.890  -6.135  5.353   1.000 25.312  ? 1104 ILE AAA CA  1 ? 
ATOM   1062 C  C   . ILE A 1 126 ? 19.030  -7.235  4.713   1.000 29.286  ? 1104 ILE AAA C   1 ? 
ATOM   1063 O  O   . ILE A 1 126 ? 19.259  -8.430  4.920   1.000 31.343  ? 1104 ILE AAA O   1 ? 
ATOM   1064 C  CB  . ILE A 1 126 ? 19.219  -5.534  6.596   1.000 26.191  ? 1104 ILE AAA CB  1 ? 
ATOM   1065 C  CG1 . ILE A 1 126 ? 20.021  -4.360  7.172   1.000 25.608  ? 1104 ILE AAA CG1 1 ? 
ATOM   1066 C  CG2 . ILE A 1 126 ? 18.940  -6.600  7.643   1.000 28.378  ? 1104 ILE AAA CG2 1 ? 
ATOM   1067 C  CD1 . ILE A 1 126 ? 19.223  -3.566  8.181   1.000 27.754  ? 1104 ILE AAA CD1 1 ? 
ATOM   1068 N  N   . GLN A 1 127 ? 17.996  -6.855  3.948   1.000 30.710  ? 1105 GLN AAA N   1 ? 
ATOM   1069 C  CA  . GLN A 1 127 ? 17.073  -7.846  3.398   1.000 33.111  ? 1105 GLN AAA CA  1 ? 
ATOM   1070 C  C   . GLN A 1 127 ? 17.863  -8.814  2.504   1.000 34.694  ? 1105 GLN AAA C   1 ? 
ATOM   1071 O  O   . GLN A 1 127 ? 17.660  -10.032 2.566   1.000 34.924  ? 1105 GLN AAA O   1 ? 
ATOM   1072 C  CB  . GLN A 1 127 ? 15.946  -7.123  2.641   1.000 27.485  ? 1105 GLN AAA CB  1 ? 
ATOM   1073 C  CG  . GLN A 1 127 ? 15.129  -8.064  1.746   1.000 34.314  ? 1105 GLN AAA CG  1 ? 
ATOM   1074 C  CD  . GLN A 1 127 ? 14.148  -7.341  0.856   1.000 35.425  ? 1105 GLN AAA CD  1 ? 
ATOM   1075 O  OE1 . GLN A 1 127 ? 14.526  -6.582  -0.049  1.000 36.710  ? 1105 GLN AAA OE1 1 ? 
ATOM   1076 N  NE2 . GLN A 1 127 ? 12.861  -7.595  1.071   1.000 37.734  ? 1105 GLN AAA NE2 1 ? 
ATOM   1077 N  N   . GLU A 1 128 ? 18.766  -8.279  1.679   1.000 31.717  ? 1106 GLU AAA N   1 ? 
ATOM   1078 C  CA  . GLU A 1 128 ? 19.546  -9.059  0.720   1.000 39.148  ? 1106 GLU AAA CA  1 ? 
ATOM   1079 C  C   . GLU A 1 128 ? 20.521  -10.007 1.437   1.000 45.238  ? 1106 GLU AAA C   1 ? 
ATOM   1080 O  O   . GLU A 1 128 ? 20.901  -11.033 0.864   1.000 46.746  ? 1106 GLU AAA O   1 ? 
ATOM   1081 C  CB  . GLU A 1 128 ? 20.185  -8.105  -0.297  1.000 37.312  ? 1106 GLU AAA CB  1 ? 
ATOM   1082 C  CG  . GLU A 1 128 ? 21.408  -8.645  -1.019  1.000 61.300  ? 1106 GLU AAA CG  1 ? 
ATOM   1083 C  CD  . GLU A 1 128 ? 21.150  -9.665  -2.113  1.000 72.475  ? 1106 GLU AAA CD  1 ? 
ATOM   1084 O  OE1 . GLU A 1 128 ? 20.867  -10.834 -1.775  1.000 77.435  ? 1106 GLU AAA OE1 1 ? 
ATOM   1085 O  OE2 . GLU A 1 128 ? 21.247  -9.288  -3.304  1.000 84.023  ? 1106 GLU AAA OE2 1 ? 
ATOM   1086 N  N   . SER A 1 129 ? 20.900  -9.694  2.689   1.000 45.978  ? 1107 SER AAA N   1 ? 
ATOM   1087 C  CA  . SER A 1 129 ? 21.856  -10.484 3.459   1.000 50.175  ? 1107 SER AAA CA  1 ? 
ATOM   1088 C  C   . SER A 1 129 ? 21.164  -11.623 4.206   1.000 53.866  ? 1107 SER AAA C   1 ? 
ATOM   1089 O  O   . SER A 1 129 ? 21.820  -12.331 4.962   1.000 57.653  ? 1107 SER AAA O   1 ? 
ATOM   1090 C  CB  . SER A 1 129 ? 22.591  -9.617  4.458   1.000 46.151  ? 1107 SER AAA CB  1 ? 
ATOM   1091 O  OG  . SER A 1 129 ? 21.791  -9.447  5.626   1.000 50.598  ? 1107 SER AAA OG  1 ? 
ATOM   1092 N  N   . ARG A 1 130 ? 19.844  -11.767 4.055   1.000 54.769  ? 1108 ARG AAA N   1 ? 
ATOM   1093 C  CA  . ARG A 1 130 ? 19.130  -12.745 4.859   1.000 59.958  ? 1108 ARG AAA CA  1 ? 
ATOM   1094 C  C   . ARG A 1 130 ? 18.854  -14.002 4.022   1.000 66.737  ? 1108 ARG AAA C   1 ? 
ATOM   1095 O  O   . ARG A 1 130 ? 18.792  -13.969 2.781   1.000 69.721  ? 1108 ARG AAA O   1 ? 
ATOM   1096 C  CB  . ARG A 1 130 ? 17.860  -12.151 5.474   1.000 55.870  ? 1108 ARG AAA CB  1 ? 
ATOM   1097 C  CG  . ARG A 1 130 ? 18.143  -10.973 6.393   1.000 56.648  ? 1108 ARG AAA CG  1 ? 
ATOM   1098 C  CD  . ARG A 1 130 ? 17.100  -10.723 7.466   1.000 58.293  ? 1108 ARG AAA CD  1 ? 
ATOM   1099 N  NE  . ARG A 1 130 ? 17.829  -10.335 8.704   1.000 53.294  ? 1108 ARG AAA NE  1 ? 
ATOM   1100 C  CZ  . ARG A 1 130 ? 17.299  -9.411  9.575   1.000 56.732  ? 1108 ARG AAA CZ  1 ? 
ATOM   1101 N  NH1 . ARG A 1 130 ? 18.036  -9.101  10.660  1.000 51.314  ? 1108 ARG AAA NH1 1 ? 
ATOM   1102 N  NH2 . ARG A 1 130 ? 15.757  -8.726  9.603   1.000 62.479  ? 1108 ARG AAA NH2 1 ? 
ATOM   1103 O  OXT . ARG A 1 130 ? 18.694  -15.084 4.593   1.000 72.098  ? 1108 ARG AAA OXT 1 ? 
HETATM 1104 S  S   . SO4 B 2 .   ? 6.538   -2.497  16.368  1.000 29.058  ? 1201 SO4 AAA S   1 ? 
HETATM 1105 O  O1  . SO4 B 2 .   ? 7.516   -3.421  16.678  1.000 27.334  ? 1201 SO4 AAA O1  1 ? 
HETATM 1106 O  O2  . SO4 B 2 .   ? 6.858   -1.267  17.166  1.000 32.294  ? 1201 SO4 AAA O2  1 ? 
HETATM 1107 O  O3  . SO4 B 2 .   ? 6.649   -2.193  14.971  1.000 31.329  ? 1201 SO4 AAA O3  1 ? 
HETATM 1108 O  O4  . SO4 B 2 .   ? 5.185   -2.883  16.670  1.000 30.476  ? 1201 SO4 AAA O4  1 ? 
HETATM 1109 CL CL  . CL  C 3 .   ? -17.995 9.338   -2.914  1.000 71.983  ? 1202 CL  AAA CL  1 ? 
HETATM 1110 C  C4  . IJ3 D 4 .   ? -15.974 0.316   -6.883  1.000 60.399  ? 1203 IJ3 AAA C4  1 ? 
HETATM 1111 C  C5  . IJ3 D 4 .   ? -16.679 2.227   -5.490  1.000 84.254  ? 1203 IJ3 AAA C5  1 ? 
HETATM 1112 C  C6  . IJ3 D 4 .   ? -17.478 2.434   -4.259  1.000 97.262  ? 1203 IJ3 AAA C6  1 ? 
HETATM 1113 C  C7  . IJ3 D 4 .   ? -18.415 2.178   -3.348  1.000 120.035 ? 1203 IJ3 AAA C7  1 ? 
HETATM 1114 C  C8  . IJ3 D 4 .   ? -16.414 -2.189  -6.780  1.000 53.687  ? 1203 IJ3 AAA C8  1 ? 
HETATM 1115 C  C9  . IJ3 D 4 .   ? -17.184 -2.292  -8.090  1.000 49.242  ? 1203 IJ3 AAA C9  1 ? 
HETATM 1116 C  C10 . IJ3 D 4 .   ? -15.768 -3.513  -6.384  1.000 49.393  ? 1203 IJ3 AAA C10 1 ? 
HETATM 1117 N  N1  . IJ3 D 4 .   ? -14.402 -1.229  -5.750  1.000 41.920  ? 1203 IJ3 AAA N1  1 ? 
HETATM 1118 N  N2  . IJ3 D 4 .   ? -16.434 0.795   -5.715  1.000 59.586  ? 1203 IJ3 AAA N2  1 ? 
HETATM 1119 C  C3  . IJ3 D 4 .   ? -15.352 -1.084  -6.847  1.000 50.273  ? 1203 IJ3 AAA C3  1 ? 
HETATM 1120 C  C1  . IJ3 D 4 .   ? -12.238 -1.410  -4.741  1.000 41.927  ? 1203 IJ3 AAA C1  1 ? 
HETATM 1121 C  C2  . IJ3 D 4 .   ? -13.107 -1.484  -5.968  1.000 39.277  ? 1203 IJ3 AAA C2  1 ? 
HETATM 1122 O  O1  . IJ3 D 4 .   ? -12.674 -1.758  -7.104  1.000 31.354  ? 1203 IJ3 AAA O1  1 ? 
HETATM 1123 O  O2  . IJ3 D 4 .   ? -16.000 0.961   -7.938  1.000 59.936  ? 1203 IJ3 AAA O2  1 ? 
HETATM 1124 BR BR1 . IJ3 D 4 .   ? -18.646 1.030   -1.731  1.000 183.715 ? 1203 IJ3 AAA BR1 1 ? 
HETATM 1125 C  C1  . EDO E 5 .   ? 12.573  6.199   8.133   1.000 19.364  ? 1204 EDO AAA C1  1 ? 
HETATM 1126 O  O1  . EDO E 5 .   ? 12.430  7.055   9.221   1.000 20.164  ? 1204 EDO AAA O1  1 ? 
HETATM 1127 C  C2  . EDO E 5 .   ? 12.413  6.915   6.829   1.000 25.320  ? 1204 EDO AAA C2  1 ? 
HETATM 1128 O  O2  . EDO E 5 .   ? 13.604  7.695   6.552   1.000 24.698  ? 1204 EDO AAA O2  1 ? 
HETATM 1129 C  C1  . EDO F 5 .   ? 11.460  2.916   -2.290  1.000 41.189  ? 1205 EDO AAA C1  1 ? 
HETATM 1130 O  O1  . EDO F 5 .   ? 11.844  2.329   -3.511  1.000 49.786  ? 1205 EDO AAA O1  1 ? 
HETATM 1131 C  C2  . EDO F 5 .   ? 11.191  4.348   -2.489  1.000 45.955  ? 1205 EDO AAA C2  1 ? 
HETATM 1132 O  O2  . EDO F 5 .   ? 12.278  4.937   -3.160  1.000 51.339  ? 1205 EDO AAA O2  1 ? 
HETATM 1133 S  S   . SO4 G 2 .   ? 2.054   -13.183 1.584   0.500 103.835 ? 1206 SO4 AAA S   1 ? 
HETATM 1134 O  O1  . SO4 G 2 .   ? 2.911   -13.967 2.431   0.500 101.869 ? 1206 SO4 AAA O1  1 ? 
HETATM 1135 O  O2  . SO4 G 2 .   ? 1.435   -12.146 2.369   0.500 98.848  ? 1206 SO4 AAA O2  1 ? 
HETATM 1136 O  O3  . SO4 G 2 .   ? 2.832   -12.591 0.531   0.500 101.855 ? 1206 SO4 AAA O3  1 ? 
HETATM 1137 O  O4  . SO4 G 2 .   ? 1.044   -14.030 1.006   0.500 98.796  ? 1206 SO4 AAA O4  1 ? 
HETATM 1138 O  O   . HOH H 6 .   ? -0.500  -10.803 -3.172  1.000 48.032  ? 1301 HOH AAA O   1 ? 
HETATM 1139 O  O   . HOH H 6 .   ? 2.702   10.599  12.308  1.000 38.240  ? 1302 HOH AAA O   1 ? 
HETATM 1140 O  O   . HOH H 6 .   ? 5.909   -1.532  -7.112  1.000 45.053  ? 1303 HOH AAA O   1 ? 
HETATM 1141 O  O   . HOH H 6 .   ? 11.199  -5.630  16.691  1.000 52.766  ? 1304 HOH AAA O   1 ? 
HETATM 1142 O  O   . HOH H 6 .   ? 9.804   -7.114  2.265   1.000 31.173  ? 1305 HOH AAA O   1 ? 
HETATM 1143 O  O   . HOH H 6 .   ? -4.574  -5.985  -12.902 1.000 45.201  ? 1306 HOH AAA O   1 ? 
HETATM 1144 O  O   . HOH H 6 .   ? 6.601   1.859   20.816  1.000 32.013  ? 1307 HOH AAA O   1 ? 
HETATM 1145 O  O   . HOH H 6 .   ? 16.716  -6.041  -0.842  1.000 45.119  ? 1308 HOH AAA O   1 ? 
HETATM 1146 O  O   . HOH H 6 .   ? 0.039   9.438   10.212  1.000 35.399  ? 1309 HOH AAA O   1 ? 
HETATM 1147 O  O   . HOH H 6 .   ? -17.335 -4.352  -0.735  1.000 52.735  ? 1310 HOH AAA O   1 ? 
HETATM 1148 O  O   . HOH H 6 .   ? -14.390 -0.928  -20.780 1.000 48.093  ? 1311 HOH AAA O   1 ? 
HETATM 1149 O  O   . HOH H 6 .   ? 5.289   15.482  3.120   1.000 39.847  ? 1312 HOH AAA O   1 ? 
HETATM 1150 O  O   . HOH H 6 .   ? 12.326  -7.301  12.581  1.000 51.229  ? 1313 HOH AAA O   1 ? 
HETATM 1151 O  O   . HOH H 6 .   ? 23.561  -7.239  2.032   1.000 40.564  ? 1314 HOH AAA O   1 ? 
HETATM 1152 O  O   . HOH H 6 .   ? 12.800  0.792   18.073  0.500 38.318  ? 1315 HOH AAA O   1 ? 
HETATM 1153 O  O   . HOH H 6 .   ? -0.124  -10.728 0.981   1.000 42.533  ? 1316 HOH AAA O   1 ? 
HETATM 1154 O  O   . HOH H 6 .   ? -16.716 -1.927  -14.947 1.000 42.749  ? 1317 HOH AAA O   1 ? 
HETATM 1155 O  O   . HOH H 6 .   ? 22.798  -8.080  7.522   1.000 41.414  ? 1318 HOH AAA O   1 ? 
HETATM 1156 O  O   . HOH H 6 .   ? -10.086 -2.851  -6.989  1.000 25.049  ? 1319 HOH AAA O   1 ? 
HETATM 1157 O  O   . HOH H 6 .   ? 3.808   -11.145 2.431   1.000 61.465  ? 1320 HOH AAA O   1 ? 
HETATM 1158 O  O   . HOH H 6 .   ? -6.286  -15.439 -5.903  1.000 33.250  ? 1321 HOH AAA O   1 ? 
HETATM 1159 O  O   . HOH H 6 .   ? 24.831  -2.227  -2.264  1.000 40.165  ? 1322 HOH AAA O   1 ? 
HETATM 1160 O  O   . HOH H 6 .   ? -1.245  -1.527  13.841  1.000 40.588  ? 1323 HOH AAA O   1 ? 
HETATM 1161 O  O   . HOH H 6 .   ? -8.053  -4.986  -4.157  1.000 27.904  ? 1324 HOH AAA O   1 ? 
HETATM 1162 O  O   . HOH H 6 .   ? -2.250  -5.790  12.906  1.000 29.919  ? 1325 HOH AAA O   1 ? 
HETATM 1163 O  O   . HOH H 6 .   ? -8.669  -12.152 -13.732 1.000 47.655  ? 1326 HOH AAA O   1 ? 
HETATM 1164 O  O   . HOH H 6 .   ? 16.212  7.419   10.311  1.000 22.653  ? 1327 HOH AAA O   1 ? 
HETATM 1165 O  O   . HOH H 6 .   ? -10.028 5.419   7.817   1.000 41.752  ? 1328 HOH AAA O   1 ? 
HETATM 1166 O  O   . HOH H 6 .   ? -21.271 5.181   -13.374 1.000 41.230  ? 1329 HOH AAA O   1 ? 
HETATM 1167 O  O   . HOH H 6 .   ? -8.203  -6.663  0.144   1.000 31.011  ? 1330 HOH AAA O   1 ? 
HETATM 1168 O  O   . HOH H 6 .   ? -5.650  10.154  -10.188 1.000 37.773  ? 1331 HOH AAA O   1 ? 
HETATM 1169 O  O   . HOH H 6 .   ? 1.164   -8.785  -1.854  1.000 33.487  ? 1332 HOH AAA O   1 ? 
HETATM 1170 O  O   . HOH H 6 .   ? -8.704  -1.991  -2.694  1.000 27.743  ? 1333 HOH AAA O   1 ? 
HETATM 1171 O  O   . HOH H 6 .   ? -2.919  13.866  -2.284  1.000 33.023  ? 1334 HOH AAA O   1 ? 
HETATM 1172 O  O   . HOH H 6 .   ? -8.304  0.612   -16.752 1.000 35.267  ? 1335 HOH AAA O   1 ? 
HETATM 1173 O  O   . HOH H 6 .   ? -19.579 2.163   -18.810 1.000 47.882  ? 1336 HOH AAA O   1 ? 
HETATM 1174 O  O   . HOH H 6 .   ? -2.035  -9.749  -8.942  1.000 39.725  ? 1337 HOH AAA O   1 ? 
HETATM 1175 O  O   . HOH H 6 .   ? 12.143  16.410  1.623   1.000 45.676  ? 1338 HOH AAA O   1 ? 
HETATM 1176 O  O   . HOH H 6 .   ? -3.809  -10.480 -2.002  1.000 33.963  ? 1339 HOH AAA O   1 ? 
HETATM 1177 O  O   . HOH H 6 .   ? -15.384 8.996   0.499   1.000 48.797  ? 1340 HOH AAA O   1 ? 
HETATM 1178 O  O   . HOH H 6 .   ? 22.164  5.092   -0.595  1.000 39.154  ? 1341 HOH AAA O   1 ? 
HETATM 1179 O  O   . HOH H 6 .   ? -6.243  -7.739  7.665   1.000 39.204  ? 1342 HOH AAA O   1 ? 
HETATM 1180 O  O   . HOH H 6 .   ? 10.277  8.630   9.725   1.000 17.923  ? 1343 HOH AAA O   1 ? 
HETATM 1181 O  O   . HOH H 6 .   ? 14.393  1.589   -4.083  1.000 49.495  ? 1344 HOH AAA O   1 ? 
HETATM 1182 O  O   . HOH H 6 .   ? 5.077   -6.577  -1.491  1.000 41.418  ? 1345 HOH AAA O   1 ? 
HETATM 1183 O  O   . HOH H 6 .   ? -16.478 10.139  -12.495 1.000 23.343  ? 1346 HOH AAA O   1 ? 
HETATM 1184 O  O   . HOH H 6 .   ? 2.322   -4.433  -7.599  1.000 23.749  ? 1347 HOH AAA O   1 ? 
HETATM 1185 O  O   . HOH H 6 .   ? -15.445 -1.408  -3.244  1.000 50.701  ? 1348 HOH AAA O   1 ? 
HETATM 1186 O  O   . HOH H 6 .   ? -21.042 6.502   -19.505 1.000 27.246  ? 1349 HOH AAA O   1 ? 
HETATM 1187 O  O   . HOH H 6 .   ? -8.828  -13.554 -5.302  1.000 36.713  ? 1350 HOH AAA O   1 ? 
HETATM 1188 O  O   . HOH H 6 .   ? -10.731 7.281   4.163   1.000 26.923  ? 1351 HOH AAA O   1 ? 
HETATM 1189 O  O   . HOH H 6 .   ? -4.473  12.540  5.272   1.000 32.108  ? 1352 HOH AAA O   1 ? 
HETATM 1190 O  O   . HOH H 6 .   ? -3.542  -5.741  -10.427 1.000 23.723  ? 1353 HOH AAA O   1 ? 
HETATM 1191 O  O   . HOH H 6 .   ? 24.376  -4.669  12.931  1.000 49.895  ? 1354 HOH AAA O   1 ? 
HETATM 1192 O  O   . HOH H 6 .   ? -9.815  -4.865  -17.334 1.000 40.494  ? 1355 HOH AAA O   1 ? 
HETATM 1193 O  O   . HOH H 6 .   ? -8.271  -1.484  -5.514  1.000 25.964  ? 1356 HOH AAA O   1 ? 
HETATM 1194 O  O   . HOH H 6 .   ? -16.750 5.243   -7.910  1.000 35.420  ? 1357 HOH AAA O   1 ? 
HETATM 1195 O  O   . HOH H 6 .   ? 11.982  -9.835  2.406   1.000 55.668  ? 1358 HOH AAA O   1 ? 
HETATM 1196 O  O   . HOH H 6 .   ? 3.551   4.929   13.020  1.000 15.376  ? 1359 HOH AAA O   1 ? 
HETATM 1197 O  O   . HOH H 6 .   ? 3.719   10.905  -6.877  1.000 26.203  ? 1360 HOH AAA O   1 ? 
HETATM 1198 O  O   . HOH H 6 .   ? 18.673  -9.982  14.726  1.000 53.244  ? 1361 HOH AAA O   1 ? 
HETATM 1199 O  O   . HOH H 6 .   ? -13.335 6.533   -1.465  1.000 30.241  ? 1362 HOH AAA O   1 ? 
HETATM 1200 O  O   . HOH H 6 .   ? -2.725  8.917   -11.138 1.000 49.684  ? 1363 HOH AAA O   1 ? 
HETATM 1201 O  O   . HOH H 6 .   ? 12.965  -4.731  -1.753  1.000 35.436  ? 1364 HOH AAA O   1 ? 
HETATM 1202 O  O   . HOH H 6 .   ? -8.986  14.658  0.666   1.000 46.651  ? 1365 HOH AAA O   1 ? 
HETATM 1203 O  O   . HOH H 6 .   ? -4.207  -3.002  -13.994 1.000 40.233  ? 1366 HOH AAA O   1 ? 
HETATM 1204 O  O   . HOH H 6 .   ? -3.905  14.265  -5.285  1.000 48.080  ? 1367 HOH AAA O   1 ? 
HETATM 1205 O  O   . HOH H 6 .   ? 12.290  -5.471  14.117  1.000 30.518  ? 1368 HOH AAA O   1 ? 
HETATM 1206 O  O   . HOH H 6 .   ? 17.576  4.072   -1.658  1.000 38.358  ? 1369 HOH AAA O   1 ? 
HETATM 1207 O  O   . HOH H 6 .   ? 10.471  10.764  7.889   1.000 23.096  ? 1370 HOH AAA O   1 ? 
HETATM 1208 O  O   . HOH H 6 .   ? 16.980  11.524  7.526   1.000 32.653  ? 1371 HOH AAA O   1 ? 
HETATM 1209 O  O   . HOH H 6 .   ? 0.619   -3.639  -9.539  1.000 29.061  ? 1372 HOH AAA O   1 ? 
HETATM 1210 O  O   . HOH H 6 .   ? 25.383  -3.165  4.229   1.000 25.727  ? 1373 HOH AAA O   1 ? 
HETATM 1211 O  O   . HOH H 6 .   ? -7.722  13.562  -6.137  1.000 30.348  ? 1374 HOH AAA O   1 ? 
HETATM 1212 O  O   . HOH H 6 .   ? -9.562  1.737   -18.719 1.000 42.311  ? 1375 HOH AAA O   1 ? 
HETATM 1213 O  O   . HOH H 6 .   ? -15.880 -3.954  -17.972 1.000 40.743  ? 1376 HOH AAA O   1 ? 
HETATM 1214 O  O   . HOH H 6 .   ? 7.937   -1.208  -5.546  1.000 35.263  ? 1377 HOH AAA O   1 ? 
HETATM 1215 O  O   . HOH H 6 .   ? 13.355  12.436  1.230   1.000 47.048  ? 1378 HOH AAA O   1 ? 
HETATM 1216 O  O   . HOH H 6 .   ? -4.656  -8.846  -8.476  1.000 25.236  ? 1379 HOH AAA O   1 ? 
HETATM 1217 O  O   . HOH H 6 .   ? 5.988   8.292   8.080   1.000 27.691  ? 1380 HOH AAA O   1 ? 
HETATM 1218 O  O   . HOH H 6 .   ? -3.317  11.712  -8.857  1.000 54.445  ? 1381 HOH AAA O   1 ? 
HETATM 1219 O  O   . HOH H 6 .   ? -12.779 3.371   -20.481 1.000 42.322  ? 1382 HOH AAA O   1 ? 
HETATM 1220 O  O   . HOH H 6 .   ? 18.755  2.293   11.390  1.000 30.663  ? 1383 HOH AAA O   1 ? 
HETATM 1221 O  O   . HOH H 6 .   ? 19.955  10.653  1.875   1.000 53.975  ? 1384 HOH AAA O   1 ? 
HETATM 1222 O  O   . HOH H 6 .   ? -5.681  -3.962  9.838   1.000 32.998  ? 1385 HOH AAA O   1 ? 
HETATM 1223 O  O   . HOH H 6 .   ? 21.254  10.480  4.304   1.000 48.531  ? 1386 HOH AAA O   1 ? 
HETATM 1224 O  O   . HOH H 6 .   ? 13.767  8.867   12.752  1.000 17.908  ? 1387 HOH AAA O   1 ? 
HETATM 1225 O  O   . HOH H 6 .   ? -12.375 5.805   -19.786 1.000 38.243  ? 1388 HOH AAA O   1 ? 
HETATM 1226 O  O   . HOH H 6 .   ? 17.318  11.041  0.919   1.000 34.781  ? 1389 HOH AAA O   1 ? 
HETATM 1227 O  O   . HOH H 6 .   ? -10.928 -1.995  -1.290  1.000 37.056  ? 1390 HOH AAA O   1 ? 
HETATM 1228 O  O   . HOH H 6 .   ? -14.840 5.284   -5.705  1.000 38.511  ? 1391 HOH AAA O   1 ? 
HETATM 1229 O  O   . HOH H 6 .   ? -10.038 13.951  4.041   1.000 37.843  ? 1392 HOH AAA O   1 ? 
HETATM 1230 O  O   . HOH H 6 .   ? 8.785   8.102   -4.346  1.000 32.842  ? 1393 HOH AAA O   1 ? 
HETATM 1231 O  O   . HOH H 6 .   ? 15.227  9.209   8.428   1.000 34.547  ? 1394 HOH AAA O   1 ? 
HETATM 1232 O  O   . HOH H 6 .   ? -17.473 9.435   -17.266 1.000 25.228  ? 1395 HOH AAA O   1 ? 
HETATM 1233 O  O   . HOH H 6 .   ? 6.567   -4.979  7.904   1.000 19.208  ? 1396 HOH AAA O   1 ? 
HETATM 1234 O  O   . HOH H 6 .   ? -17.859 6.852   -3.641  1.000 55.118  ? 1397 HOH AAA O   1 ? 
HETATM 1235 O  O   . HOH H 6 .   ? 17.677  -1.680  20.713  1.000 57.346  ? 1398 HOH AAA O   1 ? 
HETATM 1236 O  O   . HOH H 6 .   ? 7.464   -11.073 3.523   1.000 52.307  ? 1399 HOH AAA O   1 ? 
HETATM 1237 O  O   . HOH H 6 .   ? 17.475  1.688   -2.068  1.000 50.316  ? 1400 HOH AAA O   1 ? 
HETATM 1238 O  O   . HOH H 6 .   ? -1.231  -8.126  11.751  1.000 24.543  ? 1401 HOH AAA O   1 ? 
HETATM 1239 O  O   . HOH H 6 .   ? 19.114  1.907   16.554  1.000 53.999  ? 1402 HOH AAA O   1 ? 
HETATM 1240 O  O   . HOH H 6 .   ? 9.440   -5.625  9.521   1.000 24.881  ? 1403 HOH AAA O   1 ? 
HETATM 1241 O  O   . HOH H 6 .   ? 0.007   0.552   -10.107 1.000 33.784  ? 1404 HOH AAA O   1 ? 
HETATM 1242 O  O   . HOH H 6 .   ? -5.802  -9.957  -10.800 1.000 29.904  ? 1405 HOH AAA O   1 ? 
HETATM 1243 O  O   . HOH H 6 .   ? -8.039  -6.749  6.345   1.000 44.728  ? 1406 HOH AAA O   1 ? 
HETATM 1244 O  O   . HOH H 6 .   ? 4.745   -10.120 13.934  1.000 49.218  ? 1407 HOH AAA O   1 ? 
HETATM 1245 O  O   . HOH H 6 .   ? 21.261  -1.533  11.087  1.000 31.651  ? 1408 HOH AAA O   1 ? 
HETATM 1246 O  O   . HOH H 6 .   ? -12.623 8.665   5.616   1.000 46.160  ? 1409 HOH AAA O   1 ? 
HETATM 1247 O  O   . HOH H 6 .   ? -7.746  1.182   6.743   1.000 34.778  ? 1410 HOH AAA O   1 ? 
HETATM 1248 O  O   . HOH H 6 .   ? 14.808  5.592   -1.651  1.000 43.769  ? 1411 HOH AAA O   1 ? 
HETATM 1249 O  O   . HOH H 6 .   ? -3.533  11.509  2.079   1.000 32.418  ? 1412 HOH AAA O   1 ? 
HETATM 1250 O  O   . HOH H 6 .   ? 8.267   0.972   -6.251  1.000 42.107  ? 1413 HOH AAA O   1 ? 
HETATM 1251 O  O   . HOH H 6 .   ? 20.094  0.800   13.573  1.000 41.538  ? 1414 HOH AAA O   1 ? 
HETATM 1252 O  O   . HOH H 6 .   ? 2.885   -6.832  15.664  1.000 36.767  ? 1415 HOH AAA O   1 ? 
HETATM 1253 O  O   . HOH H 6 .   ? -5.281  -14.027 -2.910  1.000 51.407  ? 1416 HOH AAA O   1 ? 
HETATM 1254 O  O   . HOH H 6 .   ? 7.056   14.701  -3.255  1.000 37.708  ? 1417 HOH AAA O   1 ? 
HETATM 1255 O  O   . HOH H 6 .   ? 24.667  -8.622  10.442  1.000 55.735  ? 1418 HOH AAA O   1 ? 
HETATM 1256 O  O   . HOH H 6 .   ? -7.407  -18.513 -10.577 1.000 41.357  ? 1419 HOH AAA O   1 ? 
HETATM 1257 O  O   . HOH H 6 .   ? 4.998   -5.256  14.693  1.000 37.049  ? 1420 HOH AAA O   1 ? 
HETATM 1258 O  O   . HOH H 6 .   ? 4.739   -13.246 9.135   1.000 57.765  ? 1421 HOH AAA O   1 ? 
HETATM 1259 O  O   . HOH H 6 .   ? -0.951  -14.248 -1.379  1.000 43.466  ? 1422 HOH AAA O   1 ? 
HETATM 1260 O  O   . HOH H 6 .   ? -16.436 1.678   -21.638 1.000 29.162  ? 1423 HOH AAA O   1 ? 
HETATM 1261 O  O   . HOH H 6 .   ? 3.663   8.787   -8.760  1.000 47.243  ? 1424 HOH AAA O   1 ? 
HETATM 1262 O  O   . HOH H 6 .   ? -16.942 -3.440  -12.593 1.000 52.001  ? 1425 HOH AAA O   1 ? 
HETATM 1263 O  O   . HOH H 6 .   ? 4.957   -8.230  0.594   1.000 45.901  ? 1426 HOH AAA O   1 ? 
HETATM 1264 O  O   . HOH H 6 .   ? -2.390  12.495  -5.769  1.000 43.828  ? 1427 HOH AAA O   1 ? 
HETATM 1265 O  O   . HOH H 6 .   ? -0.061  7.760   12.296  1.000 46.757  ? 1428 HOH AAA O   1 ? 
HETATM 1266 O  O   . HOH H 6 .   ? -4.550  -4.897  11.728  1.000 48.174  ? 1429 HOH AAA O   1 ? 
HETATM 1267 O  O   . HOH H 6 .   ? -10.032 -5.851  -1.650  1.000 35.281  ? 1430 HOH AAA O   1 ? 
HETATM 1268 O  O   . HOH H 6 .   ? -5.451  1.164   7.385   1.000 38.899  ? 1431 HOH AAA O   1 ? 
HETATM 1269 O  O   . HOH H 6 .   ? 23.241  -7.512  18.490  1.000 59.839  ? 1432 HOH AAA O   1 ? 
HETATM 1270 O  O   . HOH H 6 .   ? 4.605   -3.206  -8.623  1.000 35.079  ? 1433 HOH AAA O   1 ? 
HETATM 1271 O  O   . HOH H 6 .   ? -13.901 -6.407  -14.705 1.000 48.931  ? 1434 HOH AAA O   1 ? 
HETATM 1272 O  O   . HOH H 6 .   ? 22.577  -11.652 13.356  1.000 59.016  ? 1435 HOH AAA O   1 ? 
HETATM 1273 O  O   . HOH H 6 .   ? -15.697 11.571  -0.777  1.000 59.127  ? 1436 HOH AAA O   1 ? 
HETATM 1274 O  O   . HOH H 6 .   ? -11.384 -8.484  -1.575  1.000 43.149  ? 1437 HOH AAA O   1 ? 
HETATM 1275 O  O   . HOH H 6 .   ? 0.783   5.555   12.548  1.000 27.804  ? 1438 HOH AAA O   1 ? 
HETATM 1276 O  O   . HOH H 6 .   ? 25.741  7.155   1.414   1.000 56.538  ? 1439 HOH AAA O   1 ? 
HETATM 1277 O  O   . HOH H 6 .   ? -16.012 7.317   -0.759  1.000 51.697  ? 1440 HOH AAA O   1 ? 
HETATM 1278 O  O   . HOH H 6 .   ? -15.370 1.248   3.123   1.000 48.780  ? 1441 HOH AAA O   1 ? 
HETATM 1279 O  O   . HOH H 6 .   ? 0.274   13.294  -5.188  1.000 41.225  ? 1442 HOH AAA O   1 ? 
HETATM 1280 O  O   . HOH H 6 .   ? 11.292  -7.681  10.271  1.000 34.822  ? 1443 HOH AAA O   1 ? 
HETATM 1281 O  O   . HOH H 6 .   ? -22.712 8.223   -18.576 1.000 53.394  ? 1444 HOH AAA O   1 ? 
HETATM 1282 O  O   . HOH H 6 .   ? 6.272   11.517  -6.292  1.000 32.019  ? 1445 HOH AAA O   1 ? 
HETATM 1283 O  O   . HOH H 6 .   ? -22.947 4.110   -15.159 1.000 50.574  ? 1446 HOH AAA O   1 ? 
HETATM 1284 O  O   . HOH H 6 .   ? 6.518   -11.351 13.119  1.000 59.202  ? 1447 HOH AAA O   1 ? 
HETATM 1285 O  O   . HOH H 6 .   ? 0.389   -9.023  13.913  1.000 31.322  ? 1448 HOH AAA O   1 ? 
HETATM 1286 O  O   . HOH H 6 .   ? -6.717  16.940  -2.879  1.000 54.928  ? 1449 HOH AAA O   1 ? 
HETATM 1287 O  O   . HOH H 6 .   ? -8.268  6.704   -18.081 1.000 63.125  ? 1450 HOH AAA O   1 ? 
HETATM 1288 O  O   . HOH H 6 .   ? 26.802  -2.661  18.987  1.000 66.059  ? 1451 HOH AAA O   1 ? 
HETATM 1289 O  O   . HOH H 6 .   ? -21.150 4.150   -19.232 1.000 83.926  ? 1452 HOH AAA O   1 ? 
HETATM 1290 O  O   . HOH H 6 .   ? 2.434   -7.368  -7.062  1.000 53.046  ? 1453 HOH AAA O   1 ? 
HETATM 1291 O  O   . HOH H 6 .   ? -5.734  13.798  -7.668  1.000 38.615  ? 1454 HOH AAA O   1 ? 
HETATM 1292 O  O   . HOH H 6 .   ? 23.387  -6.382  -0.258  1.000 43.716  ? 1455 HOH AAA O   1 ? 
HETATM 1293 O  O   . HOH H 6 .   ? -1.523  -12.066 -10.278 1.000 44.962  ? 1456 HOH AAA O   1 ? 
HETATM 1294 O  O   . HOH H 6 .   ? 16.601  -9.991  -1.257  1.000 64.336  ? 1457 HOH AAA O   1 ? 
HETATM 1295 O  O   . HOH H 6 .   ? -16.884 5.186   1.155   1.000 76.331  ? 1458 HOH AAA O   1 ? 
HETATM 1296 O  O   . HOH H 6 .   ? -1.274  0.981   -12.185 1.000 55.608  ? 1459 HOH AAA O   1 ? 
HETATM 1297 O  O   . HOH H 6 .   ? 8.211   9.452   -6.714  1.000 38.850  ? 1460 HOH AAA O   1 ? 
HETATM 1298 O  O   . HOH H 6 .   ? -4.676  -12.859 -1.842  1.000 65.059  ? 1461 HOH AAA O   1 ? 
HETATM 1299 O  O   . HOH H 6 .   ? 2.479   13.245  -7.397  1.000 45.936  ? 1462 HOH AAA O   1 ? 
HETATM 1300 O  O   . HOH H 6 .   ? 7.547   8.082   10.474  1.000 18.520  ? 1463 HOH AAA O   1 ? 
HETATM 1301 O  O   . HOH H 6 .   ? 9.558   15.984  -3.002  1.000 51.034  ? 1464 HOH AAA O   1 ? 
HETATM 1302 O  O   . HOH H 6 .   ? 1.615   -2.094  -11.111 1.000 50.170  ? 1465 HOH AAA O   1 ? 
HETATM 1303 O  O   . HOH H 6 .   ? -1.969  -10.147 6.373   1.000 47.068  ? 1466 HOH AAA O   1 ? 
HETATM 1304 O  O   . HOH H 6 .   ? -9.413  2.795   8.060   1.000 51.954  ? 1467 HOH AAA O   1 ? 
HETATM 1305 O  O   . HOH H 6 .   ? -6.283  -1.261  9.799   1.000 52.084  ? 1468 HOH AAA O   1 ? 
HETATM 1306 O  O   . HOH H 6 .   ? -2.039  14.708  0.400   1.000 46.539  ? 1469 HOH AAA O   1 ? 
HETATM 1307 O  O   . HOH H 6 .   ? -6.425  -10.369 8.499   1.000 42.076  ? 1470 HOH AAA O   1 ? 
HETATM 1308 O  O   . HOH H 6 .   ? -1.455  -7.681  -10.635 1.000 38.934  ? 1471 HOH AAA O   1 ? 
HETATM 1309 O  O   . HOH H 6 .   ? 0.828   14.568  -3.473  1.000 56.948  ? 1472 HOH AAA O   1 ? 
HETATM 1310 O  O   . HOH H 6 .   ? 18.795  12.789  9.143   1.000 50.474  ? 1473 HOH AAA O   1 ? 
HETATM 1311 O  O   . HOH H 6 .   ? -16.122 10.650  -15.243 1.000 25.358  ? 1474 HOH AAA O   1 ? 
HETATM 1312 O  O   . HOH H 6 .   ? -1.789  -1.136  -13.846 1.000 50.405  ? 1475 HOH AAA O   1 ? 
HETATM 1313 O  O   . HOH H 6 .   ? -1.494  1.262   12.054  1.000 47.738  ? 1476 HOH AAA O   1 ? 
HETATM 1314 O  O   . HOH H 6 .   ? -10.881 8.009   9.744   1.000 56.282  ? 1477 HOH AAA O   1 ? 
HETATM 1315 O  O   . HOH H 6 .   ? 1.430   -11.271 14.740  1.000 42.207  ? 1478 HOH AAA O   1 ? 
HETATM 1316 O  O   . HOH H 6 .   ? 6.277   14.113  -5.717  1.000 38.998  ? 1479 HOH AAA O   1 ? 
HETATM 1317 O  O   . HOH H 6 .   ? -1.546  13.187  2.287   1.000 39.266  ? 1480 HOH AAA O   1 ? 
HETATM 1318 O  O   . HOH H 6 .   ? 3.811   15.147  -6.276  1.000 45.235  ? 1481 HOH AAA O   1 ? 
HETATM 1319 O  O   . HOH H 6 .   ? -9.838  -12.682 -1.304  1.000 53.058  ? 1482 HOH AAA O   1 ? 
HETATM 1320 O  O   . HOH H 6 .   ? 3.330   16.379  -4.120  1.000 56.187  ? 1483 HOH AAA O   1 ? 
# 
